data_6TVB
#
_entry.id   6TVB
#
_cell.length_a   64.460
_cell.length_b   213.110
_cell.length_c   76.580
_cell.angle_alpha   90.000
_cell.angle_beta   98.280
_cell.angle_gamma   90.000
#
_symmetry.space_group_name_H-M   'P 1 21 1'
#
loop_
_entity.id
_entity.type
_entity.pdbx_description
1 polymer 'Hemagglutinin HA1'
2 polymer 'Hemagglutinin HA2'
3 branched 'N-acetyl-alpha-neuraminic acid-(2-6)-beta-D-galactopyranose-(1-4)-2-acetamido-2-deoxy-beta-D-glucopyranose'
4 non-polymer 1,2-ETHANEDIOL
5 non-polymer 2-acetamido-2-deoxy-beta-D-glucopyranose
6 water water
#
loop_
_entity_poly.entity_id
_entity_poly.type
_entity_poly.pdbx_seq_one_letter_code
_entity_poly.pdbx_strand_id
1 'polypeptide(L)'
;DPDKICLGHHAVANGTIVKTLTNEQEEVTNATETVESTSLNRLCMKGRNHKDLGNCHPIGMLIGTPACDLHLTGTWDTLI
ERKNAIAYCYPGATVNEKALRQKIMESGGISKINTGFTYGSSINSAGTTKACMRNGGNSFYAELKWLVSKNKGQNFPQTT
NTYRNADTAEHLIMWGIHHPSSTQEKNDLYGTQSLSISVGSSTYKNSFVPVVGARPQVNGLSGRIDFHWTLVQPGDKIIF
SHNGGLIAPSRVSKLIGRGLGIQSEAPIDNSCESKCFWRGGSINTRLPFQNLSPRTVGQCPKYVNKKSLMLATGMRNVPE
LVQGR
;
A,C,E
2 'polypeptide(L)'
;GLFGAIAGFIENGWEGMVDGWYGFRHQNAQGTGQAADYKSTQAAIDQITGKLNRIIKKTNTEFESIESEFSEIDHQIGNV
INWTKDSITDIWTYQAELLVAMENQHTIDMADSEMLNLYERVRKQLRQNAEEDGKGCFEIYHACDDSCMESIRNNTYNHS
QYREEALLNRLNINPVK
;
B,D,F
#
# COMPACT_ATOMS: atom_id res chain seq x y z
N ASP A 1 -11.48 -48.92 43.31
CA ASP A 1 -11.69 -48.84 44.80
C ASP A 1 -11.80 -47.39 45.33
N PRO A 2 -10.77 -46.54 45.08
CA PRO A 2 -10.84 -45.20 45.67
C PRO A 2 -11.85 -44.30 44.95
N ASP A 3 -12.37 -43.32 45.67
CA ASP A 3 -13.18 -42.25 45.07
C ASP A 3 -12.33 -41.47 44.09
N LYS A 4 -12.98 -40.85 43.10
CA LYS A 4 -12.29 -40.22 42.00
C LYS A 4 -12.90 -38.87 41.63
N ILE A 5 -12.05 -37.92 41.27
CA ILE A 5 -12.48 -36.66 40.66
C ILE A 5 -11.71 -36.47 39.37
N CYS A 6 -12.44 -36.15 38.30
CA CYS A 6 -11.90 -36.05 36.96
C CYS A 6 -12.11 -34.65 36.42
N LEU A 7 -11.05 -34.09 35.85
CA LEU A 7 -11.12 -32.78 35.22
C LEU A 7 -11.34 -32.95 33.73
N GLY A 8 -12.13 -32.06 33.15
CA GLY A 8 -12.45 -32.15 31.73
C GLY A 8 -12.97 -30.87 31.15
N HIS A 9 -13.29 -30.95 29.85
CA HIS A 9 -13.76 -29.81 29.09
C HIS A 9 -14.90 -30.27 28.19
N HIS A 10 -15.65 -29.31 27.67
CA HIS A 10 -16.79 -29.63 26.82
C HIS A 10 -16.37 -30.01 25.39
N ALA A 11 -17.31 -30.60 24.67
CA ALA A 11 -17.18 -30.84 23.23
C ALA A 11 -18.55 -30.68 22.61
N VAL A 12 -18.59 -30.60 21.28
CA VAL A 12 -19.84 -30.55 20.52
C VAL A 12 -19.85 -31.66 19.47
N ALA A 13 -21.05 -32.06 19.07
CA ALA A 13 -21.23 -33.09 18.04
C ALA A 13 -20.73 -32.59 16.68
N ASN A 14 -21.10 -31.36 16.34
CA ASN A 14 -20.73 -30.74 15.06
C ASN A 14 -19.77 -29.56 15.27
N GLY A 15 -18.48 -29.84 15.18
CA GLY A 15 -17.44 -28.80 15.26
C GLY A 15 -17.32 -28.02 13.97
N THR A 16 -16.47 -26.98 13.99
CA THR A 16 -16.20 -26.13 12.83
C THR A 16 -14.71 -26.17 12.50
N ILE A 17 -14.38 -26.22 11.21
CA ILE A 17 -12.99 -26.25 10.75
C ILE A 17 -12.45 -24.83 10.63
N VAL A 18 -11.27 -24.60 11.20
CA VAL A 18 -10.54 -23.34 11.06
C VAL A 18 -9.08 -23.60 10.69
N LYS A 19 -8.38 -22.55 10.27
CA LYS A 19 -6.96 -22.61 9.96
C LYS A 19 -6.15 -21.96 11.08
N THR A 20 -5.06 -22.60 11.47
CA THR A 20 -4.13 -22.06 12.47
C THR A 20 -2.78 -21.84 11.81
N LEU A 21 -1.77 -21.46 12.60
CA LEU A 21 -0.40 -21.32 12.10
C LEU A 21 0.21 -22.66 11.65
N THR A 22 -0.22 -23.76 12.28
CA THR A 22 0.36 -25.08 12.05
C THR A 22 -0.57 -26.12 11.41
N ASN A 23 -1.86 -25.80 11.25
CA ASN A 23 -2.86 -26.77 10.81
C ASN A 23 -3.91 -26.09 9.91
N GLU A 24 -4.03 -26.58 8.68
CA GLU A 24 -5.02 -26.07 7.72
C GLU A 24 -6.45 -26.55 7.99
N GLN A 25 -6.60 -27.63 8.76
CA GLN A 25 -7.93 -28.18 9.09
C GLN A 25 -8.01 -28.57 10.56
N GLU A 26 -8.09 -27.54 11.41
CA GLU A 26 -8.21 -27.70 12.85
C GLU A 26 -9.69 -27.59 13.23
N GLU A 27 -10.23 -28.61 13.90
CA GLU A 27 -11.62 -28.62 14.32
C GLU A 27 -11.78 -27.95 15.69
N VAL A 28 -12.62 -26.92 15.76
CA VAL A 28 -12.92 -26.23 17.02
C VAL A 28 -14.41 -26.33 17.33
N THR A 29 -14.79 -25.96 18.57
CA THR A 29 -16.19 -26.08 19.02
C THR A 29 -17.10 -25.06 18.33
N ASN A 30 -16.55 -23.90 17.97
CA ASN A 30 -17.31 -22.85 17.33
C ASN A 30 -16.36 -21.86 16.63
N ALA A 31 -16.89 -21.17 15.63
CA ALA A 31 -16.14 -20.13 14.94
C ALA A 31 -17.09 -19.15 14.26
N THR A 32 -16.58 -17.98 13.90
CA THR A 32 -17.38 -16.94 13.27
C THR A 32 -16.66 -16.36 12.05
N GLU A 33 -17.44 -15.92 11.07
CA GLU A 33 -16.92 -15.42 9.81
C GLU A 33 -16.33 -14.01 9.98
N THR A 34 -15.21 -13.74 9.31
CA THR A 34 -14.60 -12.40 9.28
C THR A 34 -14.70 -11.70 7.92
N VAL A 35 -15.04 -12.43 6.85
CA VAL A 35 -15.20 -11.89 5.49
C VAL A 35 -16.68 -11.86 5.10
N GLU A 36 -17.22 -10.67 4.86
CA GLU A 36 -18.60 -10.52 4.40
C GLU A 36 -18.72 -10.92 2.93
N SER A 37 -19.64 -11.84 2.65
CA SER A 37 -19.92 -12.32 1.28
C SER A 37 -21.24 -11.84 0.69
N THR A 38 -22.11 -11.25 1.50
CA THR A 38 -23.44 -10.83 1.06
C THR A 38 -23.57 -9.31 1.04
N SER A 39 -24.37 -8.81 0.09
CA SER A 39 -24.66 -7.39 -0.04
C SER A 39 -26.14 -7.18 -0.23
N LEU A 40 -26.64 -6.04 0.22
CA LEU A 40 -28.02 -5.64 -0.02
C LEU A 40 -28.07 -5.01 -1.41
N ASN A 41 -29.02 -5.45 -2.24
CA ASN A 41 -29.15 -4.95 -3.63
C ASN A 41 -29.96 -3.65 -3.69
N ARG A 42 -29.59 -2.69 -2.83
CA ARG A 42 -30.26 -1.40 -2.67
C ARG A 42 -29.23 -0.37 -2.23
N LEU A 43 -29.50 0.90 -2.51
CA LEU A 43 -28.72 2.00 -1.96
C LEU A 43 -29.41 2.49 -0.69
N CYS A 44 -28.84 2.16 0.45
CA CYS A 44 -29.42 2.47 1.76
C CYS A 44 -29.18 3.93 2.11
N MET A 45 -30.22 4.76 1.96
CA MET A 45 -30.11 6.23 2.04
C MET A 45 -30.75 6.87 3.28
N LYS A 46 -31.08 6.08 4.31
CA LYS A 46 -31.63 6.65 5.55
C LYS A 46 -30.60 7.55 6.23
N GLY A 47 -31.04 8.73 6.65
CA GLY A 47 -30.16 9.73 7.26
C GLY A 47 -29.28 10.50 6.29
N ARG A 48 -29.64 10.49 5.00
CA ARG A 48 -28.88 11.19 3.95
C ARG A 48 -29.79 12.05 3.11
N ASN A 49 -29.44 13.33 2.96
CA ASN A 49 -30.03 14.20 1.96
C ASN A 49 -29.34 13.88 0.64
N HIS A 50 -29.97 13.00 -0.16
CA HIS A 50 -29.36 12.45 -1.36
C HIS A 50 -30.05 12.95 -2.64
N LYS A 51 -29.31 12.93 -3.75
CA LYS A 51 -29.84 13.22 -5.08
C LYS A 51 -29.54 12.05 -6.02
N ASP A 52 -30.58 11.38 -6.48
CA ASP A 52 -30.47 10.38 -7.54
C ASP A 52 -30.61 11.10 -8.88
N LEU A 53 -29.53 11.12 -9.66
CA LEU A 53 -29.52 11.83 -10.94
C LEU A 53 -30.31 11.12 -12.05
N GLY A 54 -30.52 9.81 -11.92
CA GLY A 54 -31.24 9.03 -12.93
C GLY A 54 -30.56 9.10 -14.28
N ASN A 55 -31.29 9.63 -15.27
CA ASN A 55 -30.80 9.76 -16.65
C ASN A 55 -29.84 10.96 -16.86
N CYS A 56 -29.67 11.80 -15.84
CA CYS A 56 -28.83 13.00 -15.91
C CYS A 56 -27.37 12.70 -15.56
N HIS A 57 -26.45 13.09 -16.44
CA HIS A 57 -25.02 13.00 -16.17
C HIS A 57 -24.57 14.25 -15.39
N PRO A 58 -23.64 14.10 -14.41
CA PRO A 58 -23.19 15.25 -13.60
C PRO A 58 -22.83 16.53 -14.36
N ILE A 59 -22.08 16.40 -15.46
CA ILE A 59 -21.74 17.54 -16.32
C ILE A 59 -22.99 18.21 -16.91
N GLY A 60 -24.00 17.42 -17.26
CA GLY A 60 -25.29 17.96 -17.72
C GLY A 60 -25.99 18.90 -16.75
N MET A 61 -25.70 18.75 -15.46
CA MET A 61 -26.21 19.66 -14.41
C MET A 61 -25.69 21.10 -14.60
N LEU A 62 -24.44 21.23 -15.04
CA LEU A 62 -23.82 22.55 -15.22
C LEU A 62 -24.21 23.25 -16.51
N ILE A 63 -24.38 22.48 -17.59
CA ILE A 63 -24.74 23.04 -18.90
C ILE A 63 -26.25 23.07 -19.16
N GLY A 64 -27.01 22.22 -18.48
CA GLY A 64 -28.47 22.23 -18.56
C GLY A 64 -29.03 21.41 -19.71
N THR A 65 -28.53 20.19 -19.86
CA THR A 65 -29.09 19.22 -20.80
C THR A 65 -30.54 18.92 -20.36
N PRO A 66 -31.48 18.73 -21.32
CA PRO A 66 -32.89 18.47 -20.95
C PRO A 66 -33.12 17.37 -19.89
N ALA A 67 -32.34 16.29 -19.95
CA ALA A 67 -32.38 15.23 -18.93
C ALA A 67 -32.08 15.73 -17.51
N CYS A 68 -31.36 16.85 -17.40
CA CYS A 68 -30.96 17.42 -16.12
C CYS A 68 -31.79 18.62 -15.64
N ASP A 69 -32.93 18.90 -16.28
CA ASP A 69 -33.74 20.09 -15.92
C ASP A 69 -34.13 20.19 -14.45
N LEU A 70 -34.36 19.05 -13.81
CA LEU A 70 -34.68 19.00 -12.37
C LEU A 70 -33.45 18.88 -11.46
N HIS A 71 -32.25 18.97 -12.04
CA HIS A 71 -30.98 18.85 -11.31
C HIS A 71 -30.01 20.01 -11.62
N LEU A 72 -30.56 21.18 -11.95
CA LEU A 72 -29.74 22.37 -12.26
C LEU A 72 -29.15 23.01 -11.00
N THR A 73 -29.88 22.92 -9.89
CA THR A 73 -29.42 23.39 -8.59
C THR A 73 -29.85 22.41 -7.51
N GLY A 74 -29.30 22.59 -6.32
CA GLY A 74 -29.68 21.78 -5.16
C GLY A 74 -28.56 21.64 -4.14
N THR A 75 -28.89 20.95 -3.06
CA THR A 75 -27.93 20.58 -2.02
C THR A 75 -28.11 19.11 -1.69
N TRP A 76 -27.02 18.47 -1.29
CA TRP A 76 -27.01 17.04 -0.99
C TRP A 76 -25.74 16.68 -0.21
N ASP A 77 -25.80 15.58 0.52
CA ASP A 77 -24.59 14.95 1.10
C ASP A 77 -24.14 13.71 0.32
N THR A 78 -25.00 13.22 -0.57
CA THR A 78 -24.73 12.03 -1.38
C THR A 78 -25.29 12.25 -2.78
N LEU A 79 -24.45 12.08 -3.80
CA LEU A 79 -24.87 12.24 -5.20
C LEU A 79 -24.72 10.89 -5.92
N ILE A 80 -25.80 10.44 -6.56
CA ILE A 80 -25.83 9.11 -7.19
C ILE A 80 -25.91 9.23 -8.71
N GLU A 81 -24.88 8.71 -9.40
CA GLU A 81 -24.80 8.68 -10.85
C GLU A 81 -25.17 7.29 -11.36
N ARG A 82 -25.90 7.24 -12.47
CA ARG A 82 -26.37 5.99 -13.07
C ARG A 82 -25.68 5.71 -14.41
N LYS A 83 -25.79 4.47 -14.87
CA LYS A 83 -25.20 4.03 -16.13
C LYS A 83 -25.92 4.65 -17.34
N ASN A 84 -25.14 4.95 -18.38
CA ASN A 84 -25.65 5.55 -19.63
C ASN A 84 -26.36 6.91 -19.43
N ALA A 85 -25.93 7.67 -18.42
CA ALA A 85 -26.48 9.00 -18.15
C ALA A 85 -26.07 9.98 -19.25
N ILE A 86 -26.96 10.91 -19.56
CA ILE A 86 -26.81 11.83 -20.69
C ILE A 86 -26.20 13.17 -20.23
N ALA A 87 -25.08 13.54 -20.85
CA ALA A 87 -24.46 14.86 -20.67
C ALA A 87 -24.70 15.77 -21.88
N TYR A 88 -24.50 15.23 -23.08
CA TYR A 88 -24.51 16.02 -24.32
C TYR A 88 -25.65 15.60 -25.23
N CYS A 89 -26.66 16.45 -25.34
CA CYS A 89 -27.75 16.23 -26.29
C CYS A 89 -27.25 16.47 -27.72
N TYR A 90 -26.56 17.59 -27.92
CA TYR A 90 -25.89 17.90 -29.19
C TYR A 90 -24.52 17.20 -29.21
N PRO A 91 -24.11 16.64 -30.37
CA PRO A 91 -22.82 15.92 -30.41
C PRO A 91 -21.63 16.77 -29.96
N GLY A 92 -20.74 16.16 -29.18
CA GLY A 92 -19.56 16.86 -28.67
C GLY A 92 -19.00 16.26 -27.41
N ALA A 93 -18.18 17.03 -26.72
CA ALA A 93 -17.48 16.58 -25.53
C ALA A 93 -16.94 17.76 -24.74
N THR A 94 -16.52 17.50 -23.51
CA THR A 94 -15.91 18.52 -22.65
C THR A 94 -14.42 18.24 -22.53
N VAL A 95 -13.61 19.29 -22.70
CA VAL A 95 -12.16 19.20 -22.48
C VAL A 95 -11.93 19.16 -20.98
N ASN A 96 -11.06 18.24 -20.54
CA ASN A 96 -10.77 18.02 -19.11
C ASN A 96 -12.05 17.56 -18.40
N GLU A 97 -12.76 16.61 -19.02
CA GLU A 97 -14.06 16.13 -18.54
C GLU A 97 -13.98 15.33 -17.24
N LYS A 98 -12.93 14.51 -17.11
CA LYS A 98 -12.78 13.64 -15.94
C LYS A 98 -12.61 14.43 -14.64
N ALA A 99 -11.79 15.46 -14.68
CA ALA A 99 -11.59 16.35 -13.53
C ALA A 99 -12.87 17.11 -13.15
N LEU A 100 -13.63 17.53 -14.16
CA LEU A 100 -14.88 18.26 -13.93
C LEU A 100 -15.94 17.36 -13.27
N ARG A 101 -16.10 16.15 -13.81
CA ARG A 101 -17.05 15.18 -13.26
C ARG A 101 -16.73 14.84 -11.79
N GLN A 102 -15.44 14.68 -11.50
CA GLN A 102 -15.01 14.35 -10.14
C GLN A 102 -15.26 15.50 -9.16
N LYS A 103 -15.03 16.74 -9.60
CA LYS A 103 -15.38 17.94 -8.80
C LYS A 103 -16.85 17.97 -8.42
N ILE A 104 -17.72 17.70 -9.40
CA ILE A 104 -19.17 17.70 -9.17
C ILE A 104 -19.57 16.57 -8.21
N MET A 105 -19.03 15.37 -8.44
CA MET A 105 -19.33 14.21 -7.59
C MET A 105 -18.74 14.27 -6.18
N GLU A 106 -17.75 15.14 -5.97
CA GLU A 106 -17.22 15.42 -4.62
C GLU A 106 -17.97 16.54 -3.89
N SER A 107 -18.83 17.28 -4.60
CA SER A 107 -19.52 18.43 -4.04
C SER A 107 -20.73 18.03 -3.20
N GLY A 108 -21.23 19.00 -2.43
CA GLY A 108 -22.47 18.85 -1.67
C GLY A 108 -23.59 19.76 -2.16
N GLY A 109 -23.56 20.13 -3.43
CA GLY A 109 -24.58 21.02 -4.00
C GLY A 109 -24.07 21.88 -5.14
N ILE A 110 -25.02 22.47 -5.86
CA ILE A 110 -24.73 23.41 -6.95
C ILE A 110 -25.67 24.61 -6.82
N SER A 111 -25.10 25.82 -6.89
CA SER A 111 -25.86 27.07 -7.03
C SER A 111 -25.55 27.65 -8.39
N LYS A 112 -26.52 28.36 -8.97
CA LYS A 112 -26.37 29.01 -10.27
C LYS A 112 -26.48 30.53 -10.12
N ILE A 113 -25.61 31.25 -10.83
CA ILE A 113 -25.56 32.73 -10.79
C ILE A 113 -25.60 33.24 -12.23
N ASN A 114 -26.46 34.24 -12.49
CA ASN A 114 -26.61 34.79 -13.83
C ASN A 114 -25.34 35.52 -14.27
N THR A 115 -24.97 35.32 -15.54
CA THR A 115 -23.84 36.05 -16.12
C THR A 115 -24.22 37.49 -16.46
N GLY A 116 -25.49 37.70 -16.78
CA GLY A 116 -25.99 39.00 -17.22
C GLY A 116 -25.61 39.37 -18.64
N PHE A 117 -25.22 38.37 -19.45
CA PHE A 117 -24.78 38.62 -20.82
C PHE A 117 -25.94 39.09 -21.69
N THR A 118 -25.72 40.18 -22.43
CA THR A 118 -26.69 40.71 -23.38
C THR A 118 -26.04 40.85 -24.75
N TYR A 119 -26.87 40.84 -25.80
CA TYR A 119 -26.38 40.83 -27.19
C TYR A 119 -27.14 41.84 -28.04
N GLY A 120 -26.43 42.48 -28.97
CA GLY A 120 -27.01 43.48 -29.86
C GLY A 120 -27.93 42.89 -30.92
N SER A 121 -28.55 43.80 -31.69
CA SER A 121 -29.61 43.44 -32.63
C SER A 121 -29.18 42.54 -33.81
N SER A 122 -27.89 42.56 -34.17
CA SER A 122 -27.37 41.71 -35.24
C SER A 122 -27.01 40.27 -34.78
N ILE A 123 -27.26 39.95 -33.50
CA ILE A 123 -27.12 38.58 -32.99
C ILE A 123 -28.50 38.00 -32.66
N ASN A 124 -28.72 36.76 -33.12
CA ASN A 124 -29.82 35.92 -32.66
C ASN A 124 -29.23 34.98 -31.60
N SER A 125 -29.64 35.18 -30.34
CA SER A 125 -29.16 34.37 -29.22
C SER A 125 -30.06 33.17 -28.89
N ALA A 126 -31.14 32.98 -29.65
CA ALA A 126 -32.11 31.91 -29.42
C ALA A 126 -31.93 30.72 -30.38
N GLY A 127 -30.69 30.40 -30.74
CA GLY A 127 -30.41 29.22 -31.56
C GLY A 127 -30.82 27.96 -30.81
N THR A 128 -31.46 27.03 -31.52
CA THR A 128 -31.92 25.75 -30.96
C THR A 128 -31.56 24.61 -31.90
N THR A 129 -31.88 23.39 -31.50
CA THR A 129 -31.56 22.21 -32.30
C THR A 129 -32.51 21.05 -31.98
N LYS A 130 -32.75 20.20 -32.98
CA LYS A 130 -33.52 18.97 -32.81
C LYS A 130 -32.82 17.93 -31.92
N ALA A 131 -31.51 18.07 -31.71
CA ALA A 131 -30.76 17.21 -30.80
C ALA A 131 -31.16 17.39 -29.33
N CYS A 132 -31.58 18.60 -28.96
CA CYS A 132 -31.91 18.95 -27.59
C CYS A 132 -33.39 19.32 -27.51
N MET A 133 -34.24 18.29 -27.50
CA MET A 133 -35.69 18.47 -27.49
C MET A 133 -36.20 18.74 -26.09
N ARG A 134 -37.19 19.63 -25.99
CA ARG A 134 -37.97 19.84 -24.76
C ARG A 134 -39.44 19.97 -25.11
N ASN A 135 -40.28 19.11 -24.53
CA ASN A 135 -41.74 19.14 -24.78
C ASN A 135 -42.10 19.11 -26.27
N GLY A 136 -41.38 18.29 -27.03
CA GLY A 136 -41.61 18.11 -28.47
C GLY A 136 -41.12 19.24 -29.37
N GLY A 137 -40.36 20.19 -28.82
CA GLY A 137 -39.89 21.36 -29.56
C GLY A 137 -38.37 21.46 -29.51
N ASN A 138 -37.80 21.98 -30.59
CA ASN A 138 -36.34 22.21 -30.64
C ASN A 138 -35.94 23.20 -29.54
N SER A 139 -34.87 22.86 -28.83
CA SER A 139 -34.42 23.65 -27.69
C SER A 139 -32.89 23.64 -27.61
N PHE A 140 -32.35 23.98 -26.46
CA PHE A 140 -30.90 24.06 -26.28
C PHE A 140 -30.56 23.89 -24.81
N TYR A 141 -29.28 23.68 -24.55
CA TYR A 141 -28.74 23.65 -23.19
C TYR A 141 -29.27 24.86 -22.40
N ALA A 142 -29.88 24.59 -21.25
CA ALA A 142 -30.57 25.64 -20.46
C ALA A 142 -29.65 26.75 -19.96
N GLU A 143 -28.39 26.43 -19.68
CA GLU A 143 -27.45 27.37 -19.08
C GLU A 143 -26.55 28.11 -20.09
N LEU A 144 -26.75 27.86 -21.38
CA LEU A 144 -25.98 28.52 -22.44
C LEU A 144 -26.90 29.03 -23.55
N LYS A 145 -26.33 29.83 -24.44
CA LYS A 145 -27.06 30.39 -25.58
C LYS A 145 -26.25 30.20 -26.86
N TRP A 146 -26.89 29.65 -27.89
CA TRP A 146 -26.29 29.50 -29.21
C TRP A 146 -26.49 30.81 -29.97
N LEU A 147 -25.40 31.55 -30.14
CA LEU A 147 -25.42 32.85 -30.82
C LEU A 147 -25.14 32.64 -32.31
N VAL A 148 -26.01 33.18 -33.16
CA VAL A 148 -25.78 33.21 -34.62
C VAL A 148 -26.12 34.58 -35.17
N SER A 149 -25.74 34.84 -36.42
CA SER A 149 -26.08 36.09 -37.09
C SER A 149 -27.60 36.20 -37.28
N LYS A 150 -28.16 37.36 -36.96
CA LYS A 150 -29.58 37.64 -37.14
C LYS A 150 -29.97 37.50 -38.61
N ASN A 151 -29.17 38.12 -39.48
CA ASN A 151 -29.34 38.00 -40.94
C ASN A 151 -28.47 36.86 -41.45
N LYS A 152 -29.12 35.87 -42.06
CA LYS A 152 -28.44 34.67 -42.59
C LYS A 152 -27.39 35.04 -43.64
N GLY A 153 -26.17 34.53 -43.45
CA GLY A 153 -25.06 34.79 -44.38
C GLY A 153 -24.18 35.99 -44.01
N GLN A 154 -24.69 36.90 -43.18
CA GLN A 154 -23.96 38.11 -42.80
C GLN A 154 -22.90 37.81 -41.76
N ASN A 155 -21.86 38.63 -41.73
CA ASN A 155 -20.79 38.51 -40.74
C ASN A 155 -21.31 38.78 -39.32
N PHE A 156 -21.10 37.80 -38.45
CA PHE A 156 -21.41 37.91 -37.04
C PHE A 156 -20.53 39.02 -36.47
N PRO A 157 -21.13 39.96 -35.68
CA PRO A 157 -20.39 41.14 -35.23
C PRO A 157 -19.27 40.84 -34.24
N GLN A 158 -18.24 41.68 -34.21
CA GLN A 158 -17.15 41.55 -33.23
C GLN A 158 -17.71 41.93 -31.86
N THR A 159 -17.89 40.93 -31.00
CA THR A 159 -18.68 41.06 -29.78
C THR A 159 -17.81 40.83 -28.54
N THR A 160 -18.16 41.52 -27.46
CA THR A 160 -17.53 41.33 -26.16
C THR A 160 -18.60 41.05 -25.10
N ASN A 161 -18.32 40.08 -24.22
CA ASN A 161 -19.15 39.79 -23.04
C ASN A 161 -18.20 39.55 -21.86
N THR A 162 -18.48 40.21 -20.73
CA THR A 162 -17.64 40.13 -19.53
C THR A 162 -18.45 39.71 -18.32
N TYR A 163 -17.98 38.67 -17.63
CA TYR A 163 -18.56 38.26 -16.35
C TYR A 163 -17.59 38.58 -15.23
N ARG A 164 -18.06 39.33 -14.23
CA ARG A 164 -17.30 39.60 -13.01
C ARG A 164 -17.84 38.74 -11.87
N ASN A 165 -16.94 38.07 -11.16
CA ASN A 165 -17.30 37.33 -9.95
C ASN A 165 -17.43 38.33 -8.79
N ALA A 166 -18.68 38.62 -8.42
CA ALA A 166 -18.98 39.52 -7.30
C ALA A 166 -19.12 38.79 -5.95
N ASP A 167 -18.87 37.48 -5.93
CA ASP A 167 -19.00 36.64 -4.73
C ASP A 167 -17.66 36.55 -4.01
N THR A 168 -17.67 35.99 -2.80
CA THR A 168 -16.45 35.72 -2.04
C THR A 168 -15.87 34.31 -2.27
N ALA A 169 -16.50 33.51 -3.14
CA ALA A 169 -16.03 32.18 -3.51
C ALA A 169 -15.87 32.06 -5.02
N GLU A 170 -15.00 31.14 -5.45
CA GLU A 170 -14.75 30.94 -6.88
C GLU A 170 -15.99 30.37 -7.59
N HIS A 171 -16.19 30.80 -8.83
CA HIS A 171 -17.30 30.32 -9.67
C HIS A 171 -16.77 29.51 -10.84
N LEU A 172 -17.51 28.47 -11.21
CA LEU A 172 -17.18 27.61 -12.34
C LEU A 172 -17.96 28.08 -13.57
N ILE A 173 -17.25 28.55 -14.58
CA ILE A 173 -17.86 29.04 -15.82
C ILE A 173 -17.54 28.06 -16.95
N MET A 174 -18.58 27.72 -17.71
CA MET A 174 -18.45 26.88 -18.89
C MET A 174 -18.89 27.64 -20.11
N TRP A 175 -18.32 27.25 -21.25
CA TRP A 175 -18.75 27.75 -22.55
C TRP A 175 -18.51 26.68 -23.59
N GLY A 176 -19.11 26.86 -24.75
CA GLY A 176 -18.94 25.94 -25.87
C GLY A 176 -18.36 26.62 -27.08
N ILE A 177 -17.80 25.81 -27.98
CA ILE A 177 -17.34 26.27 -29.29
C ILE A 177 -18.03 25.39 -30.31
N HIS A 178 -18.77 26.00 -31.23
CA HIS A 178 -19.45 25.26 -32.29
C HIS A 178 -18.49 25.05 -33.46
N HIS A 179 -18.44 23.79 -33.92
CA HIS A 179 -17.62 23.40 -35.05
C HIS A 179 -18.56 22.95 -36.18
N PRO A 180 -18.79 23.83 -37.19
CA PRO A 180 -19.77 23.49 -38.24
C PRO A 180 -19.41 22.29 -39.12
N SER A 181 -20.41 21.72 -39.77
CA SER A 181 -20.27 20.54 -40.62
C SER A 181 -19.77 20.87 -42.03
N SER A 182 -20.04 22.09 -42.51
CA SER A 182 -19.65 22.50 -43.86
C SER A 182 -19.37 24.00 -43.94
N THR A 183 -18.70 24.40 -45.03
CA THR A 183 -18.41 25.81 -45.30
C THR A 183 -19.69 26.62 -45.50
N GLN A 184 -20.64 26.04 -46.24
CA GLN A 184 -21.95 26.66 -46.46
C GLN A 184 -22.70 26.92 -45.15
N GLU A 185 -22.66 25.95 -44.24
CA GLU A 185 -23.29 26.08 -42.92
C GLU A 185 -22.60 27.16 -42.09
N LYS A 186 -21.28 27.09 -42.01
CA LYS A 186 -20.47 28.10 -41.32
C LYS A 186 -20.76 29.53 -41.84
N ASN A 187 -20.81 29.68 -43.16
CA ASN A 187 -21.13 30.97 -43.79
C ASN A 187 -22.53 31.47 -43.43
N ASP A 188 -23.51 30.57 -43.46
CA ASP A 188 -24.90 30.92 -43.11
C ASP A 188 -25.06 31.39 -41.65
N LEU A 189 -24.39 30.71 -40.73
CA LEU A 189 -24.51 31.02 -39.30
C LEU A 189 -23.70 32.22 -38.85
N TYR A 190 -22.46 32.34 -39.35
CA TYR A 190 -21.50 33.33 -38.84
C TYR A 190 -20.89 34.28 -39.89
N GLY A 191 -21.14 34.05 -41.18
CA GLY A 191 -20.55 34.83 -42.26
C GLY A 191 -19.24 34.25 -42.79
N THR A 192 -18.74 34.86 -43.86
CA THR A 192 -17.54 34.39 -44.56
C THR A 192 -16.21 34.75 -43.89
N GLN A 193 -16.24 35.66 -42.92
CA GLN A 193 -15.03 36.10 -42.19
C GLN A 193 -14.31 34.98 -41.44
N SER A 194 -13.05 35.21 -41.11
N SER A 194 -13.05 35.21 -41.11
CA SER A 194 -12.27 34.30 -40.27
CA SER A 194 -12.28 34.30 -40.27
C SER A 194 -12.77 34.40 -38.83
C SER A 194 -12.80 34.42 -38.84
N LEU A 195 -13.13 33.27 -38.24
CA LEU A 195 -13.71 33.22 -36.89
C LEU A 195 -12.65 33.01 -35.82
N SER A 196 -12.80 33.71 -34.70
CA SER A 196 -11.90 33.59 -33.56
C SER A 196 -12.64 33.91 -32.26
N ILE A 197 -12.43 33.07 -31.25
CA ILE A 197 -12.96 33.28 -29.90
C ILE A 197 -11.79 33.31 -28.94
N SER A 198 -11.66 34.40 -28.19
CA SER A 198 -10.67 34.48 -27.12
C SER A 198 -11.38 34.60 -25.77
N VAL A 199 -10.81 33.97 -24.75
CA VAL A 199 -11.31 33.99 -23.38
C VAL A 199 -10.15 34.38 -22.48
N GLY A 200 -10.35 35.38 -21.62
CA GLY A 200 -9.26 35.90 -20.79
C GLY A 200 -9.70 36.35 -19.41
N SER A 201 -9.03 35.80 -18.39
CA SER A 201 -9.15 36.27 -17.00
C SER A 201 -7.74 36.58 -16.46
N SER A 202 -7.64 36.88 -15.18
CA SER A 202 -6.34 37.09 -14.52
C SER A 202 -5.55 35.80 -14.34
N THR A 203 -6.25 34.67 -14.26
CA THR A 203 -5.64 33.35 -14.01
C THR A 203 -5.70 32.38 -15.21
N TYR A 204 -6.38 32.77 -16.28
CA TYR A 204 -6.65 31.88 -17.41
C TYR A 204 -6.72 32.68 -18.71
N LYS A 205 -6.23 32.08 -19.79
CA LYS A 205 -6.55 32.56 -21.13
C LYS A 205 -6.44 31.43 -22.16
N ASN A 206 -7.21 31.57 -23.22
CA ASN A 206 -7.19 30.61 -24.32
C ASN A 206 -7.82 31.26 -25.55
N SER A 207 -7.54 30.68 -26.71
CA SER A 207 -8.18 31.09 -27.96
C SER A 207 -8.67 29.85 -28.71
N PHE A 208 -9.76 30.03 -29.45
CA PHE A 208 -10.43 28.93 -30.15
C PHE A 208 -10.81 29.37 -31.55
N VAL A 209 -10.68 28.43 -32.50
CA VAL A 209 -11.06 28.65 -33.89
C VAL A 209 -12.04 27.53 -34.26
N PRO A 210 -13.29 27.89 -34.62
CA PRO A 210 -14.22 26.89 -35.16
C PRO A 210 -13.63 26.19 -36.39
N VAL A 211 -13.66 24.87 -36.38
CA VAL A 211 -13.11 24.07 -37.48
C VAL A 211 -14.26 23.51 -38.32
N VAL A 212 -14.19 23.75 -39.62
CA VAL A 212 -15.12 23.21 -40.59
C VAL A 212 -14.46 21.99 -41.17
N GLY A 213 -15.03 20.82 -40.89
CA GLY A 213 -14.47 19.55 -41.34
C GLY A 213 -15.54 18.51 -41.54
N ALA A 214 -15.30 17.59 -42.49
CA ALA A 214 -16.17 16.47 -42.72
C ALA A 214 -16.05 15.50 -41.55
N ARG A 215 -17.19 15.08 -41.02
CA ARG A 215 -17.21 14.10 -39.93
C ARG A 215 -18.58 13.41 -39.92
N PRO A 216 -18.67 12.20 -39.32
CA PRO A 216 -19.92 11.44 -39.41
C PRO A 216 -21.06 12.06 -38.61
N GLN A 217 -22.28 11.72 -39.00
CA GLN A 217 -23.47 12.19 -38.31
C GLN A 217 -23.66 11.42 -37.01
N VAL A 218 -23.89 12.16 -35.92
CA VAL A 218 -24.28 11.61 -34.63
C VAL A 218 -25.68 12.13 -34.39
N ASN A 219 -26.65 11.23 -34.36
CA ASN A 219 -28.09 11.56 -34.32
C ASN A 219 -28.47 12.52 -35.46
N GLY A 220 -27.96 12.23 -36.66
CA GLY A 220 -28.21 13.04 -37.86
C GLY A 220 -27.48 14.36 -37.98
N LEU A 221 -26.47 14.61 -37.13
CA LEU A 221 -25.76 15.90 -37.08
C LEU A 221 -24.24 15.72 -37.15
N SER A 222 -23.63 16.34 -38.15
CA SER A 222 -22.17 16.33 -38.31
C SER A 222 -21.49 17.50 -37.57
N GLY A 223 -22.26 18.48 -37.12
CA GLY A 223 -21.72 19.55 -36.26
C GLY A 223 -21.32 19.03 -34.89
N ARG A 224 -20.47 19.81 -34.20
CA ARG A 224 -20.04 19.49 -32.84
C ARG A 224 -20.03 20.77 -32.00
N ILE A 225 -20.36 20.61 -30.71
CA ILE A 225 -20.18 21.67 -29.72
C ILE A 225 -19.31 21.10 -28.62
N ASP A 226 -18.07 21.58 -28.54
CA ASP A 226 -17.13 21.18 -27.50
C ASP A 226 -17.16 22.18 -26.36
N PHE A 227 -17.13 21.67 -25.13
CA PHE A 227 -17.19 22.49 -23.94
C PHE A 227 -15.83 22.68 -23.29
N HIS A 228 -15.65 23.86 -22.70
CA HIS A 228 -14.44 24.23 -21.98
C HIS A 228 -14.86 24.89 -20.70
N TRP A 229 -13.99 24.85 -19.70
CA TRP A 229 -14.30 25.42 -18.39
C TRP A 229 -13.08 25.95 -17.65
N THR A 230 -13.34 26.90 -16.76
CA THR A 230 -12.33 27.41 -15.84
C THR A 230 -13.00 27.95 -14.58
N LEU A 231 -12.18 28.27 -13.59
CA LEU A 231 -12.64 28.84 -12.33
C LEU A 231 -12.32 30.33 -12.31
N VAL A 232 -13.33 31.15 -12.06
CA VAL A 232 -13.16 32.60 -11.93
C VAL A 232 -13.06 32.91 -10.45
N GLN A 233 -11.92 33.46 -10.03
CA GLN A 233 -11.67 33.73 -8.61
C GLN A 233 -12.49 34.93 -8.12
N PRO A 234 -12.74 35.03 -6.80
CA PRO A 234 -13.50 36.16 -6.23
C PRO A 234 -12.95 37.53 -6.65
N GLY A 235 -13.82 38.37 -7.21
CA GLY A 235 -13.43 39.72 -7.65
C GLY A 235 -12.83 39.84 -9.04
N ASP A 236 -12.51 38.70 -9.68
CA ASP A 236 -11.90 38.70 -11.01
C ASP A 236 -12.97 38.77 -12.10
N LYS A 237 -12.57 39.24 -13.28
CA LYS A 237 -13.41 39.27 -14.47
C LYS A 237 -12.93 38.21 -15.47
N ILE A 238 -13.84 37.73 -16.31
CA ILE A 238 -13.49 36.89 -17.46
C ILE A 238 -14.14 37.48 -18.71
N ILE A 239 -13.32 37.74 -19.73
CA ILE A 239 -13.73 38.46 -20.94
C ILE A 239 -13.80 37.51 -22.13
N PHE A 240 -14.98 37.44 -22.77
CA PHE A 240 -15.17 36.70 -24.01
C PHE A 240 -15.17 37.68 -25.17
N SER A 241 -14.24 37.50 -26.11
CA SER A 241 -14.17 38.30 -27.33
C SER A 241 -14.38 37.34 -28.50
N HIS A 242 -15.41 37.59 -29.32
CA HIS A 242 -15.84 36.60 -30.31
C HIS A 242 -16.57 37.21 -31.50
N ASN A 243 -16.48 36.55 -32.65
CA ASN A 243 -17.15 36.97 -33.87
C ASN A 243 -17.81 35.78 -34.61
N GLY A 244 -18.27 34.78 -33.86
CA GLY A 244 -18.99 33.64 -34.41
C GLY A 244 -18.41 32.31 -33.95
N GLY A 245 -19.27 31.46 -33.37
CA GLY A 245 -18.87 30.14 -32.90
C GLY A 245 -18.92 29.94 -31.40
N LEU A 246 -19.01 31.02 -30.62
CA LEU A 246 -19.15 30.91 -29.17
C LEU A 246 -20.57 30.47 -28.79
N ILE A 247 -20.63 29.49 -27.89
CA ILE A 247 -21.85 29.12 -27.19
C ILE A 247 -21.66 29.71 -25.80
N ALA A 248 -22.36 30.80 -25.53
CA ALA A 248 -22.07 31.67 -24.39
C ALA A 248 -22.91 31.30 -23.16
N PRO A 249 -22.30 31.37 -21.96
CA PRO A 249 -23.04 31.04 -20.74
C PRO A 249 -24.03 32.12 -20.31
N SER A 250 -25.25 31.71 -19.98
CA SER A 250 -26.25 32.57 -19.35
C SER A 250 -26.17 32.50 -17.82
N ARG A 251 -25.62 31.41 -17.29
CA ARG A 251 -25.32 31.29 -15.86
C ARG A 251 -23.96 30.62 -15.62
N VAL A 252 -23.38 30.88 -14.45
CA VAL A 252 -22.20 30.16 -13.95
C VAL A 252 -22.62 29.35 -12.72
N SER A 253 -21.74 28.44 -12.29
CA SER A 253 -22.01 27.53 -11.20
C SER A 253 -21.11 27.78 -9.99
N LYS A 254 -21.61 27.44 -8.82
CA LYS A 254 -20.82 27.40 -7.60
C LYS A 254 -21.06 26.06 -6.92
N LEU A 255 -19.99 25.27 -6.74
CA LEU A 255 -20.07 23.99 -6.04
C LEU A 255 -20.00 24.24 -4.54
N ILE A 256 -20.98 23.71 -3.81
CA ILE A 256 -21.16 23.98 -2.38
C ILE A 256 -20.71 22.78 -1.55
N GLY A 257 -19.79 23.01 -0.63
CA GLY A 257 -19.41 22.00 0.36
C GLY A 257 -18.85 20.71 -0.21
N ARG A 258 -19.07 19.61 0.51
CA ARG A 258 -18.59 18.28 0.12
C ARG A 258 -19.68 17.22 0.26
N GLY A 259 -19.53 16.14 -0.50
CA GLY A 259 -20.48 15.03 -0.47
C GLY A 259 -19.88 13.76 -1.05
N LEU A 260 -20.58 12.64 -0.87
CA LEU A 260 -20.13 11.34 -1.35
C LEU A 260 -20.76 11.01 -2.70
N GLY A 261 -19.91 10.89 -3.73
CA GLY A 261 -20.34 10.48 -5.06
C GLY A 261 -20.42 8.97 -5.17
N ILE A 262 -21.58 8.45 -5.57
CA ILE A 262 -21.79 7.01 -5.75
C ILE A 262 -22.15 6.72 -7.21
N GLN A 263 -21.50 5.72 -7.78
CA GLN A 263 -21.86 5.16 -9.09
C GLN A 263 -22.42 3.77 -8.88
N SER A 264 -23.72 3.61 -9.12
CA SER A 264 -24.40 2.33 -8.88
C SER A 264 -25.67 2.18 -9.72
N GLU A 265 -26.07 0.92 -9.91
CA GLU A 265 -27.29 0.56 -10.64
C GLU A 265 -28.44 0.17 -9.70
N ALA A 266 -28.19 0.15 -8.39
CA ALA A 266 -29.16 -0.35 -7.41
C ALA A 266 -30.19 0.72 -7.04
N PRO A 267 -31.46 0.31 -6.79
CA PRO A 267 -32.51 1.27 -6.45
C PRO A 267 -32.34 1.88 -5.05
N ILE A 268 -32.99 3.03 -4.84
CA ILE A 268 -32.93 3.74 -3.56
C ILE A 268 -33.82 3.02 -2.54
N ASP A 269 -33.34 2.97 -1.30
CA ASP A 269 -34.14 2.50 -0.15
C ASP A 269 -33.90 3.46 1.02
N ASN A 270 -34.94 4.23 1.37
CA ASN A 270 -34.86 5.21 2.45
C ASN A 270 -35.09 4.63 3.86
N SER A 271 -35.47 3.36 3.95
CA SER A 271 -35.74 2.72 5.24
C SER A 271 -34.48 2.38 6.06
N CYS A 272 -33.39 2.02 5.36
CA CYS A 272 -32.15 1.54 6.02
C CYS A 272 -30.95 2.47 5.79
N GLU A 273 -29.96 2.33 6.68
CA GLU A 273 -28.74 3.15 6.68
C GLU A 273 -27.52 2.34 6.22
N SER A 274 -26.51 3.05 5.72
CA SER A 274 -25.22 2.44 5.37
C SER A 274 -24.13 3.50 5.23
N LYS A 275 -22.89 3.08 5.48
CA LYS A 275 -21.70 3.91 5.27
C LYS A 275 -20.84 3.46 4.08
N CYS A 276 -21.17 2.31 3.47
CA CYS A 276 -20.34 1.70 2.43
C CYS A 276 -21.19 1.32 1.23
N PHE A 277 -20.73 1.71 0.04
CA PHE A 277 -21.48 1.48 -1.21
C PHE A 277 -20.57 0.96 -2.32
N TRP A 278 -21.18 0.22 -3.24
CA TRP A 278 -20.50 -0.26 -4.44
C TRP A 278 -21.51 -0.35 -5.60
N ARG A 279 -21.06 -0.81 -6.76
CA ARG A 279 -21.92 -0.88 -7.97
C ARG A 279 -23.23 -1.64 -7.74
N GLY A 280 -23.16 -2.74 -6.99
CA GLY A 280 -24.30 -3.60 -6.70
C GLY A 280 -25.19 -3.23 -5.52
N GLY A 281 -24.79 -2.24 -4.73
CA GLY A 281 -25.63 -1.73 -3.63
C GLY A 281 -24.86 -1.30 -2.40
N SER A 282 -25.29 -1.78 -1.23
CA SER A 282 -24.76 -1.35 0.06
C SER A 282 -24.17 -2.52 0.85
N ILE A 283 -23.18 -2.20 1.70
CA ILE A 283 -22.53 -3.17 2.58
C ILE A 283 -22.69 -2.68 4.02
N ASN A 284 -23.62 -3.29 4.75
CA ASN A 284 -23.97 -2.89 6.12
C ASN A 284 -23.36 -3.79 7.20
N THR A 285 -22.29 -4.52 6.85
CA THR A 285 -21.69 -5.50 7.76
C THR A 285 -20.86 -4.86 8.88
N ARG A 286 -20.76 -5.59 9.99
CA ARG A 286 -19.83 -5.23 11.08
C ARG A 286 -18.48 -5.92 10.93
N LEU A 287 -18.33 -6.80 9.93
CA LEU A 287 -17.11 -7.58 9.74
C LEU A 287 -15.97 -6.72 9.16
N PRO A 288 -14.71 -7.06 9.48
CA PRO A 288 -13.55 -6.27 9.02
C PRO A 288 -13.21 -6.39 7.54
N PHE A 289 -13.62 -7.48 6.90
CA PHE A 289 -13.27 -7.77 5.50
C PHE A 289 -14.50 -8.07 4.66
N GLN A 290 -14.34 -7.96 3.35
CA GLN A 290 -15.39 -8.29 2.39
C GLN A 290 -14.79 -8.78 1.06
N ASN A 291 -15.54 -9.62 0.35
CA ASN A 291 -15.09 -10.18 -0.93
C ASN A 291 -16.04 -9.82 -2.09
N LEU A 292 -16.82 -8.76 -1.93
CA LEU A 292 -17.82 -8.35 -2.92
C LEU A 292 -17.17 -7.62 -4.09
N SER A 293 -16.37 -6.60 -3.78
CA SER A 293 -15.70 -5.79 -4.80
C SER A 293 -14.53 -4.97 -4.25
N PRO A 294 -13.45 -4.84 -5.03
CA PRO A 294 -12.36 -3.93 -4.64
C PRO A 294 -12.70 -2.45 -4.83
N ARG A 295 -13.74 -2.16 -5.63
CA ARG A 295 -14.19 -0.79 -5.88
C ARG A 295 -15.38 -0.46 -4.99
N THR A 296 -15.10 0.22 -3.87
CA THR A 296 -16.12 0.68 -2.94
C THR A 296 -15.87 2.14 -2.57
N VAL A 297 -16.89 2.79 -2.01
CA VAL A 297 -16.79 4.16 -1.52
C VAL A 297 -17.45 4.29 -0.14
N GLY A 298 -16.94 5.24 0.65
CA GLY A 298 -17.40 5.47 2.02
C GLY A 298 -16.49 4.81 3.04
N GLN A 299 -17.05 4.47 4.20
CA GLN A 299 -16.33 3.78 5.27
C GLN A 299 -16.62 2.28 5.17
N CYS A 300 -15.64 1.53 4.68
CA CYS A 300 -15.86 0.15 4.22
C CYS A 300 -14.96 -0.88 4.88
N PRO A 301 -15.42 -2.16 4.94
CA PRO A 301 -14.50 -3.26 5.22
C PRO A 301 -13.50 -3.40 4.07
N LYS A 302 -12.31 -3.91 4.38
CA LYS A 302 -11.24 -4.02 3.39
C LYS A 302 -11.49 -5.21 2.47
N TYR A 303 -11.28 -5.01 1.17
CA TYR A 303 -11.44 -6.08 0.19
C TYR A 303 -10.33 -7.12 0.34
N VAL A 304 -10.70 -8.39 0.29
CA VAL A 304 -9.74 -9.51 0.33
C VAL A 304 -10.10 -10.56 -0.73
N ASN A 305 -9.07 -11.24 -1.26
CA ASN A 305 -9.25 -12.32 -2.23
C ASN A 305 -9.49 -13.66 -1.52
N LYS A 306 -10.59 -13.75 -0.75
CA LYS A 306 -10.93 -14.96 -0.01
C LYS A 306 -12.43 -15.14 0.12
N LYS A 307 -12.89 -16.37 -0.07
CA LYS A 307 -14.30 -16.72 0.10
C LYS A 307 -14.72 -16.68 1.57
N SER A 308 -13.87 -17.22 2.44
CA SER A 308 -14.15 -17.33 3.87
C SER A 308 -12.87 -17.32 4.70
N LEU A 309 -12.94 -16.70 5.88
CA LEU A 309 -11.88 -16.76 6.90
C LEU A 309 -12.52 -16.86 8.27
N MET A 310 -12.57 -18.08 8.81
CA MET A 310 -13.25 -18.36 10.07
C MET A 310 -12.35 -18.12 11.28
N LEU A 311 -12.83 -17.30 12.21
CA LEU A 311 -12.14 -17.00 13.45
C LEU A 311 -12.68 -17.91 14.56
N ALA A 312 -11.81 -18.66 15.20
CA ALA A 312 -12.20 -19.59 16.26
C ALA A 312 -12.75 -18.81 17.46
N THR A 313 -13.87 -19.28 17.99
CA THR A 313 -14.49 -18.71 19.19
C THR A 313 -14.66 -19.80 20.26
N GLY A 314 -13.76 -20.77 20.22
CA GLY A 314 -13.80 -21.89 21.15
C GLY A 314 -12.56 -22.77 21.05
N MET A 315 -12.47 -23.72 21.98
CA MET A 315 -11.35 -24.66 22.05
C MET A 315 -11.37 -25.71 20.94
N ARG A 316 -10.29 -26.49 20.86
CA ARG A 316 -10.28 -27.71 20.02
C ARG A 316 -11.46 -28.61 20.37
N ASN A 317 -12.16 -29.08 19.35
CA ASN A 317 -13.28 -30.01 19.54
C ASN A 317 -12.73 -31.43 19.48
N VAL A 318 -12.89 -32.18 20.57
CA VAL A 318 -12.40 -33.54 20.68
C VAL A 318 -13.60 -34.42 21.07
N PRO A 319 -14.37 -34.91 20.07
CA PRO A 319 -15.60 -35.67 20.37
C PRO A 319 -15.38 -37.03 21.02
N GLU A 320 -16.46 -37.57 21.59
CA GLU A 320 -16.44 -38.87 22.29
C GLU A 320 -16.62 -40.04 21.33
N GLY B 1 -1.09 -30.45 22.19
CA GLY B 1 -1.08 -28.95 22.17
C GLY B 1 -0.05 -28.37 23.11
N LEU B 2 0.04 -27.03 23.13
CA LEU B 2 1.09 -26.34 23.89
C LEU B 2 1.13 -26.68 25.38
N PHE B 3 -0.03 -26.77 26.01
CA PHE B 3 -0.10 -27.02 27.46
C PHE B 3 -0.44 -28.46 27.81
N GLY B 4 -0.62 -29.30 26.79
CA GLY B 4 -0.67 -30.75 26.95
C GLY B 4 -1.93 -31.37 27.50
N ALA B 5 -2.98 -30.57 27.74
CA ALA B 5 -4.22 -31.07 28.37
C ALA B 5 -5.31 -31.39 27.34
N ILE B 6 -5.82 -30.36 26.67
CA ILE B 6 -6.88 -30.51 25.65
C ILE B 6 -6.26 -31.13 24.40
N ALA B 7 -6.87 -32.21 23.92
CA ALA B 7 -6.28 -33.09 22.88
C ALA B 7 -4.88 -33.57 23.28
N GLY B 8 -4.71 -33.82 24.58
CA GLY B 8 -3.45 -34.24 25.17
C GLY B 8 -3.72 -35.34 26.18
N PHE B 9 -3.36 -35.12 27.45
CA PHE B 9 -3.59 -36.15 28.49
C PHE B 9 -5.08 -36.33 28.84
N ILE B 10 -5.90 -35.32 28.60
CA ILE B 10 -7.36 -35.50 28.63
C ILE B 10 -7.76 -36.11 27.29
N GLU B 11 -8.29 -37.33 27.34
CA GLU B 11 -8.55 -38.15 26.15
C GLU B 11 -9.53 -37.50 25.17
N ASN B 12 -10.62 -36.95 25.71
CA ASN B 12 -11.63 -36.27 24.89
C ASN B 12 -12.48 -35.32 25.73
N GLY B 13 -13.28 -34.51 25.05
CA GLY B 13 -14.21 -33.59 25.69
C GLY B 13 -15.50 -34.29 26.07
N TRP B 14 -16.32 -33.58 26.86
CA TRP B 14 -17.62 -34.08 27.33
C TRP B 14 -18.74 -33.34 26.62
N GLU B 15 -19.42 -34.04 25.71
CA GLU B 15 -20.59 -33.47 25.02
C GLU B 15 -21.76 -33.20 25.98
N GLY B 16 -21.83 -33.96 27.08
CA GLY B 16 -22.84 -33.77 28.12
C GLY B 16 -22.63 -32.60 29.07
N MET B 17 -21.49 -31.92 29.01
CA MET B 17 -21.28 -30.69 29.79
C MET B 17 -21.72 -29.49 28.95
N VAL B 18 -22.96 -29.08 29.16
CA VAL B 18 -23.59 -27.99 28.39
C VAL B 18 -23.72 -26.66 29.16
N ASP B 19 -23.39 -26.68 30.46
CA ASP B 19 -23.47 -25.48 31.31
C ASP B 19 -22.11 -24.81 31.57
N GLY B 20 -21.07 -25.26 30.86
CA GLY B 20 -19.74 -24.66 30.97
C GLY B 20 -18.73 -25.26 30.03
N TRP B 21 -17.55 -24.65 29.99
CA TRP B 21 -16.47 -25.05 29.08
C TRP B 21 -15.53 -26.04 29.75
N TYR B 22 -15.28 -25.86 31.05
CA TYR B 22 -14.46 -26.75 31.86
C TYR B 22 -15.24 -27.17 33.09
N GLY B 23 -14.87 -28.31 33.65
CA GLY B 23 -15.54 -28.77 34.86
C GLY B 23 -15.03 -30.07 35.44
N PHE B 24 -15.85 -30.63 36.32
CA PHE B 24 -15.51 -31.78 37.13
C PHE B 24 -16.53 -32.88 36.91
N ARG B 25 -16.07 -34.12 36.83
CA ARG B 25 -16.90 -35.29 37.07
C ARG B 25 -16.32 -36.02 38.26
N HIS B 26 -17.18 -36.69 39.03
CA HIS B 26 -16.70 -37.44 40.18
C HIS B 26 -17.48 -38.71 40.43
N GLN B 27 -16.90 -39.58 41.25
CA GLN B 27 -17.54 -40.80 41.70
C GLN B 27 -17.18 -41.05 43.15
N ASN B 28 -18.21 -41.24 43.98
CA ASN B 28 -18.04 -41.63 45.37
C ASN B 28 -19.16 -42.62 45.73
N ALA B 29 -19.28 -42.98 47.00
CA ALA B 29 -20.34 -43.89 47.45
C ALA B 29 -21.74 -43.34 47.18
N GLN B 30 -21.93 -42.03 47.41
CA GLN B 30 -23.24 -41.41 47.24
C GLN B 30 -23.74 -41.41 45.79
N GLY B 31 -22.84 -41.15 44.83
CA GLY B 31 -23.25 -41.13 43.43
C GLY B 31 -22.21 -40.64 42.45
N THR B 32 -22.66 -40.45 41.21
CA THR B 32 -21.86 -39.91 40.12
C THR B 32 -22.22 -38.44 39.94
N GLY B 33 -21.21 -37.58 39.82
CA GLY B 33 -21.42 -36.15 39.74
C GLY B 33 -20.81 -35.52 38.50
N GLN B 34 -21.39 -34.38 38.10
CA GLN B 34 -20.82 -33.51 37.07
C GLN B 34 -21.18 -32.06 37.40
N ALA B 35 -20.20 -31.17 37.25
CA ALA B 35 -20.42 -29.74 37.46
C ALA B 35 -19.38 -28.91 36.69
N ALA B 36 -19.85 -27.81 36.09
CA ALA B 36 -18.97 -26.89 35.39
C ALA B 36 -18.23 -25.99 36.38
N ASP B 37 -17.02 -25.56 36.00
CA ASP B 37 -16.24 -24.60 36.77
C ASP B 37 -16.45 -23.22 36.16
N TYR B 38 -17.02 -22.31 36.95
CA TYR B 38 -17.37 -20.96 36.49
C TYR B 38 -16.14 -20.11 36.16
N LYS B 39 -15.14 -20.14 37.02
CA LYS B 39 -13.98 -19.24 36.91
C LYS B 39 -13.16 -19.47 35.63
N SER B 40 -12.83 -20.73 35.37
CA SER B 40 -12.06 -21.09 34.16
C SER B 40 -12.87 -20.87 32.89
N THR B 41 -14.15 -21.25 32.91
CA THR B 41 -15.06 -21.02 31.79
C THR B 41 -15.13 -19.55 31.42
N GLN B 42 -15.39 -18.70 32.42
CA GLN B 42 -15.52 -17.27 32.19
C GLN B 42 -14.21 -16.61 31.78
N ALA B 43 -13.08 -17.12 32.29
CA ALA B 43 -11.75 -16.65 31.89
C ALA B 43 -11.52 -16.85 30.39
N ALA B 44 -11.90 -18.02 29.88
CA ALA B 44 -11.79 -18.33 28.45
C ALA B 44 -12.74 -17.48 27.60
N ILE B 45 -14.01 -17.41 28.03
CA ILE B 45 -15.04 -16.64 27.29
C ILE B 45 -14.69 -15.14 27.24
N ASP B 46 -14.26 -14.58 28.36
CA ASP B 46 -13.85 -13.15 28.41
C ASP B 46 -12.70 -12.82 27.47
N GLN B 47 -11.72 -13.72 27.37
CA GLN B 47 -10.57 -13.52 26.47
C GLN B 47 -10.99 -13.60 24.99
N ILE B 48 -11.87 -14.54 24.65
CA ILE B 48 -12.42 -14.64 23.29
C ILE B 48 -13.30 -13.43 22.95
N THR B 49 -14.10 -12.97 23.90
CA THR B 49 -14.91 -11.76 23.72
C THR B 49 -14.01 -10.53 23.47
N GLY B 50 -12.90 -10.45 24.20
CA GLY B 50 -11.91 -9.40 23.98
C GLY B 50 -11.32 -9.38 22.58
N LYS B 51 -10.98 -10.55 22.05
CA LYS B 51 -10.50 -10.68 20.67
C LYS B 51 -11.53 -10.23 19.65
N LEU B 52 -12.78 -10.68 19.83
CA LEU B 52 -13.88 -10.31 18.94
C LEU B 52 -14.14 -8.80 18.92
N ASN B 53 -14.06 -8.16 20.09
CA ASN B 53 -14.20 -6.69 20.18
C ASN B 53 -13.12 -5.94 19.40
N ARG B 54 -11.89 -6.47 19.41
CA ARG B 54 -10.79 -5.87 18.65
C ARG B 54 -10.85 -6.15 17.14
N ILE B 55 -11.26 -7.38 16.77
CA ILE B 55 -11.18 -7.83 15.37
C ILE B 55 -12.41 -7.42 14.55
N ILE B 56 -13.60 -7.57 15.12
CA ILE B 56 -14.85 -7.32 14.38
C ILE B 56 -15.13 -5.81 14.33
N LYS B 57 -14.41 -5.12 13.43
CA LYS B 57 -14.57 -3.69 13.22
C LYS B 57 -13.88 -3.25 11.92
N LYS B 58 -14.31 -2.11 11.40
CA LYS B 58 -13.71 -1.50 10.21
C LYS B 58 -13.07 -0.17 10.58
N THR B 59 -12.28 0.39 9.65
CA THR B 59 -11.67 1.71 9.86
C THR B 59 -12.72 2.80 9.66
N ASN B 60 -12.46 3.96 10.27
CA ASN B 60 -13.32 5.14 10.13
C ASN B 60 -12.99 6.00 8.90
N THR B 61 -11.94 5.62 8.15
CA THR B 61 -11.51 6.39 6.98
C THR B 61 -12.55 6.38 5.86
N GLU B 62 -12.89 7.57 5.38
CA GLU B 62 -13.84 7.74 4.27
C GLU B 62 -13.10 7.78 2.95
N PHE B 63 -13.32 6.78 2.11
CA PHE B 63 -12.73 6.70 0.77
C PHE B 63 -13.71 7.17 -0.30
N GLU B 64 -13.18 7.86 -1.31
CA GLU B 64 -13.95 8.28 -2.48
C GLU B 64 -13.48 7.51 -3.71
N SER B 65 -14.23 7.61 -4.80
CA SER B 65 -13.94 6.86 -6.02
C SER B 65 -12.72 7.40 -6.76
N ILE B 66 -11.86 6.48 -7.21
CA ILE B 66 -10.79 6.79 -8.17
C ILE B 66 -10.87 5.94 -9.45
N GLU B 67 -11.96 5.21 -9.62
CA GLU B 67 -12.22 4.39 -10.82
C GLU B 67 -13.66 4.58 -11.24
N SER B 68 -13.88 5.02 -12.48
CA SER B 68 -15.22 5.24 -13.00
C SER B 68 -15.87 3.92 -13.39
N GLU B 69 -17.06 3.67 -12.83
CA GLU B 69 -17.86 2.49 -13.15
C GLU B 69 -18.41 2.50 -14.58
N PHE B 70 -18.89 3.66 -15.02
CA PHE B 70 -19.69 3.78 -16.26
C PHE B 70 -19.01 4.49 -17.45
N SER B 71 -17.76 4.96 -17.27
CA SER B 71 -17.06 5.68 -18.34
C SER B 71 -15.59 5.28 -18.41
N GLU B 72 -14.95 5.68 -19.50
CA GLU B 72 -13.54 5.36 -19.75
C GLU B 72 -12.61 6.10 -18.80
N ILE B 73 -11.46 5.49 -18.52
CA ILE B 73 -10.40 6.11 -17.72
C ILE B 73 -9.13 6.17 -18.56
N ASP B 74 -8.23 7.08 -18.21
CA ASP B 74 -6.95 7.24 -18.92
C ASP B 74 -6.09 6.00 -18.73
N HIS B 75 -5.32 5.67 -19.76
CA HIS B 75 -4.59 4.39 -19.82
C HIS B 75 -3.52 4.23 -18.75
N GLN B 76 -2.64 5.23 -18.63
CA GLN B 76 -1.51 5.15 -17.70
C GLN B 76 -1.91 5.33 -16.24
N ILE B 77 -2.79 6.30 -15.96
CA ILE B 77 -3.34 6.47 -14.61
C ILE B 77 -4.15 5.22 -14.19
N GLY B 78 -4.91 4.66 -15.13
CA GLY B 78 -5.68 3.44 -14.90
C GLY B 78 -4.83 2.22 -14.56
N ASN B 79 -3.70 2.08 -15.25
CA ASN B 79 -2.73 0.99 -14.97
C ASN B 79 -2.08 1.15 -13.59
N VAL B 80 -1.74 2.37 -13.22
CA VAL B 80 -1.17 2.67 -11.90
C VAL B 80 -2.18 2.38 -10.78
N ILE B 81 -3.43 2.78 -10.99
CA ILE B 81 -4.52 2.51 -10.03
C ILE B 81 -4.74 0.99 -9.89
N ASN B 82 -4.77 0.28 -11.02
CA ASN B 82 -4.93 -1.18 -11.02
C ASN B 82 -3.79 -1.89 -10.28
N TRP B 83 -2.55 -1.45 -10.52
CA TRP B 83 -1.39 -1.98 -9.81
C TRP B 83 -1.48 -1.71 -8.31
N THR B 84 -1.81 -0.47 -7.95
CA THR B 84 -1.91 -0.04 -6.55
C THR B 84 -3.01 -0.78 -5.80
N LYS B 85 -4.21 -0.84 -6.39
CA LYS B 85 -5.34 -1.53 -5.76
C LYS B 85 -5.08 -3.03 -5.56
N ASP B 86 -4.50 -3.68 -6.56
CA ASP B 86 -4.14 -5.11 -6.44
C ASP B 86 -3.04 -5.34 -5.42
N SER B 87 -2.09 -4.42 -5.31
CA SER B 87 -1.04 -4.48 -4.27
C SER B 87 -1.62 -4.32 -2.86
N ILE B 88 -2.55 -3.38 -2.71
CA ILE B 88 -3.24 -3.17 -1.42
C ILE B 88 -4.11 -4.39 -1.07
N THR B 89 -4.80 -4.95 -2.06
CA THR B 89 -5.60 -6.18 -1.87
C THR B 89 -4.73 -7.37 -1.42
N ASP B 90 -3.57 -7.54 -2.04
CA ASP B 90 -2.62 -8.58 -1.61
C ASP B 90 -2.15 -8.39 -0.17
N ILE B 91 -1.91 -7.15 0.23
CA ILE B 91 -1.51 -6.83 1.60
C ILE B 91 -2.62 -7.18 2.61
N TRP B 92 -3.85 -6.75 2.34
CA TRP B 92 -4.98 -7.01 3.24
C TRP B 92 -5.37 -8.49 3.28
N THR B 93 -5.32 -9.17 2.13
CA THR B 93 -5.57 -10.61 2.09
C THR B 93 -4.55 -11.36 2.94
N TYR B 94 -3.27 -10.98 2.82
CA TYR B 94 -2.20 -11.57 3.62
C TYR B 94 -2.37 -11.26 5.11
N GLN B 95 -2.63 -9.99 5.44
CA GLN B 95 -2.83 -9.57 6.82
C GLN B 95 -4.01 -10.27 7.48
N ALA B 96 -5.11 -10.42 6.74
CA ALA B 96 -6.31 -11.11 7.22
C ALA B 96 -6.02 -12.59 7.47
N GLU B 97 -5.37 -13.24 6.52
CA GLU B 97 -4.97 -14.65 6.66
C GLU B 97 -4.06 -14.89 7.87
N LEU B 98 -3.08 -14.00 8.06
CA LEU B 98 -2.14 -14.10 9.18
C LEU B 98 -2.80 -13.81 10.52
N LEU B 99 -3.61 -12.75 10.57
CA LEU B 99 -4.39 -12.38 11.76
C LEU B 99 -5.16 -13.58 12.29
N VAL B 100 -6.00 -14.15 11.44
CA VAL B 100 -6.93 -15.20 11.85
C VAL B 100 -6.16 -16.50 12.18
N ALA B 101 -5.11 -16.81 11.43
CA ALA B 101 -4.27 -17.98 11.74
C ALA B 101 -3.56 -17.84 13.09
N MET B 102 -3.00 -16.66 13.34
CA MET B 102 -2.34 -16.36 14.62
C MET B 102 -3.33 -16.37 15.77
N GLU B 103 -4.45 -15.68 15.60
CA GLU B 103 -5.50 -15.61 16.62
C GLU B 103 -6.08 -16.98 16.97
N ASN B 104 -6.32 -17.80 15.94
CA ASN B 104 -6.85 -19.16 16.14
C ASN B 104 -5.87 -20.05 16.92
N GLN B 105 -4.58 -19.96 16.58
CA GLN B 105 -3.53 -20.67 17.32
C GLN B 105 -3.55 -20.27 18.79
N HIS B 106 -3.59 -18.96 19.04
CA HIS B 106 -3.60 -18.43 20.41
C HIS B 106 -4.88 -18.80 21.19
N THR B 107 -6.03 -18.77 20.51
CA THR B 107 -7.31 -19.12 21.13
C THR B 107 -7.31 -20.57 21.62
N ILE B 108 -6.87 -21.46 20.75
CA ILE B 108 -6.77 -22.90 21.05
C ILE B 108 -5.82 -23.16 22.21
N ASP B 109 -4.65 -22.54 22.18
CA ASP B 109 -3.64 -22.70 23.23
C ASP B 109 -4.03 -22.03 24.56
N MET B 110 -4.69 -20.88 24.47
CA MET B 110 -5.26 -20.23 25.67
C MET B 110 -6.28 -21.13 26.35
N ALA B 111 -7.16 -21.75 25.56
CA ALA B 111 -8.16 -22.68 26.10
C ALA B 111 -7.50 -23.88 26.77
N ASP B 112 -6.44 -24.39 26.14
CA ASP B 112 -5.60 -25.48 26.68
C ASP B 112 -4.99 -25.08 28.03
N SER B 113 -4.46 -23.86 28.11
CA SER B 113 -3.87 -23.34 29.35
C SER B 113 -4.87 -23.25 30.51
N GLU B 114 -6.10 -22.80 30.22
CA GLU B 114 -7.13 -22.69 31.27
C GLU B 114 -7.53 -24.06 31.83
N MET B 115 -7.55 -25.07 30.96
CA MET B 115 -7.78 -26.46 31.39
C MET B 115 -6.65 -26.92 32.32
N LEU B 116 -5.41 -26.68 31.92
CA LEU B 116 -4.25 -27.05 32.74
C LEU B 116 -4.22 -26.32 34.08
N ASN B 117 -4.56 -25.04 34.09
CA ASN B 117 -4.56 -24.24 35.32
C ASN B 117 -5.61 -24.73 36.32
N LEU B 118 -6.76 -25.17 35.82
CA LEU B 118 -7.78 -25.80 36.68
C LEU B 118 -7.27 -27.12 37.25
N TYR B 119 -6.67 -27.96 36.40
CA TYR B 119 -6.08 -29.24 36.81
C TYR B 119 -5.00 -29.04 37.88
N GLU B 120 -4.12 -28.07 37.66
CA GLU B 120 -3.05 -27.73 38.62
C GLU B 120 -3.59 -27.22 39.95
N ARG B 121 -4.65 -26.41 39.90
CA ARG B 121 -5.33 -25.92 41.12
C ARG B 121 -5.82 -27.10 41.97
N VAL B 122 -6.45 -28.09 41.32
CA VAL B 122 -6.97 -29.27 42.00
C VAL B 122 -5.83 -30.14 42.55
N ARG B 123 -4.79 -30.36 41.75
CA ARG B 123 -3.63 -31.14 42.18
C ARG B 123 -3.04 -30.61 43.49
N LYS B 124 -2.80 -29.30 43.53
CA LYS B 124 -2.22 -28.66 44.72
C LYS B 124 -3.17 -28.69 45.93
N GLN B 125 -4.46 -28.49 45.70
CA GLN B 125 -5.49 -28.63 46.76
C GLN B 125 -5.44 -29.98 47.45
N LEU B 126 -5.42 -31.05 46.65
CA LEU B 126 -5.48 -32.41 47.16
C LEU B 126 -4.20 -32.83 47.89
N ARG B 127 -3.07 -32.22 47.51
CA ARG B 127 -1.80 -32.39 48.21
C ARG B 127 -1.40 -33.88 48.29
N GLN B 128 -1.27 -34.46 49.48
CA GLN B 128 -0.83 -35.85 49.61
C GLN B 128 -1.99 -36.84 49.80
N ASN B 129 -3.22 -36.40 49.55
CA ASN B 129 -4.41 -37.22 49.76
C ASN B 129 -4.91 -37.92 48.49
N ALA B 130 -4.28 -37.61 47.35
CA ALA B 130 -4.68 -38.16 46.06
C ALA B 130 -3.48 -38.39 45.15
N GLU B 131 -3.69 -39.18 44.09
CA GLU B 131 -2.69 -39.44 43.07
C GLU B 131 -3.28 -39.27 41.67
N GLU B 132 -2.46 -38.80 40.74
CA GLU B 132 -2.85 -38.56 39.35
C GLU B 132 -2.84 -39.88 38.60
N ASP B 133 -3.88 -40.14 37.81
CA ASP B 133 -3.94 -41.36 36.97
C ASP B 133 -3.37 -41.17 35.56
N GLY B 134 -2.98 -39.95 35.20
CA GLY B 134 -2.44 -39.65 33.87
C GLY B 134 -3.46 -39.28 32.80
N LYS B 135 -4.75 -39.36 33.13
CA LYS B 135 -5.84 -39.11 32.18
C LYS B 135 -6.69 -37.88 32.57
N GLY B 136 -6.16 -37.07 33.48
CA GLY B 136 -6.89 -35.90 33.99
C GLY B 136 -7.69 -36.14 35.27
N CYS B 137 -7.59 -37.34 35.85
CA CYS B 137 -8.30 -37.66 37.08
C CYS B 137 -7.36 -37.80 38.26
N PHE B 138 -7.94 -37.68 39.45
CA PHE B 138 -7.24 -37.86 40.71
C PHE B 138 -7.96 -38.96 41.48
N GLU B 139 -7.21 -40.00 41.83
CA GLU B 139 -7.72 -41.06 42.70
C GLU B 139 -7.51 -40.62 44.15
N ILE B 140 -8.62 -40.44 44.86
CA ILE B 140 -8.62 -39.88 46.21
C ILE B 140 -8.60 -41.04 47.20
N TYR B 141 -7.60 -41.05 48.09
CA TYR B 141 -7.36 -42.19 49.00
C TYR B 141 -8.07 -42.09 50.36
N HIS B 142 -9.16 -41.33 50.43
CA HIS B 142 -10.06 -41.32 51.58
C HIS B 142 -11.50 -41.26 51.07
N ALA B 143 -12.43 -41.60 51.96
CA ALA B 143 -13.84 -41.40 51.67
C ALA B 143 -14.08 -39.91 51.44
N CYS B 144 -14.57 -39.57 50.26
CA CYS B 144 -14.81 -38.17 49.87
C CYS B 144 -16.23 -38.06 49.35
N ASP B 145 -17.15 -37.75 50.27
CA ASP B 145 -18.57 -37.65 49.98
C ASP B 145 -18.94 -36.39 49.18
N ASP B 146 -20.23 -36.14 48.96
CA ASP B 146 -20.66 -35.01 48.13
C ASP B 146 -20.20 -33.64 48.64
N SER B 147 -20.23 -33.45 49.97
CA SER B 147 -19.75 -32.20 50.56
C SER B 147 -18.23 -32.06 50.38
N CYS B 148 -17.50 -33.17 50.51
CA CYS B 148 -16.06 -33.22 50.23
C CYS B 148 -15.75 -32.87 48.78
N MET B 149 -16.49 -33.46 47.84
CA MET B 149 -16.33 -33.16 46.41
C MET B 149 -16.63 -31.68 46.12
N GLU B 150 -17.70 -31.17 46.72
CA GLU B 150 -18.06 -29.75 46.60
C GLU B 150 -16.97 -28.82 47.15
N SER B 151 -16.31 -29.23 48.24
CA SER B 151 -15.20 -28.43 48.81
C SER B 151 -14.01 -28.35 47.85
N ILE B 152 -13.76 -29.42 47.10
CA ILE B 152 -12.70 -29.42 46.07
C ILE B 152 -13.05 -28.43 44.95
N ARG B 153 -14.30 -28.48 44.48
CA ARG B 153 -14.77 -27.54 43.45
C ARG B 153 -14.76 -26.08 43.93
N ASN B 154 -15.06 -25.87 45.22
CA ASN B 154 -15.10 -24.53 45.84
C ASN B 154 -13.75 -23.93 46.26
N ASN B 155 -12.69 -24.75 46.28
CA ASN B 155 -11.40 -24.36 46.87
C ASN B 155 -11.48 -24.16 48.40
N THR B 156 -12.34 -24.94 49.07
CA THR B 156 -12.40 -24.99 50.54
C THR B 156 -11.98 -26.35 51.12
N TYR B 157 -11.48 -27.25 50.25
CA TYR B 157 -11.02 -28.57 50.69
C TYR B 157 -9.83 -28.43 51.64
N ASN B 158 -9.90 -29.11 52.77
CA ASN B 158 -8.88 -29.05 53.81
C ASN B 158 -8.15 -30.38 53.84
N HIS B 159 -6.98 -30.44 53.20
CA HIS B 159 -6.21 -31.69 53.09
C HIS B 159 -5.84 -32.28 54.46
N SER B 160 -5.57 -31.40 55.43
CA SER B 160 -5.18 -31.80 56.79
C SER B 160 -6.22 -32.67 57.49
N GLN B 161 -7.49 -32.40 57.20
CA GLN B 161 -8.61 -33.17 57.76
C GLN B 161 -8.52 -34.66 57.43
N TYR B 162 -8.11 -34.97 56.20
CA TYR B 162 -8.11 -36.34 55.68
C TYR B 162 -6.72 -37.00 55.55
N ARG B 163 -5.66 -36.27 55.89
CA ARG B 163 -4.29 -36.71 55.60
C ARG B 163 -3.91 -38.06 56.23
N GLU B 164 -4.25 -38.25 57.51
CA GLU B 164 -3.96 -39.50 58.21
C GLU B 164 -4.61 -40.70 57.51
N GLU B 165 -5.91 -40.59 57.24
CA GLU B 165 -6.66 -41.62 56.51
C GLU B 165 -6.05 -41.91 55.14
N ALA B 166 -5.74 -40.85 54.40
CA ALA B 166 -5.21 -40.97 53.04
C ALA B 166 -3.85 -41.66 52.99
N LEU B 167 -2.93 -41.26 53.87
CA LEU B 167 -1.57 -41.83 53.88
C LEU B 167 -1.57 -43.32 54.26
N LEU B 168 -2.44 -43.71 55.19
CA LEU B 168 -2.61 -45.12 55.54
C LEU B 168 -3.05 -45.97 54.34
N ASN B 169 -3.98 -45.43 53.55
CA ASN B 169 -4.45 -46.11 52.34
C ASN B 169 -3.43 -46.08 51.20
N ARG B 170 -2.75 -44.95 51.02
CA ARG B 170 -1.72 -44.82 49.97
C ARG B 170 -0.53 -45.74 50.19
N LEU B 171 -0.10 -45.87 51.44
CA LEU B 171 1.05 -46.72 51.81
C LEU B 171 0.65 -48.18 52.08
N ASN B 172 -0.65 -48.46 52.14
CA ASN B 172 -1.20 -49.80 52.37
C ASN B 172 -0.81 -50.34 53.75
N ILE B 173 -0.99 -49.49 54.78
CA ILE B 173 -0.66 -49.82 56.18
C ILE B 173 -1.84 -49.55 57.11
N ASN B 174 -3.07 -49.72 56.60
CA ASN B 174 -4.29 -49.43 57.35
C ASN B 174 -4.55 -50.60 58.30
N PRO B 175 -4.59 -50.35 59.64
CA PRO B 175 -4.78 -51.46 60.59
C PRO B 175 -6.20 -52.03 60.56
N ASP C 1 22.22 -46.14 43.15
CA ASP C 1 21.45 -47.37 43.53
C ASP C 1 20.11 -47.53 42.79
N PRO C 2 19.31 -46.44 42.65
CA PRO C 2 18.12 -46.55 41.80
C PRO C 2 18.48 -46.60 40.32
N ASP C 3 17.70 -47.32 39.53
CA ASP C 3 17.81 -47.27 38.06
C ASP C 3 17.31 -45.90 37.57
N LYS C 4 17.61 -45.57 36.32
CA LYS C 4 17.40 -44.22 35.82
C LYS C 4 16.88 -44.21 34.39
N ILE C 5 15.92 -43.33 34.13
CA ILE C 5 15.52 -42.99 32.76
C ILE C 5 15.56 -41.46 32.62
N CYS C 6 16.29 -41.00 31.60
CA CYS C 6 16.55 -39.58 31.37
C CYS C 6 15.87 -39.15 30.09
N LEU C 7 15.15 -38.03 30.15
CA LEU C 7 14.50 -37.46 28.97
C LEU C 7 15.43 -36.42 28.36
N GLY C 8 15.44 -36.33 27.04
CA GLY C 8 16.29 -35.39 26.34
C GLY C 8 15.82 -35.05 24.95
N HIS C 9 16.59 -34.18 24.30
CA HIS C 9 16.33 -33.74 22.94
C HIS C 9 17.63 -33.71 22.16
N HIS C 10 17.51 -33.67 20.83
CA HIS C 10 18.69 -33.68 19.97
C HIS C 10 19.40 -32.32 19.92
N ALA C 11 20.61 -32.33 19.40
CA ALA C 11 21.36 -31.12 19.10
C ALA C 11 22.28 -31.39 17.93
N VAL C 12 22.89 -30.33 17.40
CA VAL C 12 23.90 -30.44 16.34
C VAL C 12 25.12 -29.63 16.71
N ALA C 13 26.26 -30.00 16.14
CA ALA C 13 27.53 -29.32 16.42
C ALA C 13 27.46 -27.83 16.03
N ASN C 14 27.09 -27.59 14.78
CA ASN C 14 26.96 -26.24 14.22
C ASN C 14 25.49 -25.92 13.92
N GLY C 15 24.89 -25.09 14.76
CA GLY C 15 23.51 -24.62 14.55
C GLY C 15 23.43 -23.48 13.57
N THR C 16 22.21 -23.00 13.33
CA THR C 16 21.95 -21.87 12.43
C THR C 16 21.36 -20.71 13.24
N ILE C 17 21.81 -19.49 12.92
CA ILE C 17 21.37 -18.30 13.62
C ILE C 17 20.08 -17.77 12.97
N VAL C 18 19.07 -17.51 13.81
CA VAL C 18 17.82 -16.87 13.37
C VAL C 18 17.49 -15.72 14.31
N LYS C 19 16.55 -14.87 13.89
CA LYS C 19 16.04 -13.79 14.71
C LYS C 19 14.65 -14.15 15.23
N THR C 20 14.41 -13.85 16.50
CA THR C 20 13.10 -14.04 17.14
C THR C 20 12.58 -12.67 17.57
N LEU C 21 11.45 -12.65 18.27
CA LEU C 21 10.89 -11.40 18.83
C LEU C 21 11.80 -10.78 19.89
N THR C 22 12.53 -11.62 20.63
CA THR C 22 13.33 -11.20 21.79
C THR C 22 14.85 -11.35 21.63
N ASN C 23 15.31 -11.92 20.50
CA ASN C 23 16.73 -12.25 20.34
C ASN C 23 17.16 -12.20 18.86
N GLU C 24 18.11 -11.33 18.55
CA GLU C 24 18.63 -11.19 17.18
C GLU C 24 19.61 -12.30 16.78
N GLN C 25 20.15 -13.05 17.76
CA GLN C 25 21.13 -14.11 17.50
C GLN C 25 20.76 -15.39 18.26
N GLU C 26 19.63 -15.98 17.88
CA GLU C 26 19.15 -17.23 18.46
C GLU C 26 19.64 -18.41 17.62
N GLU C 27 20.36 -19.34 18.24
CA GLU C 27 20.87 -20.52 17.54
C GLU C 27 19.85 -21.66 17.59
N VAL C 28 19.46 -22.15 16.41
CA VAL C 28 18.53 -23.29 16.28
C VAL C 28 19.20 -24.43 15.50
N THR C 29 18.60 -25.61 15.55
CA THR C 29 19.17 -26.81 14.92
C THR C 29 19.13 -26.77 13.38
N ASN C 30 18.15 -26.07 12.83
CA ASN C 30 18.02 -25.92 11.39
C ASN C 30 17.12 -24.73 11.06
N ALA C 31 17.34 -24.15 9.88
CA ALA C 31 16.48 -23.08 9.38
C ALA C 31 16.47 -23.10 7.86
N THR C 32 15.53 -22.37 7.27
CA THR C 32 15.40 -22.29 5.82
C THR C 32 15.12 -20.86 5.38
N GLU C 33 15.62 -20.52 4.19
CA GLU C 33 15.54 -19.17 3.65
C GLU C 33 14.12 -18.86 3.17
N THR C 34 13.65 -17.63 3.41
CA THR C 34 12.34 -17.15 2.93
C THR C 34 12.43 -16.05 1.86
N VAL C 35 13.61 -15.46 1.68
CA VAL C 35 13.85 -14.44 0.65
C VAL C 35 14.70 -15.03 -0.48
N GLU C 36 14.13 -15.13 -1.68
CA GLU C 36 14.86 -15.65 -2.84
C GLU C 36 15.87 -14.62 -3.34
N SER C 37 17.14 -15.05 -3.46
CA SER C 37 18.23 -14.21 -3.99
C SER C 37 18.70 -14.59 -5.39
N THR C 38 18.25 -15.74 -5.91
CA THR C 38 18.71 -16.25 -7.20
C THR C 38 17.62 -16.14 -8.27
N SER C 39 18.04 -15.85 -9.50
CA SER C 39 17.16 -15.79 -10.65
C SER C 39 17.74 -16.65 -11.77
N LEU C 40 16.86 -17.23 -12.59
CA LEU C 40 17.28 -17.89 -13.83
C LEU C 40 17.52 -16.78 -14.85
N ASN C 41 18.68 -16.79 -15.49
CA ASN C 41 19.05 -15.75 -16.45
C ASN C 41 18.53 -16.06 -17.87
N ARG C 42 17.32 -16.61 -17.95
CA ARG C 42 16.63 -16.84 -19.22
C ARG C 42 15.16 -16.50 -19.03
N LEU C 43 14.47 -16.25 -20.14
CA LEU C 43 13.02 -16.15 -20.15
C LEU C 43 12.46 -17.54 -20.43
N CYS C 44 11.86 -18.12 -19.39
CA CYS C 44 11.35 -19.48 -19.45
C CYS C 44 9.98 -19.48 -20.14
N MET C 45 9.97 -19.87 -21.41
CA MET C 45 8.79 -19.69 -22.28
C MET C 45 8.04 -20.98 -22.62
N LYS C 46 8.34 -22.09 -21.95
CA LYS C 46 7.60 -23.35 -22.17
C LYS C 46 6.13 -23.17 -21.78
N GLY C 47 5.23 -23.68 -22.62
CA GLY C 47 3.79 -23.53 -22.43
C GLY C 47 3.22 -22.17 -22.81
N ARG C 48 4.01 -21.34 -23.50
CA ARG C 48 3.59 -20.01 -23.92
C ARG C 48 3.81 -19.85 -25.42
N ASN C 49 2.76 -19.43 -26.13
CA ASN C 49 2.88 -18.95 -27.50
C ASN C 49 3.44 -17.52 -27.44
N HIS C 50 4.78 -17.42 -27.45
CA HIS C 50 5.46 -16.15 -27.21
C HIS C 50 5.98 -15.52 -28.50
N LYS C 51 6.15 -14.20 -28.47
CA LYS C 51 6.78 -13.45 -29.57
C LYS C 51 7.92 -12.62 -28.99
N ASP C 52 9.14 -12.89 -29.46
CA ASP C 52 10.31 -12.07 -29.17
C ASP C 52 10.43 -11.02 -30.26
N LEU C 53 10.25 -9.76 -29.89
CA LEU C 53 10.29 -8.66 -30.85
C LEU C 53 11.69 -8.31 -31.35
N GLY C 54 12.73 -8.69 -30.62
CA GLY C 54 14.10 -8.35 -31.02
C GLY C 54 14.28 -6.85 -31.07
N ASN C 55 14.78 -6.33 -32.18
CA ASN C 55 14.96 -4.87 -32.36
C ASN C 55 13.69 -4.13 -32.87
N CYS C 56 12.54 -4.79 -32.87
CA CYS C 56 11.25 -4.18 -33.21
C CYS C 56 10.56 -3.63 -31.96
N HIS C 57 10.28 -2.32 -31.95
CA HIS C 57 9.53 -1.69 -30.86
C HIS C 57 8.04 -1.96 -31.09
N PRO C 58 7.26 -2.19 -30.01
CA PRO C 58 5.81 -2.47 -30.15
C PRO C 58 5.03 -1.51 -31.06
N ILE C 59 5.25 -0.21 -30.94
CA ILE C 59 4.62 0.80 -31.81
C ILE C 59 5.01 0.61 -33.29
N GLY C 60 6.25 0.19 -33.53
CA GLY C 60 6.69 -0.18 -34.88
C GLY C 60 5.87 -1.26 -35.58
N MET C 61 5.22 -2.12 -34.79
CA MET C 61 4.33 -3.16 -35.33
C MET C 61 3.10 -2.55 -36.00
N LEU C 62 2.61 -1.43 -35.46
CA LEU C 62 1.41 -0.76 -35.97
C LEU C 62 1.66 0.11 -37.20
N ILE C 63 2.79 0.82 -37.20
CA ILE C 63 3.15 1.71 -38.33
C ILE C 63 3.98 1.02 -39.41
N GLY C 64 4.66 -0.07 -39.08
CA GLY C 64 5.38 -0.89 -40.07
C GLY C 64 6.80 -0.41 -40.33
N THR C 65 7.54 -0.12 -39.26
CA THR C 65 8.96 0.17 -39.34
C THR C 65 9.68 -1.07 -39.91
N PRO C 66 10.70 -0.89 -40.78
CA PRO C 66 11.35 -2.07 -41.39
C PRO C 66 11.80 -3.18 -40.43
N ALA C 67 12.31 -2.81 -39.26
CA ALA C 67 12.65 -3.77 -38.20
C ALA C 67 11.48 -4.65 -37.75
N CYS C 68 10.25 -4.17 -37.93
CA CYS C 68 9.04 -4.89 -37.55
C CYS C 68 8.35 -5.68 -38.66
N ASP C 69 8.97 -5.83 -39.83
CA ASP C 69 8.34 -6.50 -40.99
C ASP C 69 7.85 -7.93 -40.72
N LEU C 70 8.51 -8.66 -39.82
CA LEU C 70 8.07 -10.00 -39.41
C LEU C 70 7.04 -9.99 -38.27
N HIS C 71 6.63 -8.81 -37.81
CA HIS C 71 5.78 -8.65 -36.64
C HIS C 71 4.58 -7.71 -36.90
N LEU C 72 4.16 -7.61 -38.17
CA LEU C 72 3.03 -6.75 -38.56
C LEU C 72 1.68 -7.35 -38.15
N THR C 73 1.60 -8.67 -38.15
CA THR C 73 0.44 -9.40 -37.65
C THR C 73 0.91 -10.61 -36.87
N GLY C 74 -0.01 -11.19 -36.09
CA GLY C 74 0.27 -12.41 -35.36
C GLY C 74 -0.62 -12.59 -34.15
N THR C 75 -0.42 -13.71 -33.45
CA THR C 75 -1.08 -13.98 -32.18
C THR C 75 -0.02 -14.46 -31.18
N TRP C 76 -0.27 -14.18 -29.90
CA TRP C 76 0.64 -14.53 -28.82
C TRP C 76 -0.06 -14.43 -27.47
N ASP C 77 0.43 -15.14 -26.47
CA ASP C 77 0.03 -14.91 -25.07
C ASP C 77 1.07 -14.14 -24.27
N THR C 78 2.27 -14.01 -24.82
CA THR C 78 3.39 -13.34 -24.17
C THR C 78 4.19 -12.56 -25.22
N LEU C 79 4.42 -11.28 -24.97
CA LEU C 79 5.14 -10.40 -25.90
C LEU C 79 6.36 -9.83 -25.20
N ILE C 80 7.53 -10.03 -25.81
CA ILE C 80 8.82 -9.67 -25.20
C ILE C 80 9.43 -8.47 -25.94
N GLU C 81 9.58 -7.36 -25.22
CA GLU C 81 10.21 -6.14 -25.73
C GLU C 81 11.67 -6.09 -25.27
N ARG C 82 12.55 -5.65 -26.17
CA ARG C 82 13.99 -5.55 -25.88
C ARG C 82 14.48 -4.11 -25.84
N LYS C 83 15.63 -3.92 -25.20
CA LYS C 83 16.28 -2.62 -25.05
C LYS C 83 16.73 -2.06 -26.41
N ASN C 84 16.62 -0.74 -26.56
CA ASN C 84 16.99 -0.03 -27.80
C ASN C 84 16.27 -0.53 -29.06
N ALA C 85 15.04 -1.03 -28.90
CA ALA C 85 14.20 -1.44 -30.02
C ALA C 85 13.78 -0.20 -30.82
N ILE C 86 13.59 -0.38 -32.13
CA ILE C 86 13.34 0.71 -33.06
C ILE C 86 11.84 0.83 -33.37
N ALA C 87 11.30 2.02 -33.11
CA ALA C 87 9.95 2.40 -33.57
C ALA C 87 10.00 3.34 -34.77
N TYR C 88 10.88 4.35 -34.72
CA TYR C 88 10.88 5.44 -35.69
C TYR C 88 12.16 5.46 -36.52
N CYS C 89 12.06 4.95 -37.75
CA CYS C 89 13.19 5.00 -38.69
C CYS C 89 13.43 6.45 -39.14
N TYR C 90 12.36 7.17 -39.46
CA TYR C 90 12.41 8.61 -39.72
C TYR C 90 12.29 9.37 -38.39
N PRO C 91 13.04 10.49 -38.22
CA PRO C 91 12.97 11.23 -36.94
C PRO C 91 11.56 11.65 -36.52
N GLY C 92 11.23 11.46 -35.26
CA GLY C 92 9.92 11.86 -34.73
C GLY C 92 9.50 11.11 -33.47
N ALA C 93 8.22 11.22 -33.14
CA ALA C 93 7.66 10.63 -31.93
C ALA C 93 6.15 10.42 -32.07
N THR C 94 5.58 9.65 -31.15
CA THR C 94 4.12 9.44 -31.10
C THR C 94 3.54 10.26 -29.94
N VAL C 95 2.44 10.96 -30.19
CA VAL C 95 1.71 11.65 -29.13
C VAL C 95 0.93 10.59 -28.35
N ASN C 96 0.97 10.69 -27.02
CA ASN C 96 0.35 9.69 -26.12
C ASN C 96 0.98 8.31 -26.34
N GLU C 97 2.32 8.30 -26.39
CA GLU C 97 3.13 7.12 -26.73
C GLU C 97 3.09 6.02 -25.67
N LYS C 98 3.12 6.42 -24.40
CA LYS C 98 3.17 5.46 -23.29
C LYS C 98 1.89 4.64 -23.18
N ALA C 99 0.74 5.30 -23.35
CA ALA C 99 -0.56 4.62 -23.38
C ALA C 99 -0.66 3.63 -24.53
N LEU C 100 -0.16 4.01 -25.71
CA LEU C 100 -0.19 3.15 -26.89
C LEU C 100 0.65 1.89 -26.69
N ARG C 101 1.89 2.06 -26.22
CA ARG C 101 2.80 0.93 -25.98
C ARG C 101 2.21 -0.05 -24.98
N GLN C 102 1.68 0.49 -23.87
CA GLN C 102 1.02 -0.33 -22.84
C GLN C 102 -0.15 -1.15 -23.40
N LYS C 103 -0.95 -0.54 -24.26
CA LYS C 103 -2.08 -1.24 -24.92
C LYS C 103 -1.60 -2.40 -25.80
N ILE C 104 -0.54 -2.16 -26.57
CA ILE C 104 0.04 -3.21 -27.43
C ILE C 104 0.62 -4.35 -26.58
N MET C 105 1.35 -3.97 -25.53
CA MET C 105 1.97 -4.95 -24.62
C MET C 105 0.98 -5.72 -23.74
N GLU C 106 -0.26 -5.23 -23.63
CA GLU C 106 -1.36 -5.96 -22.98
C GLU C 106 -2.15 -6.88 -23.93
N SER C 107 -1.92 -6.76 -25.24
CA SER C 107 -2.70 -7.50 -26.23
C SER C 107 -2.23 -8.95 -26.38
N GLY C 108 -3.06 -9.75 -27.05
CA GLY C 108 -2.71 -11.11 -27.43
C GLY C 108 -2.58 -11.33 -28.92
N GLY C 109 -2.31 -10.26 -29.67
CA GLY C 109 -2.20 -10.35 -31.13
C GLY C 109 -2.58 -9.06 -31.84
N ILE C 110 -2.22 -9.00 -33.12
CA ILE C 110 -2.56 -7.89 -34.00
C ILE C 110 -3.02 -8.46 -35.34
N SER C 111 -4.12 -7.93 -35.87
CA SER C 111 -4.49 -8.15 -37.27
C SER C 111 -4.55 -6.80 -37.96
N LYS C 112 -4.45 -6.80 -39.29
CA LYS C 112 -4.41 -5.58 -40.08
C LYS C 112 -5.55 -5.56 -41.10
N ILE C 113 -6.16 -4.38 -41.29
CA ILE C 113 -7.30 -4.20 -42.18
C ILE C 113 -7.03 -3.00 -43.10
N ASN C 114 -7.23 -3.18 -44.40
CA ASN C 114 -6.99 -2.10 -45.38
C ASN C 114 -7.95 -0.92 -45.18
N THR C 115 -7.42 0.29 -45.31
CA THR C 115 -8.23 1.51 -45.24
C THR C 115 -8.96 1.77 -46.57
N GLY C 116 -8.33 1.38 -47.67
CA GLY C 116 -8.87 1.61 -49.02
C GLY C 116 -8.66 3.02 -49.55
N PHE C 117 -7.81 3.81 -48.89
CA PHE C 117 -7.61 5.22 -49.28
C PHE C 117 -6.91 5.29 -50.63
N THR C 118 -7.41 6.17 -51.50
CA THR C 118 -6.80 6.42 -52.81
C THR C 118 -6.57 7.93 -53.00
N TYR C 119 -5.73 8.25 -53.98
CA TYR C 119 -5.22 9.62 -54.18
C TYR C 119 -5.14 9.93 -55.66
N GLY C 120 -5.47 11.18 -56.01
CA GLY C 120 -5.50 11.62 -57.40
C GLY C 120 -4.13 11.70 -58.05
N SER C 121 -4.14 11.90 -59.37
CA SER C 121 -2.93 11.84 -60.19
C SER C 121 -1.86 12.90 -59.87
N SER C 122 -2.27 14.03 -59.27
CA SER C 122 -1.32 15.06 -58.86
C SER C 122 -0.65 14.79 -57.49
N ILE C 123 -1.04 13.70 -56.81
CA ILE C 123 -0.37 13.25 -55.59
C ILE C 123 0.56 12.09 -55.89
N ASN C 124 1.80 12.18 -55.40
CA ASN C 124 2.70 11.04 -55.30
C ASN C 124 2.48 10.44 -53.92
N SER C 125 1.87 9.25 -53.87
CA SER C 125 1.61 8.54 -52.61
C SER C 125 2.73 7.58 -52.20
N ALA C 126 3.79 7.50 -53.00
CA ALA C 126 4.91 6.59 -52.76
C ALA C 126 6.18 7.32 -52.32
N GLY C 127 6.03 8.31 -51.44
CA GLY C 127 7.18 9.02 -50.86
C GLY C 127 8.02 8.08 -50.01
N THR C 128 9.34 8.17 -50.15
CA THR C 128 10.28 7.33 -49.42
C THR C 128 11.39 8.17 -48.80
N THR C 129 12.27 7.52 -48.04
CA THR C 129 13.36 8.22 -47.36
C THR C 129 14.53 7.26 -47.10
N LYS C 130 15.74 7.82 -47.11
CA LYS C 130 16.97 7.07 -46.79
C LYS C 130 16.98 6.53 -45.35
N ALA C 131 16.25 7.19 -44.45
CA ALA C 131 16.14 6.76 -43.05
C ALA C 131 15.42 5.42 -42.84
N CYS C 132 14.55 5.03 -43.77
CA CYS C 132 13.77 3.79 -43.68
C CYS C 132 14.11 2.87 -44.84
N MET C 133 15.20 2.11 -44.69
CA MET C 133 15.67 1.22 -45.75
C MET C 133 14.97 -0.14 -45.69
N ARG C 134 14.59 -0.67 -46.85
CA ARG C 134 13.95 -1.99 -46.97
C ARG C 134 14.32 -2.64 -48.31
N ASN C 135 14.83 -3.87 -48.24
CA ASN C 135 15.21 -4.66 -49.43
C ASN C 135 16.20 -3.93 -50.35
N GLY C 136 17.19 -3.27 -49.75
CA GLY C 136 18.24 -2.58 -50.49
C GLY C 136 17.84 -1.29 -51.20
N GLY C 137 16.92 -0.53 -50.60
CA GLY C 137 16.46 0.73 -51.20
C GLY C 137 15.68 1.63 -50.25
N ASN C 138 15.57 2.90 -50.63
CA ASN C 138 14.77 3.88 -49.86
C ASN C 138 13.32 3.40 -49.78
N SER C 139 12.75 3.48 -48.58
CA SER C 139 11.39 2.99 -48.36
C SER C 139 10.68 3.87 -47.33
N PHE C 140 9.62 3.34 -46.73
CA PHE C 140 8.83 4.07 -45.75
C PHE C 140 8.11 3.07 -44.86
N TYR C 141 7.50 3.59 -43.80
CA TYR C 141 6.63 2.79 -42.92
C TYR C 141 5.63 2.00 -43.76
N ALA C 142 5.59 0.68 -43.59
CA ALA C 142 4.79 -0.21 -44.43
C ALA C 142 3.29 0.02 -44.37
N GLU C 143 2.80 0.47 -43.21
CA GLU C 143 1.36 0.68 -42.99
C GLU C 143 0.87 2.11 -43.25
N LEU C 144 1.76 2.97 -43.73
CA LEU C 144 1.46 4.37 -44.00
C LEU C 144 1.96 4.79 -45.38
N LYS C 145 1.46 5.93 -45.86
CA LYS C 145 1.87 6.48 -47.15
C LYS C 145 2.26 7.94 -46.99
N TRP C 146 3.46 8.29 -47.45
CA TRP C 146 3.92 9.69 -47.47
C TRP C 146 3.40 10.33 -48.76
N LEU C 147 2.42 11.20 -48.61
CA LEU C 147 1.77 11.87 -49.74
C LEU C 147 2.46 13.20 -50.00
N VAL C 148 2.91 13.42 -51.24
CA VAL C 148 3.47 14.72 -51.65
C VAL C 148 2.94 15.10 -53.02
N SER C 149 3.13 16.36 -53.42
CA SER C 149 2.76 16.81 -54.76
C SER C 149 3.67 16.13 -55.78
N LYS C 150 3.08 15.64 -56.86
CA LYS C 150 3.85 14.97 -57.92
C LYS C 150 4.76 15.96 -58.66
N ASN C 151 4.25 17.16 -58.90
CA ASN C 151 5.04 18.26 -59.48
C ASN C 151 5.57 19.14 -58.35
N LYS C 152 6.89 19.32 -58.31
CA LYS C 152 7.55 20.11 -57.26
C LYS C 152 7.04 21.55 -57.26
N GLY C 153 6.66 22.04 -56.07
CA GLY C 153 6.18 23.42 -55.91
C GLY C 153 4.69 23.63 -56.07
N GLN C 154 3.99 22.65 -56.64
CA GLN C 154 2.55 22.76 -56.90
C GLN C 154 1.74 22.49 -55.63
N ASN C 155 0.61 23.17 -55.50
CA ASN C 155 -0.28 23.00 -54.36
C ASN C 155 -0.88 21.60 -54.32
N PHE C 156 -0.68 20.91 -53.20
CA PHE C 156 -1.26 19.59 -52.93
C PHE C 156 -2.79 19.76 -52.87
N PRO C 157 -3.54 18.93 -53.63
CA PRO C 157 -4.99 19.13 -53.72
C PRO C 157 -5.75 18.76 -52.44
N GLN C 158 -6.85 19.48 -52.17
CA GLN C 158 -7.70 19.19 -51.02
C GLN C 158 -8.29 17.79 -51.18
N THR C 159 -8.02 16.93 -50.19
CA THR C 159 -8.35 15.51 -50.26
C THR C 159 -9.12 15.11 -49.01
N THR C 160 -10.11 14.23 -49.18
CA THR C 160 -10.89 13.69 -48.06
C THR C 160 -11.00 12.17 -48.20
N ASN C 161 -10.59 11.44 -47.16
CA ASN C 161 -10.61 9.97 -47.13
C ASN C 161 -11.34 9.50 -45.87
N THR C 162 -12.12 8.43 -45.99
CA THR C 162 -12.92 7.90 -44.88
C THR C 162 -12.64 6.41 -44.67
N TYR C 163 -12.30 6.04 -43.43
CA TYR C 163 -12.24 4.64 -43.02
C TYR C 163 -13.49 4.31 -42.20
N ARG C 164 -14.25 3.32 -42.65
CA ARG C 164 -15.37 2.78 -41.89
C ARG C 164 -14.97 1.45 -41.24
N ASN C 165 -15.19 1.34 -39.93
CA ASN C 165 -15.01 0.09 -39.23
C ASN C 165 -16.22 -0.81 -39.47
N ALA C 166 -16.07 -1.79 -40.37
CA ALA C 166 -17.12 -2.76 -40.70
C ALA C 166 -17.13 -4.00 -39.79
N ASP C 167 -16.25 -4.01 -38.79
CA ASP C 167 -16.08 -5.13 -37.86
C ASP C 167 -16.99 -4.95 -36.63
N THR C 168 -17.07 -5.98 -35.80
CA THR C 168 -17.80 -5.93 -34.53
C THR C 168 -16.93 -5.58 -33.31
N ALA C 169 -15.62 -5.36 -33.54
CA ALA C 169 -14.69 -4.95 -32.48
C ALA C 169 -13.97 -3.66 -32.89
N GLU C 170 -13.50 -2.92 -31.90
CA GLU C 170 -12.82 -1.64 -32.13
C GLU C 170 -11.47 -1.83 -32.85
N HIS C 171 -11.16 -0.88 -33.73
CA HIS C 171 -9.88 -0.85 -34.46
C HIS C 171 -9.06 0.34 -34.01
N LEU C 172 -7.74 0.22 -34.13
CA LEU C 172 -6.79 1.27 -33.76
C LEU C 172 -6.20 1.83 -35.05
N ILE C 173 -6.41 3.13 -35.28
CA ILE C 173 -5.93 3.80 -36.48
C ILE C 173 -4.83 4.78 -36.10
N MET C 174 -3.75 4.80 -36.89
CA MET C 174 -2.63 5.70 -36.69
C MET C 174 -2.40 6.52 -37.95
N TRP C 175 -1.94 7.75 -37.76
CA TRP C 175 -1.52 8.59 -38.86
C TRP C 175 -0.38 9.47 -38.39
N GLY C 176 0.30 10.08 -39.35
CA GLY C 176 1.42 10.97 -39.06
C GLY C 176 1.22 12.34 -39.64
N ILE C 177 1.97 13.30 -39.11
CA ILE C 177 2.03 14.66 -39.65
C ILE C 177 3.50 14.95 -39.92
N HIS C 178 3.83 15.30 -41.16
CA HIS C 178 5.19 15.69 -41.52
C HIS C 178 5.41 17.17 -41.20
N HIS C 179 6.52 17.45 -40.53
CA HIS C 179 6.90 18.80 -40.13
C HIS C 179 8.19 19.16 -40.88
N PRO C 180 8.07 19.93 -41.98
CA PRO C 180 9.26 20.25 -42.78
C PRO C 180 10.32 21.08 -42.05
N SER C 181 11.56 21.00 -42.52
CA SER C 181 12.69 21.71 -41.93
C SER C 181 12.83 23.16 -42.37
N SER C 182 12.20 23.51 -43.51
CA SER C 182 12.27 24.87 -44.06
C SER C 182 11.06 25.21 -44.92
N THR C 183 10.88 26.50 -45.18
CA THR C 183 9.81 27.01 -46.06
C THR C 183 9.97 26.48 -47.48
N GLN C 184 11.21 26.48 -47.99
CA GLN C 184 11.50 25.98 -49.33
C GLN C 184 11.14 24.50 -49.48
N GLU C 185 11.47 23.69 -48.46
CA GLU C 185 11.12 22.27 -48.45
C GLU C 185 9.59 22.08 -48.40
N LYS C 186 8.93 22.80 -47.50
CA LYS C 186 7.47 22.79 -47.39
C LYS C 186 6.81 23.15 -48.72
N ASN C 187 7.30 24.21 -49.37
CA ASN C 187 6.78 24.64 -50.67
C ASN C 187 7.00 23.58 -51.76
N ASP C 188 8.17 22.96 -51.77
CA ASP C 188 8.49 21.91 -52.75
C ASP C 188 7.58 20.69 -52.63
N LEU C 189 7.28 20.26 -51.41
CA LEU C 189 6.48 19.05 -51.17
C LEU C 189 4.97 19.28 -51.29
N TYR C 190 4.48 20.39 -50.75
CA TYR C 190 3.04 20.64 -50.60
C TYR C 190 2.49 21.93 -51.24
N GLY C 191 3.38 22.77 -51.78
CA GLY C 191 2.99 24.07 -52.34
C GLY C 191 2.99 25.21 -51.34
N THR C 192 2.74 26.42 -51.84
CA THR C 192 2.78 27.65 -51.02
C THR C 192 1.54 27.89 -50.16
N GLN C 193 0.46 27.16 -50.42
CA GLN C 193 -0.81 27.31 -49.67
C GLN C 193 -0.68 27.02 -48.17
N SER C 194 -1.62 27.55 -47.40
CA SER C 194 -1.73 27.27 -45.97
C SER C 194 -2.19 25.82 -45.76
N LEU C 195 -1.44 25.06 -44.95
CA LEU C 195 -1.69 23.62 -44.76
C LEU C 195 -2.52 23.36 -43.52
N SER C 196 -3.47 22.42 -43.64
CA SER C 196 -4.32 22.02 -42.53
C SER C 196 -4.77 20.56 -42.70
N ILE C 197 -4.76 19.81 -41.60
CA ILE C 197 -5.25 18.44 -41.57
C ILE C 197 -6.30 18.36 -40.46
N SER C 198 -7.49 17.86 -40.80
CA SER C 198 -8.52 17.60 -39.79
C SER C 198 -8.90 16.13 -39.80
N VAL C 199 -9.21 15.61 -38.61
CA VAL C 199 -9.60 14.22 -38.42
C VAL C 199 -10.86 14.23 -37.56
N GLY C 200 -11.88 13.48 -37.98
CA GLY C 200 -13.17 13.48 -37.30
C GLY C 200 -13.93 12.17 -37.39
N SER C 201 -14.32 11.64 -36.22
CA SER C 201 -15.21 10.50 -36.12
C SER C 201 -16.41 10.87 -35.23
N SER C 202 -17.20 9.87 -34.81
CA SER C 202 -18.26 10.08 -33.82
C SER C 202 -17.73 10.21 -32.39
N THR C 203 -16.51 9.73 -32.15
CA THR C 203 -15.89 9.74 -30.81
C THR C 203 -14.61 10.58 -30.70
N TYR C 204 -14.13 11.14 -31.83
CA TYR C 204 -12.84 11.82 -31.87
C TYR C 204 -12.87 13.01 -32.84
N LYS C 205 -12.20 14.09 -32.46
CA LYS C 205 -12.05 15.26 -33.31
C LYS C 205 -10.73 15.95 -32.99
N ASN C 206 -9.97 16.29 -34.04
CA ASN C 206 -8.72 17.04 -33.88
C ASN C 206 -8.32 17.67 -35.20
N SER C 207 -7.46 18.67 -35.13
CA SER C 207 -6.87 19.30 -36.31
C SER C 207 -5.38 19.51 -36.08
N PHE C 208 -4.63 19.54 -37.19
CA PHE C 208 -3.16 19.58 -37.16
C PHE C 208 -2.64 20.54 -38.24
N VAL C 209 -1.53 21.20 -37.94
CA VAL C 209 -0.86 22.09 -38.89
C VAL C 209 0.62 21.70 -38.91
N PRO C 210 1.18 21.41 -40.12
CA PRO C 210 2.62 21.21 -40.24
C PRO C 210 3.39 22.45 -39.83
N VAL C 211 4.29 22.29 -38.86
CA VAL C 211 5.13 23.39 -38.37
C VAL C 211 6.48 23.37 -39.10
N VAL C 212 6.78 24.49 -39.75
CA VAL C 212 8.06 24.70 -40.43
C VAL C 212 8.99 25.35 -39.43
N GLY C 213 10.18 24.79 -39.27
CA GLY C 213 11.16 25.33 -38.32
C GLY C 213 12.51 24.68 -38.45
N ALA C 214 13.56 25.46 -38.23
CA ALA C 214 14.93 24.96 -38.27
C ALA C 214 15.17 24.03 -37.08
N ARG C 215 15.77 22.88 -37.36
CA ARG C 215 16.09 21.87 -36.33
C ARG C 215 17.39 21.16 -36.69
N PRO C 216 18.07 20.58 -35.70
CA PRO C 216 19.26 19.76 -36.00
C PRO C 216 18.91 18.48 -36.76
N GLN C 217 19.86 17.98 -37.53
CA GLN C 217 19.69 16.74 -38.28
C GLN C 217 19.78 15.54 -37.34
N VAL C 218 18.80 14.64 -37.44
CA VAL C 218 18.83 13.34 -36.79
C VAL C 218 18.91 12.33 -37.93
N ASN C 219 20.01 11.58 -37.98
CA ASN C 219 20.34 10.69 -39.11
C ASN C 219 20.30 11.44 -40.45
N GLY C 220 20.89 12.64 -40.46
CA GLY C 220 20.95 13.50 -41.66
C GLY C 220 19.65 14.20 -42.06
N LEU C 221 18.67 14.27 -41.16
CA LEU C 221 17.32 14.77 -41.48
C LEU C 221 16.81 15.75 -40.43
N SER C 222 16.52 16.98 -40.87
CA SER C 222 15.92 18.00 -40.00
C SER C 222 14.40 17.94 -39.97
N GLY C 223 13.80 17.25 -40.94
CA GLY C 223 12.36 16.98 -40.93
C GLY C 223 11.96 16.07 -39.77
N ARG C 224 10.67 16.11 -39.42
CA ARG C 224 10.11 15.25 -38.38
C ARG C 224 8.76 14.71 -38.85
N ILE C 225 8.45 13.46 -38.49
CA ILE C 225 7.10 12.91 -38.67
C ILE C 225 6.60 12.46 -37.30
N ASP C 226 5.58 13.14 -36.79
CA ASP C 226 4.95 12.78 -35.52
C ASP C 226 3.67 11.98 -35.74
N PHE C 227 3.46 10.97 -34.91
CA PHE C 227 2.32 10.07 -35.04
C PHE C 227 1.24 10.35 -34.02
N HIS C 228 0.00 10.10 -34.43
CA HIS C 228 -1.19 10.27 -33.62
C HIS C 228 -2.05 9.04 -33.79
N TRP C 229 -2.91 8.76 -32.81
CA TRP C 229 -3.77 7.58 -32.88
C TRP C 229 -5.09 7.77 -32.14
N THR C 230 -6.05 6.94 -32.52
CA THR C 230 -7.31 6.82 -31.77
C THR C 230 -7.96 5.47 -32.08
N LEU C 231 -9.00 5.16 -31.32
CA LEU C 231 -9.80 3.96 -31.55
C LEU C 231 -11.02 4.29 -32.40
N VAL C 232 -11.32 3.44 -33.37
CA VAL C 232 -12.51 3.55 -34.20
C VAL C 232 -13.49 2.48 -33.74
N GLN C 233 -14.63 2.90 -33.20
CA GLN C 233 -15.62 1.96 -32.67
C GLN C 233 -16.34 1.20 -33.79
N PRO C 234 -16.91 0.00 -33.48
CA PRO C 234 -17.63 -0.79 -34.48
C PRO C 234 -18.74 0.00 -35.17
N GLY C 235 -18.76 -0.04 -36.50
CA GLY C 235 -19.75 0.69 -37.29
C GLY C 235 -19.49 2.17 -37.55
N ASP C 236 -18.49 2.75 -36.88
CA ASP C 236 -18.20 4.17 -37.01
C ASP C 236 -17.26 4.46 -38.19
N LYS C 237 -17.31 5.70 -38.67
CA LYS C 237 -16.43 6.22 -39.71
C LYS C 237 -15.44 7.20 -39.09
N ILE C 238 -14.24 7.28 -39.64
CA ILE C 238 -13.27 8.34 -39.31
C ILE C 238 -12.82 8.99 -40.61
N ILE C 239 -12.91 10.32 -40.67
CA ILE C 239 -12.73 11.08 -41.90
C ILE C 239 -11.51 11.97 -41.78
N PHE C 240 -10.60 11.85 -42.76
CA PHE C 240 -9.39 12.67 -42.85
C PHE C 240 -9.57 13.69 -43.96
N SER C 241 -9.43 14.97 -43.65
CA SER C 241 -9.43 16.03 -44.67
C SER C 241 -8.10 16.77 -44.60
N HIS C 242 -7.42 16.90 -45.73
CA HIS C 242 -6.03 17.36 -45.76
C HIS C 242 -5.62 17.94 -47.11
N ASN C 243 -4.66 18.87 -47.08
CA ASN C 243 -4.10 19.47 -48.28
C ASN C 243 -2.56 19.56 -48.25
N GLY C 244 -1.93 18.59 -47.60
CA GLY C 244 -0.46 18.51 -47.51
C GLY C 244 0.03 18.38 -46.08
N GLY C 245 0.85 17.37 -45.84
CA GLY C 245 1.43 17.13 -44.51
C GLY C 245 0.97 15.85 -43.84
N LEU C 246 -0.17 15.29 -44.28
CA LEU C 246 -0.65 14.03 -43.73
C LEU C 246 0.18 12.84 -44.21
N ILE C 247 0.57 12.00 -43.26
CA ILE C 247 1.12 10.68 -43.53
C ILE C 247 -0.06 9.74 -43.26
N ALA C 248 -0.66 9.23 -44.33
CA ALA C 248 -1.97 8.58 -44.25
C ALA C 248 -1.88 7.07 -44.06
N PRO C 249 -2.81 6.49 -43.28
CA PRO C 249 -2.81 5.04 -43.09
C PRO C 249 -3.31 4.28 -44.31
N SER C 250 -2.56 3.24 -44.70
CA SER C 250 -3.00 2.26 -45.70
C SER C 250 -3.67 1.05 -45.03
N ARG C 251 -3.32 0.80 -43.77
CA ARG C 251 -3.99 -0.21 -42.95
C ARG C 251 -4.26 0.33 -41.55
N VAL C 252 -5.27 -0.24 -40.89
CA VAL C 252 -5.52 -0.03 -39.47
C VAL C 252 -5.26 -1.33 -38.73
N SER C 253 -5.13 -1.25 -37.41
CA SER C 253 -4.84 -2.40 -36.56
C SER C 253 -6.06 -2.81 -35.74
N LYS C 254 -6.13 -4.10 -35.42
CA LYS C 254 -7.06 -4.60 -34.40
C LYS C 254 -6.23 -5.40 -33.40
N LEU C 255 -6.25 -4.97 -32.15
CA LEU C 255 -5.59 -5.68 -31.06
C LEU C 255 -6.54 -6.79 -30.58
N ILE C 256 -6.02 -8.01 -30.49
CA ILE C 256 -6.82 -9.22 -30.27
C ILE C 256 -6.49 -9.79 -28.89
N GLY C 257 -7.50 -9.94 -28.05
CA GLY C 257 -7.36 -10.63 -26.76
C GLY C 257 -6.41 -9.99 -25.77
N ARG C 258 -5.87 -10.82 -24.87
CA ARG C 258 -4.96 -10.35 -23.83
C ARG C 258 -3.69 -11.20 -23.78
N GLY C 259 -2.60 -10.57 -23.33
CA GLY C 259 -1.31 -11.25 -23.16
C GLY C 259 -0.45 -10.52 -22.14
N LEU C 260 0.63 -11.18 -21.73
CA LEU C 260 1.57 -10.63 -20.75
C LEU C 260 2.75 -9.95 -21.47
N GLY C 261 2.92 -8.66 -21.23
CA GLY C 261 4.06 -7.91 -21.78
C GLY C 261 5.28 -7.97 -20.87
N ILE C 262 6.42 -8.35 -21.43
CA ILE C 262 7.68 -8.43 -20.69
C ILE C 262 8.74 -7.54 -21.34
N GLN C 263 9.38 -6.70 -20.53
CA GLN C 263 10.59 -5.98 -20.92
C GLN C 263 11.77 -6.65 -20.23
N SER C 264 12.63 -7.32 -21.00
CA SER C 264 13.75 -8.07 -20.43
C SER C 264 14.96 -8.15 -21.35
N GLU C 265 16.12 -8.33 -20.72
CA GLU C 265 17.39 -8.51 -21.41
C GLU C 265 17.79 -9.98 -21.54
N ALA C 266 17.01 -10.90 -20.98
CA ALA C 266 17.41 -12.32 -20.87
C ALA C 266 17.06 -13.10 -22.15
N PRO C 267 17.92 -14.04 -22.57
CA PRO C 267 17.57 -14.89 -23.73
C PRO C 267 16.43 -15.85 -23.43
N ILE C 268 15.72 -16.27 -24.46
CA ILE C 268 14.59 -17.18 -24.30
C ILE C 268 15.08 -18.62 -24.12
N ASP C 269 14.37 -19.36 -23.27
CA ASP C 269 14.59 -20.80 -23.07
C ASP C 269 13.23 -21.48 -23.16
N ASN C 270 13.03 -22.29 -24.19
CA ASN C 270 11.75 -22.98 -24.43
C ASN C 270 11.57 -24.29 -23.65
N SER C 271 12.60 -24.74 -22.95
CA SER C 271 12.56 -26.01 -22.22
C SER C 271 12.10 -25.92 -20.76
N CYS C 272 11.81 -24.70 -20.26
CA CYS C 272 11.38 -24.50 -18.87
C CYS C 272 10.21 -23.51 -18.76
N GLU C 273 9.45 -23.64 -17.68
CA GLU C 273 8.24 -22.86 -17.41
C GLU C 273 8.47 -21.81 -16.33
N SER C 274 7.72 -20.72 -16.39
CA SER C 274 7.74 -19.70 -15.35
C SER C 274 6.47 -18.86 -15.36
N LYS C 275 6.14 -18.29 -14.20
CA LYS C 275 5.03 -17.34 -14.04
C LYS C 275 5.49 -15.92 -13.68
N CYS C 276 6.78 -15.73 -13.41
CA CYS C 276 7.31 -14.46 -12.90
C CYS C 276 8.54 -14.04 -13.68
N PHE C 277 8.53 -12.81 -14.19
CA PHE C 277 9.60 -12.29 -15.04
C PHE C 277 10.05 -10.90 -14.60
N TRP C 278 11.31 -10.61 -14.88
CA TRP C 278 11.90 -9.29 -14.60
C TRP C 278 12.99 -8.99 -15.65
N ARG C 279 13.64 -7.84 -15.53
CA ARG C 279 14.68 -7.41 -16.48
C ARG C 279 15.75 -8.48 -16.74
N GLY C 280 16.19 -9.15 -15.67
CA GLY C 280 17.24 -10.17 -15.71
C GLY C 280 16.82 -11.61 -16.00
N GLY C 281 15.52 -11.88 -16.13
CA GLY C 281 15.04 -13.21 -16.52
C GLY C 281 13.80 -13.69 -15.78
N SER C 282 13.86 -14.92 -15.26
CA SER C 282 12.70 -15.60 -14.66
C SER C 282 12.96 -15.96 -13.20
N ILE C 283 11.90 -15.93 -12.40
CA ILE C 283 11.96 -16.27 -10.98
C ILE C 283 11.02 -17.46 -10.75
N ASN C 284 11.59 -18.65 -10.55
CA ASN C 284 10.80 -19.89 -10.35
C ASN C 284 10.80 -20.38 -8.89
N THR C 285 10.92 -19.46 -7.95
CA THR C 285 11.01 -19.81 -6.54
C THR C 285 9.65 -20.16 -5.93
N ARG C 286 9.69 -21.04 -4.92
CA ARG C 286 8.53 -21.32 -4.07
C ARG C 286 8.45 -20.34 -2.88
N LEU C 287 9.50 -19.55 -2.67
CA LEU C 287 9.59 -18.68 -1.50
C LEU C 287 8.66 -17.47 -1.61
N PRO C 288 8.15 -16.97 -0.46
CA PRO C 288 7.19 -15.86 -0.47
C PRO C 288 7.77 -14.49 -0.83
N PHE C 289 9.08 -14.31 -0.64
CA PHE C 289 9.74 -13.02 -0.85
C PHE C 289 10.93 -13.15 -1.79
N GLN C 290 11.33 -12.02 -2.35
CA GLN C 290 12.50 -11.95 -3.24
C GLN C 290 13.20 -10.60 -3.10
N ASN C 291 14.50 -10.56 -3.38
CA ASN C 291 15.29 -9.32 -3.31
C ASN C 291 15.99 -8.98 -4.63
N LEU C 292 15.45 -9.50 -5.73
CA LEU C 292 16.04 -9.32 -7.06
C LEU C 292 15.68 -7.96 -7.64
N SER C 293 14.39 -7.63 -7.64
CA SER C 293 13.92 -6.35 -8.16
C SER C 293 12.49 -6.03 -7.70
N PRO C 294 12.21 -4.73 -7.44
CA PRO C 294 10.83 -4.29 -7.22
C PRO C 294 9.98 -4.27 -8.51
N ARG C 295 10.65 -4.24 -9.67
CA ARG C 295 9.97 -4.29 -10.97
C ARG C 295 9.90 -5.73 -11.48
N THR C 296 8.74 -6.36 -11.33
CA THR C 296 8.46 -7.70 -11.85
C THR C 296 7.08 -7.71 -12.51
N VAL C 297 6.84 -8.71 -13.35
CA VAL C 297 5.53 -8.94 -13.95
C VAL C 297 5.13 -10.41 -13.84
N GLY C 298 3.82 -10.65 -13.79
CA GLY C 298 3.25 -11.98 -13.64
C GLY C 298 2.88 -12.28 -12.20
N GLN C 299 2.94 -13.56 -11.83
CA GLN C 299 2.60 -14.01 -10.48
C GLN C 299 3.89 -14.21 -9.70
N CYS C 300 4.19 -13.29 -8.79
CA CYS C 300 5.54 -13.15 -8.24
C CYS C 300 5.60 -13.14 -6.71
N PRO C 301 6.75 -13.54 -6.14
CA PRO C 301 7.04 -13.24 -4.73
C PRO C 301 7.18 -11.73 -4.52
N LYS C 302 6.88 -11.28 -3.31
CA LYS C 302 6.89 -9.85 -3.00
C LYS C 302 8.32 -9.36 -2.75
N TYR C 303 8.65 -8.20 -3.31
CA TYR C 303 9.97 -7.62 -3.14
C TYR C 303 10.15 -7.12 -1.71
N VAL C 304 11.30 -7.44 -1.11
CA VAL C 304 11.67 -6.94 0.21
C VAL C 304 13.11 -6.43 0.19
N ASN C 305 13.39 -5.43 1.04
CA ASN C 305 14.73 -4.85 1.15
C ASN C 305 15.54 -5.60 2.22
N LYS C 306 15.77 -6.89 1.97
CA LYS C 306 16.49 -7.78 2.88
C LYS C 306 17.32 -8.79 2.09
N LYS C 307 18.55 -9.03 2.53
CA LYS C 307 19.43 -10.01 1.89
C LYS C 307 19.04 -11.43 2.27
N SER C 308 18.67 -11.62 3.53
CA SER C 308 18.30 -12.93 4.07
C SER C 308 17.29 -12.80 5.21
N LEU C 309 16.42 -13.80 5.33
CA LEU C 309 15.48 -13.88 6.44
C LEU C 309 15.17 -15.36 6.72
N MET C 310 15.86 -15.90 7.72
CA MET C 310 15.86 -17.35 7.97
C MET C 310 14.72 -17.76 8.90
N LEU C 311 13.93 -18.73 8.46
CA LEU C 311 12.80 -19.27 9.21
C LEU C 311 13.25 -20.55 9.91
N ALA C 312 13.10 -20.59 11.23
CA ALA C 312 13.52 -21.76 12.01
C ALA C 312 12.66 -22.97 11.65
N THR C 313 13.31 -24.11 11.45
CA THR C 313 12.66 -25.40 11.20
C THR C 313 13.09 -26.44 12.24
N GLY C 314 13.52 -25.95 13.41
CA GLY C 314 13.95 -26.80 14.51
C GLY C 314 14.02 -26.07 15.83
N MET C 315 14.24 -26.82 16.89
CA MET C 315 14.36 -26.28 18.25
C MET C 315 15.63 -25.48 18.48
N ARG C 316 15.70 -24.81 19.64
CA ARG C 316 16.95 -24.21 20.12
C ARG C 316 18.06 -25.26 20.14
N ASN C 317 19.24 -24.89 19.61
CA ASN C 317 20.38 -25.78 19.59
C ASN C 317 21.19 -25.55 20.86
N VAL C 318 21.31 -26.58 21.68
CA VAL C 318 22.05 -26.53 22.94
C VAL C 318 23.12 -27.64 22.89
N PRO C 319 24.30 -27.33 22.31
CA PRO C 319 25.32 -28.37 22.11
C PRO C 319 26.00 -28.82 23.41
N GLU C 320 26.64 -29.99 23.34
CA GLU C 320 27.29 -30.61 24.50
C GLU C 320 28.63 -29.95 24.78
N GLY D 1 13.57 -20.83 28.50
CA GLY D 1 12.43 -20.49 27.57
C GLY D 1 11.07 -20.68 28.20
N LEU D 2 10.02 -20.46 27.41
CA LEU D 2 8.64 -20.41 27.91
C LEU D 2 8.22 -21.62 28.75
N PHE D 3 8.57 -22.83 28.29
CA PHE D 3 8.15 -24.05 28.97
C PHE D 3 9.23 -24.68 29.87
N GLY D 4 10.40 -24.04 29.92
CA GLY D 4 11.40 -24.35 30.93
C GLY D 4 12.23 -25.61 30.75
N ALA D 5 12.04 -26.34 29.65
CA ALA D 5 12.72 -27.62 29.45
C ALA D 5 13.96 -27.47 28.56
N ILE D 6 13.76 -27.13 27.29
CA ILE D 6 14.87 -26.99 26.33
C ILE D 6 15.60 -25.68 26.65
N ALA D 7 16.92 -25.76 26.81
CA ALA D 7 17.75 -24.67 27.34
C ALA D 7 17.23 -24.19 28.71
N GLY D 8 16.73 -25.14 29.49
CA GLY D 8 16.13 -24.89 30.80
C GLY D 8 16.62 -25.96 31.75
N PHE D 9 15.71 -26.74 32.34
CA PHE D 9 16.13 -27.81 33.27
C PHE D 9 16.83 -28.98 32.57
N ILE D 10 16.61 -29.15 31.27
CA ILE D 10 17.44 -30.05 30.45
C ILE D 10 18.72 -29.26 30.14
N GLU D 11 19.85 -29.73 30.67
CA GLU D 11 21.12 -28.98 30.62
C GLU D 11 21.59 -28.73 29.19
N ASN D 12 21.53 -29.77 28.36
CA ASN D 12 21.88 -29.65 26.95
C ASN D 12 21.24 -30.76 26.11
N GLY D 13 21.33 -30.60 24.79
CA GLY D 13 20.84 -31.60 23.84
C GLY D 13 21.86 -32.71 23.63
N TRP D 14 21.41 -33.74 22.92
CA TRP D 14 22.22 -34.91 22.61
C TRP D 14 22.58 -34.92 21.12
N GLU D 15 23.85 -34.65 20.82
CA GLU D 15 24.34 -34.72 19.44
C GLU D 15 24.32 -36.14 18.87
N GLY D 16 24.46 -37.13 19.76
CA GLY D 16 24.39 -38.54 19.38
C GLY D 16 23.02 -39.08 18.99
N MET D 17 21.94 -38.37 19.37
CA MET D 17 20.59 -38.76 18.96
C MET D 17 20.28 -38.21 17.57
N VAL D 18 20.44 -39.08 16.56
CA VAL D 18 20.25 -38.72 15.15
C VAL D 18 18.94 -39.24 14.53
N ASP D 19 18.25 -40.15 15.23
CA ASP D 19 17.03 -40.78 14.71
C ASP D 19 15.72 -40.16 15.26
N GLY D 20 15.83 -39.03 15.95
CA GLY D 20 14.65 -38.34 16.49
C GLY D 20 14.99 -37.03 17.17
N TRP D 21 13.93 -36.26 17.47
CA TRP D 21 14.05 -34.94 18.07
C TRP D 21 14.06 -35.02 19.59
N TYR D 22 13.26 -35.95 20.13
CA TYR D 22 13.17 -36.20 21.56
C TYR D 22 13.37 -37.69 21.83
N GLY D 23 13.83 -38.02 23.03
CA GLY D 23 14.05 -39.42 23.36
C GLY D 23 14.47 -39.70 24.78
N PHE D 24 14.91 -40.95 24.98
CA PHE D 24 15.22 -41.48 26.29
C PHE D 24 16.65 -41.99 26.34
N ARG D 25 17.31 -41.80 27.47
CA ARG D 25 18.51 -42.53 27.82
C ARG D 25 18.24 -43.20 29.16
N HIS D 26 18.63 -44.47 29.30
CA HIS D 26 18.40 -45.20 30.54
C HIS D 26 19.67 -45.83 31.10
N GLN D 27 19.57 -46.23 32.37
CA GLN D 27 20.64 -46.91 33.09
C GLN D 27 20.01 -47.95 34.01
N ASN D 28 20.41 -49.21 33.83
CA ASN D 28 19.99 -50.30 34.71
C ASN D 28 21.14 -51.31 34.90
N ALA D 29 20.86 -52.43 35.57
CA ALA D 29 21.87 -53.47 35.79
C ALA D 29 22.48 -54.04 34.50
N GLN D 30 21.65 -54.18 33.46
CA GLN D 30 22.10 -54.67 32.16
C GLN D 30 23.03 -53.70 31.40
N GLY D 31 22.91 -52.40 31.67
CA GLY D 31 23.77 -51.37 31.06
C GLY D 31 23.02 -50.09 30.73
N THR D 32 23.48 -49.41 29.67
CA THR D 32 22.86 -48.17 29.20
C THR D 32 22.27 -48.34 27.80
N GLY D 33 21.47 -47.38 27.40
CA GLY D 33 20.84 -47.38 26.08
C GLY D 33 20.23 -46.05 25.71
N GLN D 34 19.87 -45.90 24.43
CA GLN D 34 19.23 -44.69 23.92
C GLN D 34 18.18 -45.05 22.88
N ALA D 35 17.06 -44.32 22.89
CA ALA D 35 15.98 -44.51 21.93
C ALA D 35 15.19 -43.22 21.73
N ALA D 36 14.82 -42.94 20.47
CA ALA D 36 14.00 -41.78 20.13
C ALA D 36 12.53 -42.07 20.43
N ASP D 37 11.79 -41.01 20.74
CA ASP D 37 10.34 -41.09 20.93
C ASP D 37 9.65 -40.61 19.65
N TYR D 38 8.88 -41.50 19.03
CA TYR D 38 8.24 -41.22 17.74
C TYR D 38 7.15 -40.13 17.84
N LYS D 39 6.25 -40.28 18.81
CA LYS D 39 5.05 -39.44 18.91
C LYS D 39 5.38 -37.95 19.13
N SER D 40 6.28 -37.66 20.06
CA SER D 40 6.68 -36.28 20.35
C SER D 40 7.47 -35.67 19.18
N THR D 41 8.39 -36.45 18.62
CA THR D 41 9.16 -36.05 17.43
C THR D 41 8.23 -35.67 16.28
N GLN D 42 7.29 -36.55 15.97
CA GLN D 42 6.36 -36.34 14.85
C GLN D 42 5.38 -35.19 15.13
N ALA D 43 5.00 -35.00 16.39
CA ALA D 43 4.17 -33.86 16.77
C ALA D 43 4.85 -32.53 16.43
N ALA D 44 6.13 -32.42 16.76
CA ALA D 44 6.92 -31.22 16.45
C ALA D 44 7.16 -31.04 14.95
N ILE D 45 7.50 -32.13 14.26
CA ILE D 45 7.77 -32.09 12.81
C ILE D 45 6.52 -31.71 12.01
N ASP D 46 5.37 -32.31 12.35
CA ASP D 46 4.09 -32.02 11.69
C ASP D 46 3.67 -30.55 11.82
N GLN D 47 3.95 -29.94 12.97
CA GLN D 47 3.64 -28.53 13.19
C GLN D 47 4.53 -27.61 12.36
N ILE D 48 5.83 -27.93 12.26
CA ILE D 48 6.75 -27.18 11.42
C ILE D 48 6.43 -27.35 9.93
N THR D 49 6.06 -28.56 9.51
CA THR D 49 5.61 -28.82 8.14
C THR D 49 4.35 -28.00 7.79
N GLY D 50 3.44 -27.88 8.76
CA GLY D 50 2.25 -27.04 8.62
C GLY D 50 2.57 -25.57 8.41
N LYS D 51 3.50 -25.04 9.20
CA LYS D 51 3.98 -23.66 9.02
C LYS D 51 4.58 -23.43 7.64
N LEU D 52 5.44 -24.36 7.21
CA LEU D 52 6.08 -24.27 5.90
C LEU D 52 5.07 -24.28 4.75
N ASN D 53 4.07 -25.16 4.85
CA ASN D 53 2.98 -25.22 3.86
C ASN D 53 2.24 -23.89 3.73
N ARG D 54 2.02 -23.20 4.84
CA ARG D 54 1.34 -21.90 4.84
C ARG D 54 2.24 -20.75 4.38
N ILE D 55 3.51 -20.76 4.79
CA ILE D 55 4.43 -19.63 4.56
C ILE D 55 5.10 -19.69 3.18
N ILE D 56 5.52 -20.88 2.75
CA ILE D 56 6.26 -21.03 1.49
C ILE D 56 5.27 -21.01 0.32
N LYS D 57 4.84 -19.80 -0.04
CA LYS D 57 3.87 -19.59 -1.12
C LYS D 57 3.83 -18.12 -1.55
N LYS D 58 3.40 -17.90 -2.80
CA LYS D 58 3.18 -16.54 -3.33
C LYS D 58 1.70 -16.35 -3.65
N THR D 59 1.31 -15.10 -3.91
CA THR D 59 -0.06 -14.79 -4.33
C THR D 59 -0.26 -15.18 -5.78
N ASN D 60 -1.50 -15.46 -6.16
CA ASN D 60 -1.85 -15.77 -7.55
C ASN D 60 -2.27 -14.54 -8.38
N THR D 61 -2.18 -13.35 -7.79
CA THR D 61 -2.49 -12.10 -8.49
C THR D 61 -1.48 -11.82 -9.59
N GLU D 62 -1.97 -11.59 -10.81
CA GLU D 62 -1.12 -11.26 -11.95
C GLU D 62 -0.91 -9.76 -12.01
N PHE D 63 0.35 -9.33 -11.93
CA PHE D 63 0.72 -7.92 -12.04
C PHE D 63 1.31 -7.63 -13.41
N GLU D 64 1.06 -6.42 -13.91
CA GLU D 64 1.62 -5.93 -15.17
C GLU D 64 2.55 -4.75 -14.87
N SER D 65 3.32 -4.35 -15.88
CA SER D 65 4.30 -3.26 -15.74
C SER D 65 3.62 -1.90 -15.66
N ILE D 66 4.05 -1.09 -14.69
CA ILE D 66 3.72 0.34 -14.62
C ILE D 66 4.96 1.25 -14.68
N GLU D 67 6.13 0.65 -14.96
CA GLU D 67 7.40 1.38 -15.09
C GLU D 67 8.15 0.83 -16.30
N SER D 68 8.52 1.72 -17.23
CA SER D 68 9.27 1.32 -18.42
C SER D 68 10.73 1.03 -18.07
N GLU D 69 11.19 -0.17 -18.41
CA GLU D 69 12.60 -0.56 -18.26
C GLU D 69 13.53 0.20 -19.21
N PHE D 70 13.09 0.37 -20.46
CA PHE D 70 13.95 0.86 -21.55
C PHE D 70 13.53 2.21 -22.13
N SER D 71 12.75 2.99 -21.37
CA SER D 71 12.26 4.29 -21.85
C SER D 71 11.94 5.23 -20.69
N GLU D 72 11.75 6.50 -21.01
CA GLU D 72 11.45 7.52 -20.01
C GLU D 72 10.00 7.40 -19.52
N ILE D 73 9.79 7.81 -18.27
CA ILE D 73 8.45 7.90 -17.68
C ILE D 73 8.13 9.36 -17.39
N ASP D 74 6.84 9.66 -17.26
CA ASP D 74 6.39 11.01 -16.91
C ASP D 74 6.85 11.36 -15.49
N HIS D 75 7.27 12.60 -15.28
CA HIS D 75 7.91 13.02 -14.03
C HIS D 75 6.95 13.02 -12.83
N GLN D 76 5.74 13.57 -13.04
CA GLN D 76 4.72 13.63 -11.99
C GLN D 76 4.21 12.24 -11.61
N ILE D 77 3.82 11.45 -12.61
CA ILE D 77 3.38 10.08 -12.41
C ILE D 77 4.49 9.17 -11.88
N GLY D 78 5.71 9.38 -12.37
CA GLY D 78 6.89 8.61 -11.94
C GLY D 78 7.25 8.78 -10.48
N ASN D 79 7.11 9.99 -9.96
CA ASN D 79 7.31 10.26 -8.52
C ASN D 79 6.24 9.60 -7.65
N VAL D 80 4.99 9.60 -8.13
CA VAL D 80 3.88 8.92 -7.45
C VAL D 80 4.09 7.40 -7.44
N ILE D 81 4.51 6.85 -8.58
CA ILE D 81 4.85 5.43 -8.68
C ILE D 81 6.01 5.07 -7.75
N ASN D 82 7.05 5.91 -7.72
CA ASN D 82 8.20 5.69 -6.83
C ASN D 82 7.82 5.73 -5.34
N TRP D 83 7.01 6.70 -4.96
CA TRP D 83 6.51 6.81 -3.58
C TRP D 83 5.67 5.59 -3.20
N THR D 84 4.76 5.20 -4.09
CA THR D 84 3.87 4.05 -3.87
C THR D 84 4.65 2.74 -3.77
N LYS D 85 5.56 2.50 -4.72
CA LYS D 85 6.36 1.27 -4.71
C LYS D 85 7.27 1.14 -3.49
N ASP D 86 7.92 2.25 -3.09
CA ASP D 86 8.75 2.28 -1.89
C ASP D 86 7.92 2.10 -0.61
N SER D 87 6.72 2.68 -0.59
CA SER D 87 5.78 2.49 0.52
C SER D 87 5.31 1.04 0.64
N ILE D 88 5.01 0.42 -0.49
CA ILE D 88 4.62 -1.00 -0.53
C ILE D 88 5.78 -1.92 -0.12
N THR D 89 6.99 -1.59 -0.57
CA THR D 89 8.19 -2.36 -0.19
C THR D 89 8.49 -2.27 1.32
N ASP D 90 8.32 -1.09 1.91
CA ASP D 90 8.46 -0.92 3.37
C ASP D 90 7.45 -1.77 4.15
N ILE D 91 6.22 -1.88 3.63
CA ILE D 91 5.18 -2.70 4.25
C ILE D 91 5.53 -4.18 4.19
N TRP D 92 5.91 -4.67 3.01
CA TRP D 92 6.25 -6.10 2.85
C TRP D 92 7.53 -6.49 3.58
N THR D 93 8.53 -5.61 3.56
CA THR D 93 9.76 -5.83 4.34
C THR D 93 9.46 -5.92 5.84
N TYR D 94 8.64 -5.00 6.34
CA TYR D 94 8.18 -5.02 7.73
C TYR D 94 7.39 -6.30 8.06
N GLN D 95 6.44 -6.63 7.20
CA GLN D 95 5.60 -7.83 7.37
C GLN D 95 6.41 -9.12 7.33
N ALA D 96 7.40 -9.17 6.43
CA ALA D 96 8.31 -10.32 6.33
C ALA D 96 9.11 -10.49 7.63
N GLU D 97 9.73 -9.40 8.09
CA GLU D 97 10.52 -9.40 9.33
C GLU D 97 9.70 -9.82 10.55
N LEU D 98 8.47 -9.29 10.66
CA LEU D 98 7.58 -9.63 11.78
C LEU D 98 7.08 -11.08 11.71
N LEU D 99 6.72 -11.53 10.50
CA LEU D 99 6.29 -12.92 10.28
C LEU D 99 7.33 -13.90 10.81
N VAL D 100 8.56 -13.76 10.32
CA VAL D 100 9.61 -14.73 10.60
C VAL D 100 10.05 -14.64 12.08
N ALA D 101 10.14 -13.43 12.62
CA ALA D 101 10.44 -13.25 14.05
C ALA D 101 9.41 -13.90 14.97
N MET D 102 8.12 -13.65 14.68
CA MET D 102 7.01 -14.25 15.45
C MET D 102 6.97 -15.77 15.28
N GLU D 103 7.09 -16.25 14.04
CA GLU D 103 7.07 -17.69 13.77
C GLU D 103 8.24 -18.42 14.42
N ASN D 104 9.42 -17.81 14.42
CA ASN D 104 10.61 -18.39 15.06
C ASN D 104 10.45 -18.50 16.57
N GLN D 105 9.88 -17.48 17.19
CA GLN D 105 9.57 -17.49 18.62
C GLN D 105 8.62 -18.64 18.94
N HIS D 106 7.55 -18.75 18.15
CA HIS D 106 6.56 -19.82 18.34
C HIS D 106 7.13 -21.22 18.07
N THR D 107 7.95 -21.36 17.04
CA THR D 107 8.59 -22.65 16.72
C THR D 107 9.47 -23.16 17.86
N ILE D 108 10.33 -22.27 18.37
CA ILE D 108 11.21 -22.58 19.50
C ILE D 108 10.41 -22.97 20.75
N ASP D 109 9.37 -22.20 21.06
CA ASP D 109 8.54 -22.46 22.25
C ASP D 109 7.66 -23.70 22.10
N MET D 110 7.16 -23.94 20.88
CA MET D 110 6.43 -25.18 20.56
C MET D 110 7.31 -26.41 20.81
N ALA D 111 8.55 -26.36 20.33
CA ALA D 111 9.49 -27.48 20.52
C ALA D 111 9.78 -27.74 21.99
N ASP D 112 9.92 -26.64 22.75
CA ASP D 112 10.07 -26.67 24.21
C ASP D 112 8.86 -27.34 24.87
N SER D 113 7.65 -26.98 24.42
CA SER D 113 6.42 -27.56 24.96
C SER D 113 6.31 -29.08 24.72
N GLU D 114 6.73 -29.55 23.54
CA GLU D 114 6.69 -30.99 23.24
C GLU D 114 7.66 -31.79 24.11
N MET D 115 8.82 -31.21 24.40
CA MET D 115 9.77 -31.81 25.36
C MET D 115 9.12 -31.95 26.75
N LEU D 116 8.50 -30.86 27.21
CA LEU D 116 7.81 -30.86 28.51
C LEU D 116 6.63 -31.84 28.54
N ASN D 117 5.87 -31.92 27.47
CA ASN D 117 4.72 -32.84 27.40
C ASN D 117 5.14 -34.31 27.50
N LEU D 118 6.27 -34.65 26.88
CA LEU D 118 6.84 -35.99 27.00
C LEU D 118 7.27 -36.27 28.44
N TYR D 119 8.01 -35.33 29.02
CA TYR D 119 8.44 -35.40 30.42
C TYR D 119 7.26 -35.59 31.38
N GLU D 120 6.20 -34.82 31.15
CA GLU D 120 4.98 -34.92 31.95
C GLU D 120 4.25 -36.25 31.79
N ARG D 121 4.20 -36.78 30.57
CA ARG D 121 3.62 -38.11 30.31
C ARG D 121 4.35 -39.19 31.12
N VAL D 122 5.69 -39.16 31.09
CA VAL D 122 6.51 -40.13 31.80
C VAL D 122 6.36 -39.98 33.31
N ARG D 123 6.37 -38.75 33.81
CA ARG D 123 6.16 -38.49 35.26
C ARG D 123 4.88 -39.14 35.76
N LYS D 124 3.77 -38.90 35.06
CA LYS D 124 2.46 -39.44 35.48
C LYS D 124 2.41 -40.96 35.38
N GLN D 125 3.03 -41.52 34.33
CA GLN D 125 3.16 -42.98 34.17
C GLN D 125 3.85 -43.67 35.35
N LEU D 126 4.99 -43.11 35.76
CA LEU D 126 5.79 -43.68 36.85
C LEU D 126 5.14 -43.53 38.22
N ARG D 127 4.26 -42.53 38.37
CA ARG D 127 3.43 -42.35 39.58
C ARG D 127 4.30 -42.27 40.86
N GLN D 128 4.14 -43.19 41.82
CA GLN D 128 4.90 -43.15 43.07
C GLN D 128 6.16 -44.01 43.05
N ASN D 129 6.51 -44.56 41.87
CA ASN D 129 7.64 -45.48 41.75
C ASN D 129 8.96 -44.79 41.40
N ALA D 130 8.92 -43.48 41.14
CA ALA D 130 10.11 -42.73 40.76
C ALA D 130 10.07 -41.30 41.28
N GLU D 131 11.24 -40.67 41.29
CA GLU D 131 11.39 -39.28 41.71
C GLU D 131 12.20 -38.51 40.68
N GLU D 132 11.89 -37.21 40.55
CA GLU D 132 12.56 -36.32 39.60
C GLU D 132 13.88 -35.84 40.21
N ASP D 133 14.95 -35.87 39.42
CA ASP D 133 16.26 -35.36 39.88
C ASP D 133 16.48 -33.86 39.59
N GLY D 134 15.57 -33.24 38.85
CA GLY D 134 15.68 -31.81 38.51
C GLY D 134 16.39 -31.51 37.19
N LYS D 135 16.99 -32.52 36.57
CA LYS D 135 17.75 -32.37 35.34
C LYS D 135 17.11 -33.10 34.15
N GLY D 136 15.85 -33.51 34.28
CA GLY D 136 15.14 -34.25 33.24
C GLY D 136 15.16 -35.76 33.37
N CYS D 137 15.77 -36.30 34.44
CA CYS D 137 15.79 -37.74 34.69
C CYS D 137 14.86 -38.13 35.82
N PHE D 138 14.43 -39.38 35.77
CA PHE D 138 13.64 -40.00 36.83
C PHE D 138 14.46 -41.12 37.44
N GLU D 139 14.65 -41.06 38.76
CA GLU D 139 15.29 -42.14 39.49
C GLU D 139 14.21 -43.14 39.88
N ILE D 140 14.32 -44.36 39.36
CA ILE D 140 13.29 -45.40 39.48
C ILE D 140 13.69 -46.30 40.64
N TYR D 141 12.82 -46.42 41.65
CA TYR D 141 13.16 -47.10 42.91
C TYR D 141 12.81 -48.61 42.93
N HIS D 142 12.94 -49.25 41.78
CA HIS D 142 12.84 -50.70 41.66
C HIS D 142 13.72 -51.16 40.50
N ALA D 143 14.02 -52.45 40.50
CA ALA D 143 14.74 -53.05 39.37
C ALA D 143 13.90 -52.89 38.11
N CYS D 144 14.44 -52.21 37.11
CA CYS D 144 13.74 -51.94 35.85
C CYS D 144 14.65 -52.36 34.68
N ASP D 145 14.47 -53.61 34.24
CA ASP D 145 15.27 -54.19 33.15
C ASP D 145 14.91 -53.60 31.77
N ASP D 146 15.52 -54.12 30.70
CA ASP D 146 15.29 -53.61 29.34
C ASP D 146 13.82 -53.67 28.90
N SER D 147 13.11 -54.72 29.29
CA SER D 147 11.68 -54.84 29.02
C SER D 147 10.86 -53.80 29.79
N CYS D 148 11.22 -53.58 31.05
CA CYS D 148 10.60 -52.54 31.89
C CYS D 148 10.83 -51.14 31.31
N MET D 149 12.06 -50.87 30.89
CA MET D 149 12.40 -49.60 30.24
C MET D 149 11.62 -49.41 28.93
N GLU D 150 11.49 -50.48 28.15
CA GLU D 150 10.67 -50.48 26.93
C GLU D 150 9.20 -50.15 27.20
N SER D 151 8.66 -50.69 28.29
CA SER D 151 7.27 -50.40 28.69
C SER D 151 7.05 -48.93 29.04
N ILE D 152 8.06 -48.27 29.62
CA ILE D 152 8.00 -46.83 29.90
C ILE D 152 7.99 -46.05 28.59
N ARG D 153 8.89 -46.40 27.67
CA ARG D 153 8.97 -45.75 26.35
C ARG D 153 7.73 -46.00 25.48
N ASN D 154 7.18 -47.21 25.57
CA ASN D 154 5.98 -47.59 24.79
C ASN D 154 4.64 -47.18 25.43
N ASN D 155 4.68 -46.54 26.60
CA ASN D 155 3.48 -46.06 27.30
C ASN D 155 2.60 -47.23 27.82
N THR D 156 3.23 -48.35 28.17
CA THR D 156 2.54 -49.53 28.71
C THR D 156 3.02 -49.93 30.12
N TYR D 157 3.82 -49.08 30.76
CA TYR D 157 4.27 -49.30 32.14
C TYR D 157 3.11 -49.27 33.13
N ASN D 158 2.97 -50.34 33.91
CA ASN D 158 1.96 -50.43 34.96
C ASN D 158 2.63 -50.21 36.32
N HIS D 159 2.34 -49.07 36.93
CA HIS D 159 2.93 -48.68 38.22
C HIS D 159 2.57 -49.63 39.37
N SER D 160 1.36 -50.21 39.32
CA SER D 160 0.89 -51.12 40.37
C SER D 160 1.76 -52.38 40.54
N GLN D 161 2.32 -52.84 39.43
CA GLN D 161 3.22 -54.00 39.40
C GLN D 161 4.45 -53.82 40.31
N TYR D 162 5.01 -52.61 40.35
CA TYR D 162 6.25 -52.32 41.06
C TYR D 162 6.08 -51.46 42.32
N ARG D 163 4.84 -51.08 42.65
CA ARG D 163 4.58 -50.08 43.69
C ARG D 163 5.10 -50.49 45.08
N GLU D 164 4.81 -51.73 45.47
CA GLU D 164 5.23 -52.24 46.79
C GLU D 164 6.75 -52.19 46.96
N GLU D 165 7.48 -52.67 45.96
CA GLU D 165 8.95 -52.61 45.93
C GLU D 165 9.45 -51.16 45.99
N ALA D 166 8.83 -50.29 45.20
CA ALA D 166 9.27 -48.89 45.10
C ALA D 166 9.08 -48.10 46.40
N LEU D 167 7.92 -48.28 47.05
CA LEU D 167 7.64 -47.59 48.31
C LEU D 167 8.55 -48.05 49.45
N LEU D 168 8.89 -49.34 49.46
CA LEU D 168 9.89 -49.88 50.40
C LEU D 168 11.25 -49.19 50.22
N ASN D 169 11.70 -49.04 48.97
CA ASN D 169 12.99 -48.40 48.69
C ASN D 169 12.98 -46.88 48.87
N ARG D 170 11.85 -46.25 48.53
CA ARG D 170 11.72 -44.79 48.71
C ARG D 170 11.56 -44.35 50.16
N LEU D 171 10.69 -45.05 50.89
CA LEU D 171 10.21 -44.59 52.20
C LEU D 171 10.50 -45.54 53.38
N ASN D 172 11.08 -46.72 53.11
CA ASN D 172 11.29 -47.75 54.14
C ASN D 172 9.96 -48.17 54.82
N ILE D 173 8.93 -48.35 54.00
CA ILE D 173 7.59 -48.72 54.47
C ILE D 173 7.18 -50.08 53.91
N ASN D 174 6.82 -50.99 54.81
CA ASN D 174 6.24 -52.30 54.44
C ASN D 174 4.73 -52.26 54.66
N PRO D 175 3.96 -52.94 53.78
CA PRO D 175 2.50 -52.95 53.92
C PRO D 175 2.01 -53.85 55.07
N PRO E 2 4.94 -25.97 59.74
CA PRO E 2 6.36 -26.12 59.47
C PRO E 2 7.02 -24.85 58.93
N ASP E 3 8.32 -24.93 58.62
CA ASP E 3 9.03 -23.84 57.94
C ASP E 3 8.55 -23.73 56.50
N LYS E 4 8.69 -22.55 55.92
CA LYS E 4 8.19 -22.33 54.55
C LYS E 4 9.00 -21.31 53.77
N ILE E 5 9.06 -21.52 52.46
CA ILE E 5 9.65 -20.57 51.53
C ILE E 5 8.59 -20.25 50.48
N CYS E 6 8.42 -18.96 50.18
CA CYS E 6 7.35 -18.47 49.32
C CYS E 6 7.95 -17.76 48.12
N LEU E 7 7.45 -18.11 46.94
CA LEU E 7 7.88 -17.48 45.70
C LEU E 7 6.90 -16.36 45.37
N GLY E 8 7.42 -15.28 44.80
CA GLY E 8 6.59 -14.13 44.45
C GLY E 8 7.21 -13.24 43.40
N HIS E 9 6.48 -12.19 43.06
CA HIS E 9 6.88 -11.21 42.07
C HIS E 9 6.56 -9.82 42.57
N HIS E 10 7.21 -8.82 41.97
CA HIS E 10 6.99 -7.42 42.38
C HIS E 10 5.67 -6.86 41.83
N ALA E 11 5.30 -5.71 42.39
CA ALA E 11 4.16 -4.93 41.90
C ALA E 11 4.38 -3.46 42.24
N VAL E 12 3.52 -2.60 41.68
CA VAL E 12 3.49 -1.18 41.99
C VAL E 12 2.06 -0.79 42.36
N ALA E 13 1.93 0.26 43.17
CA ALA E 13 0.62 0.75 43.60
C ALA E 13 -0.20 1.25 42.41
N ASN E 14 0.45 2.01 41.53
CA ASN E 14 -0.18 2.60 40.34
C ASN E 14 0.45 2.03 39.07
N GLY E 15 -0.28 1.11 38.42
CA GLY E 15 0.18 0.51 37.16
C GLY E 15 -0.12 1.38 35.96
N THR E 16 0.30 0.90 34.78
CA THR E 16 0.05 1.55 33.50
C THR E 16 -0.87 0.67 32.66
N ILE E 17 -1.86 1.28 32.02
CA ILE E 17 -2.83 0.58 31.19
C ILE E 17 -2.27 0.37 29.78
N VAL E 18 -2.35 -0.87 29.29
CA VAL E 18 -2.01 -1.20 27.91
C VAL E 18 -3.10 -2.08 27.30
N LYS E 19 -3.08 -2.18 25.96
CA LYS E 19 -3.97 -3.06 25.23
C LYS E 19 -3.23 -4.34 24.84
N THR E 20 -3.91 -5.47 24.98
CA THR E 20 -3.39 -6.78 24.54
C THR E 20 -4.34 -7.34 23.47
N LEU E 21 -4.08 -8.56 23.03
CA LEU E 21 -4.99 -9.26 22.10
C LEU E 21 -6.37 -9.52 22.72
N THR E 22 -6.41 -9.76 24.02
CA THR E 22 -7.65 -10.17 24.72
C THR E 22 -8.23 -9.14 25.70
N ASN E 23 -7.55 -8.01 25.91
CA ASN E 23 -7.93 -7.04 26.94
C ASN E 23 -7.54 -5.63 26.54
N GLU E 24 -8.52 -4.74 26.46
CA GLU E 24 -8.30 -3.32 26.14
C GLU E 24 -7.77 -2.50 27.33
N GLN E 25 -7.94 -3.01 28.56
CA GLN E 25 -7.53 -2.29 29.77
C GLN E 25 -6.71 -3.18 30.70
N GLU E 26 -5.58 -3.68 30.18
CA GLU E 26 -4.67 -4.53 30.94
C GLU E 26 -3.66 -3.67 31.71
N GLU E 27 -3.59 -3.87 33.03
CA GLU E 27 -2.68 -3.10 33.89
C GLU E 27 -1.33 -3.82 34.01
N VAL E 28 -0.25 -3.12 33.66
CA VAL E 28 1.12 -3.64 33.78
C VAL E 28 1.96 -2.74 34.68
N THR E 29 3.14 -3.22 35.08
CA THR E 29 4.02 -2.48 36.00
C THR E 29 4.65 -1.25 35.35
N ASN E 30 4.91 -1.35 34.04
CA ASN E 30 5.49 -0.23 33.28
C ASN E 30 5.22 -0.40 31.79
N ALA E 31 5.21 0.71 31.06
CA ALA E 31 5.06 0.70 29.61
C ALA E 31 5.70 1.95 29.00
N THR E 32 5.94 1.91 27.70
CA THR E 32 6.57 3.02 26.98
C THR E 32 5.84 3.29 25.65
N GLU E 33 5.84 4.57 25.26
CA GLU E 33 5.11 5.03 24.07
C GLU E 33 5.81 4.59 22.77
N THR E 34 5.02 4.25 21.76
CA THR E 34 5.53 3.91 20.42
C THR E 34 5.17 4.92 19.31
N VAL E 35 4.18 5.79 19.57
CA VAL E 35 3.77 6.84 18.63
C VAL E 35 4.29 8.19 19.11
N GLU E 36 5.12 8.85 18.30
CA GLU E 36 5.60 10.20 18.60
C GLU E 36 4.49 11.22 18.37
N SER E 37 4.20 12.03 19.40
CA SER E 37 3.17 13.07 19.36
C SER E 37 3.70 14.50 19.31
N THR E 38 4.99 14.70 19.56
CA THR E 38 5.58 16.04 19.66
C THR E 38 6.55 16.30 18.51
N SER E 39 6.56 17.54 18.04
CA SER E 39 7.46 18.00 16.98
C SER E 39 8.19 19.25 17.45
N LEU E 40 9.40 19.44 16.95
CA LEU E 40 10.17 20.66 17.17
C LEU E 40 9.73 21.67 16.12
N ASN E 41 9.26 22.84 16.54
CA ASN E 41 8.74 23.86 15.61
C ASN E 41 9.87 24.68 14.96
N ARG E 42 10.76 23.97 14.27
CA ARG E 42 11.97 24.54 13.68
C ARG E 42 12.62 23.54 12.75
N LEU E 43 13.27 24.04 11.69
CA LEU E 43 13.97 23.20 10.74
C LEU E 43 15.40 22.96 11.23
N CYS E 44 15.66 21.73 11.69
CA CYS E 44 16.93 21.34 12.29
C CYS E 44 17.97 21.05 11.22
N MET E 45 18.85 22.04 10.95
CA MET E 45 19.76 22.00 9.80
C MET E 45 21.24 21.74 10.13
N LYS E 46 21.53 21.16 11.30
CA LYS E 46 22.92 20.82 11.67
C LYS E 46 23.42 19.67 10.78
N GLY E 47 24.65 19.82 10.28
CA GLY E 47 25.25 18.84 9.37
C GLY E 47 24.69 18.86 7.95
N ARG E 48 24.02 19.97 7.58
CA ARG E 48 23.42 20.12 6.26
C ARG E 48 23.85 21.43 5.62
N ASN E 49 24.44 21.34 4.44
CA ASN E 49 24.67 22.52 3.58
C ASN E 49 23.33 22.91 2.97
N HIS E 50 22.56 23.70 3.71
CA HIS E 50 21.18 24.04 3.34
C HIS E 50 21.07 25.40 2.66
N LYS E 51 20.02 25.57 1.86
CA LYS E 51 19.66 26.85 1.25
C LYS E 51 18.23 27.17 1.61
N ASP E 52 18.02 28.26 2.35
CA ASP E 52 16.69 28.81 2.62
C ASP E 52 16.37 29.83 1.53
N LEU E 53 15.40 29.51 0.69
CA LEU E 53 15.02 30.39 -0.43
C LEU E 53 14.29 31.66 -0.03
N GLY E 54 13.68 31.68 1.16
CA GLY E 54 12.93 32.86 1.63
C GLY E 54 11.75 33.15 0.72
N ASN E 55 11.66 34.38 0.21
CA ASN E 55 10.59 34.76 -0.73
C ASN E 55 10.88 34.43 -2.21
N CYS E 56 11.98 33.72 -2.47
CA CYS E 56 12.31 33.22 -3.82
C CYS E 56 11.63 31.88 -4.07
N HIS E 57 10.85 31.79 -5.15
CA HIS E 57 10.26 30.51 -5.59
C HIS E 57 11.31 29.76 -6.44
N PRO E 58 11.38 28.41 -6.31
CA PRO E 58 12.35 27.60 -7.08
C PRO E 58 12.47 27.91 -8.58
N ILE E 59 11.34 28.07 -9.27
CA ILE E 59 11.34 28.42 -10.70
C ILE E 59 12.02 29.78 -10.95
N GLY E 60 11.85 30.72 -10.02
CA GLY E 60 12.54 32.02 -10.08
C GLY E 60 14.07 31.96 -10.10
N MET E 61 14.65 30.90 -9.55
CA MET E 61 16.11 30.67 -9.63
C MET E 61 16.59 30.45 -11.06
N LEU E 62 15.75 29.83 -11.90
CA LEU E 62 16.10 29.51 -13.29
C LEU E 62 15.93 30.69 -14.24
N ILE E 63 14.87 31.47 -14.05
CA ILE E 63 14.57 32.62 -14.92
C ILE E 63 15.19 33.93 -14.41
N GLY E 64 15.47 34.01 -13.11
CA GLY E 64 16.19 35.15 -12.53
C GLY E 64 15.26 36.28 -12.13
N THR E 65 14.19 35.94 -11.41
CA THR E 65 13.29 36.93 -10.82
C THR E 65 14.07 37.72 -9.75
N PRO E 66 13.84 39.05 -9.64
CA PRO E 66 14.60 39.87 -8.67
C PRO E 66 14.70 39.32 -7.24
N ALA E 67 13.59 38.74 -6.74
CA ALA E 67 13.57 38.09 -5.42
C ALA E 67 14.59 36.94 -5.27
N CYS E 68 14.97 36.33 -6.40
CA CYS E 68 15.94 35.22 -6.44
C CYS E 68 17.39 35.59 -6.77
N ASP E 69 17.73 36.89 -6.76
CA ASP E 69 19.08 37.34 -7.16
C ASP E 69 20.25 36.70 -6.39
N LEU E 70 20.03 36.34 -5.13
CA LEU E 70 21.04 35.64 -4.32
C LEU E 70 20.99 34.10 -4.44
N HIS E 71 20.12 33.58 -5.31
CA HIS E 71 19.93 32.14 -5.48
C HIS E 71 20.01 31.70 -6.95
N LEU E 72 20.72 32.46 -7.78
CA LEU E 72 20.88 32.14 -9.21
C LEU E 72 21.77 30.91 -9.44
N THR E 73 22.77 30.75 -8.60
CA THR E 73 23.63 29.56 -8.61
C THR E 73 23.91 29.12 -7.17
N GLY E 74 24.46 27.93 -7.03
CA GLY E 74 24.89 27.41 -5.73
C GLY E 74 24.87 25.91 -5.64
N THR E 75 25.28 25.40 -4.48
CA THR E 75 25.17 23.98 -4.16
C THR E 75 24.53 23.82 -2.79
N TRP E 76 23.85 22.70 -2.60
CA TRP E 76 23.16 22.40 -1.36
C TRP E 76 22.79 20.92 -1.28
N ASP E 77 22.63 20.41 -0.07
CA ASP E 77 22.02 19.08 0.14
C ASP E 77 20.55 19.15 0.58
N THR E 78 20.11 20.35 1.01
CA THR E 78 18.74 20.58 1.45
C THR E 78 18.26 21.93 0.93
N LEU E 79 17.08 21.95 0.30
CA LEU E 79 16.51 23.18 -0.26
C LEU E 79 15.15 23.45 0.40
N ILE E 80 14.99 24.63 0.98
CA ILE E 80 13.81 24.98 1.75
C ILE E 80 12.97 26.03 0.99
N GLU E 81 11.73 25.65 0.67
CA GLU E 81 10.77 26.54 0.00
C GLU E 81 9.78 27.08 1.03
N ARG E 82 9.41 28.36 0.89
CA ARG E 82 8.48 29.04 1.79
C ARG E 82 7.15 29.36 1.11
N LYS E 83 6.14 29.66 1.94
CA LYS E 83 4.80 29.99 1.45
C LYS E 83 4.79 31.36 0.79
N ASN E 84 3.95 31.49 -0.25
CA ASN E 84 3.78 32.74 -1.01
C ASN E 84 5.08 33.24 -1.67
N ALA E 85 5.94 32.31 -2.07
CA ALA E 85 7.21 32.64 -2.71
C ALA E 85 6.97 33.14 -4.13
N ILE E 86 7.81 34.09 -4.56
CA ILE E 86 7.62 34.80 -5.83
C ILE E 86 8.41 34.10 -6.94
N ALA E 87 7.69 33.69 -7.99
CA ALA E 87 8.28 33.17 -9.22
C ALA E 87 8.26 34.20 -10.36
N TYR E 88 7.12 34.86 -10.53
CA TYR E 88 6.87 35.73 -11.70
C TYR E 88 6.60 37.16 -11.25
N CYS E 89 7.47 38.08 -11.68
CA CYS E 89 7.27 39.50 -11.44
C CYS E 89 6.27 40.07 -12.45
N TYR E 90 6.42 39.69 -13.72
CA TYR E 90 5.49 40.05 -14.79
C TYR E 90 4.36 39.01 -14.82
N PRO E 91 3.10 39.44 -15.07
CA PRO E 91 1.99 38.48 -15.10
C PRO E 91 2.23 37.32 -16.06
N GLY E 92 1.96 36.10 -15.61
CA GLY E 92 2.19 34.91 -16.42
C GLY E 92 2.34 33.64 -15.62
N ALA E 93 2.75 32.58 -16.31
CA ALA E 93 2.86 31.24 -15.73
C ALA E 93 3.78 30.36 -16.57
N THR E 94 4.24 29.26 -15.97
CA THR E 94 5.08 28.28 -16.67
C THR E 94 4.24 27.08 -17.07
N VAL E 95 4.39 26.64 -18.33
CA VAL E 95 3.77 25.41 -18.80
C VAL E 95 4.55 24.23 -18.20
N ASN E 96 3.83 23.24 -17.66
CA ASN E 96 4.42 22.08 -16.98
C ASN E 96 5.26 22.54 -15.78
N GLU E 97 4.66 23.41 -14.96
CA GLU E 97 5.34 24.03 -13.81
C GLU E 97 5.57 23.09 -12.63
N LYS E 98 4.66 22.14 -12.43
CA LYS E 98 4.73 21.23 -11.29
C LYS E 98 5.94 20.29 -11.42
N ALA E 99 6.12 19.73 -12.62
CA ALA E 99 7.28 18.89 -12.93
C ALA E 99 8.60 19.64 -12.82
N LEU E 100 8.62 20.90 -13.27
CA LEU E 100 9.82 21.75 -13.18
C LEU E 100 10.21 22.04 -11.74
N ARG E 101 9.24 22.46 -10.92
CA ARG E 101 9.48 22.76 -9.50
C ARG E 101 10.02 21.53 -8.75
N GLN E 102 9.46 20.36 -9.02
CA GLN E 102 9.90 19.12 -8.39
C GLN E 102 11.34 18.76 -8.79
N LYS E 103 11.68 18.94 -10.06
CA LYS E 103 13.06 18.75 -10.54
C LYS E 103 14.07 19.62 -9.78
N ILE E 104 13.72 20.88 -9.58
CA ILE E 104 14.57 21.83 -8.86
C ILE E 104 14.70 21.43 -7.38
N MET E 105 13.56 21.08 -6.77
CA MET E 105 13.53 20.69 -5.36
C MET E 105 14.17 19.33 -5.05
N GLU E 106 14.37 18.50 -6.08
CA GLU E 106 15.14 17.25 -5.95
C GLU E 106 16.65 17.43 -6.21
N SER E 107 17.06 18.60 -6.69
CA SER E 107 18.47 18.84 -7.07
C SER E 107 19.35 19.15 -5.88
N GLY E 108 20.67 19.05 -6.10
CA GLY E 108 21.67 19.45 -5.12
C GLY E 108 22.45 20.70 -5.49
N GLY E 109 21.88 21.54 -6.36
CA GLY E 109 22.56 22.76 -6.81
C GLY E 109 22.19 23.16 -8.21
N ILE E 110 22.54 24.40 -8.57
CA ILE E 110 22.31 24.94 -9.91
C ILE E 110 23.58 25.65 -10.39
N SER E 111 23.97 25.37 -11.63
CA SER E 111 24.98 26.13 -12.34
C SER E 111 24.34 26.81 -13.54
N LYS E 112 24.94 27.91 -14.00
CA LYS E 112 24.43 28.66 -15.14
C LYS E 112 25.48 28.73 -16.25
N ILE E 113 25.04 28.55 -17.49
CA ILE E 113 25.91 28.55 -18.68
C ILE E 113 25.37 29.56 -19.68
N ASN E 114 26.27 30.40 -20.21
CA ASN E 114 25.87 31.43 -21.19
C ASN E 114 25.38 30.80 -22.49
N THR E 115 24.30 31.34 -23.04
CA THR E 115 23.78 30.90 -24.34
C THR E 115 24.57 31.49 -25.50
N GLY E 116 25.16 32.67 -25.29
CA GLY E 116 25.85 33.40 -26.34
C GLY E 116 24.93 34.03 -27.37
N PHE E 117 23.65 34.20 -27.03
CA PHE E 117 22.66 34.77 -27.95
C PHE E 117 22.95 36.27 -28.12
N THR E 118 23.15 36.69 -29.36
CA THR E 118 23.34 38.10 -29.71
C THR E 118 22.37 38.48 -30.82
N TYR E 119 22.15 39.78 -31.00
CA TYR E 119 21.08 40.29 -31.86
C TYR E 119 21.52 41.50 -32.69
N GLY E 120 20.97 41.61 -33.89
CA GLY E 120 21.30 42.69 -34.82
C GLY E 120 20.78 44.04 -34.38
N SER E 121 21.18 45.07 -35.13
CA SER E 121 20.91 46.47 -34.79
C SER E 121 19.42 46.85 -34.79
N SER E 122 18.58 46.15 -35.55
CA SER E 122 17.14 46.40 -35.59
C SER E 122 16.35 45.77 -34.42
N ILE E 123 17.04 45.00 -33.56
CA ILE E 123 16.45 44.45 -32.34
C ILE E 123 16.92 45.25 -31.12
N ASN E 124 15.97 45.62 -30.27
CA ASN E 124 16.24 46.12 -28.93
C ASN E 124 16.13 44.92 -27.99
N SER E 125 17.27 44.43 -27.50
CA SER E 125 17.30 43.28 -26.58
C SER E 125 17.18 43.67 -25.10
N ALA E 126 17.07 44.98 -24.81
CA ALA E 126 17.05 45.48 -23.44
C ALA E 126 15.65 45.92 -22.99
N GLY E 127 14.62 45.17 -23.38
CA GLY E 127 13.25 45.44 -22.95
C GLY E 127 13.10 45.21 -21.46
N THR E 128 12.44 46.16 -20.78
CA THR E 128 12.24 46.10 -19.33
C THR E 128 10.79 46.38 -18.99
N THR E 129 10.45 46.22 -17.71
CA THR E 129 9.11 46.49 -17.22
C THR E 129 9.13 46.96 -15.77
N LYS E 130 8.17 47.82 -15.43
CA LYS E 130 7.96 48.29 -14.06
C LYS E 130 7.54 47.15 -13.12
N ALA E 131 6.94 46.09 -13.68
CA ALA E 131 6.58 44.90 -12.90
C ALA E 131 7.77 44.16 -12.28
N CYS E 132 8.94 44.25 -12.92
CA CYS E 132 10.16 43.57 -12.47
C CYS E 132 11.21 44.60 -12.06
N MET E 133 11.14 45.06 -10.81
CA MET E 133 12.04 46.09 -10.31
C MET E 133 13.31 45.48 -9.73
N ARG E 134 14.44 46.09 -10.06
CA ARG E 134 15.75 45.69 -9.54
C ARG E 134 16.59 46.94 -9.30
N ASN E 135 17.10 47.09 -8.08
CA ASN E 135 17.95 48.22 -7.67
C ASN E 135 17.28 49.59 -7.93
N GLY E 136 15.98 49.67 -7.62
CA GLY E 136 15.20 50.90 -7.80
C GLY E 136 14.91 51.33 -9.23
N GLY E 137 15.03 50.40 -10.18
CA GLY E 137 14.83 50.70 -11.61
C GLY E 137 14.10 49.60 -12.36
N ASN E 138 13.49 49.97 -13.48
CA ASN E 138 12.83 49.01 -14.37
C ASN E 138 13.83 47.98 -14.86
N SER E 139 13.46 46.71 -14.77
CA SER E 139 14.37 45.63 -15.12
C SER E 139 13.59 44.46 -15.73
N PHE E 140 14.22 43.29 -15.76
CA PHE E 140 13.62 42.10 -16.33
C PHE E 140 14.24 40.87 -15.68
N TYR E 141 13.63 39.72 -15.94
CA TYR E 141 14.18 38.42 -15.55
C TYR E 141 15.67 38.35 -15.95
N ALA E 142 16.54 38.14 -14.97
CA ALA E 142 18.00 38.24 -15.18
C ALA E 142 18.58 37.25 -16.19
N GLU E 143 17.95 36.10 -16.34
CA GLU E 143 18.42 35.04 -17.24
C GLU E 143 17.80 35.06 -18.63
N LEU E 144 16.93 36.04 -18.90
CA LEU E 144 16.23 36.16 -20.17
C LEU E 144 16.33 37.59 -20.70
N LYS E 145 16.03 37.75 -21.99
CA LYS E 145 15.99 39.07 -22.62
C LYS E 145 14.69 39.27 -23.39
N TRP E 146 14.06 40.43 -23.17
CA TRP E 146 12.85 40.81 -23.88
C TRP E 146 13.26 41.53 -25.17
N LEU E 147 13.07 40.86 -26.30
CA LEU E 147 13.45 41.38 -27.61
C LEU E 147 12.25 42.11 -28.22
N VAL E 148 12.46 43.35 -28.66
CA VAL E 148 11.44 44.11 -29.39
C VAL E 148 12.08 44.83 -30.57
N SER E 149 11.25 45.35 -31.47
CA SER E 149 11.75 46.17 -32.59
C SER E 149 12.37 47.45 -32.04
N LYS E 150 13.55 47.80 -32.56
CA LYS E 150 14.25 49.03 -32.17
C LYS E 150 13.42 50.27 -32.54
N ASN E 151 12.84 50.25 -33.74
CA ASN E 151 11.96 51.32 -34.20
C ASN E 151 10.50 50.89 -34.01
N LYS E 152 9.75 51.67 -33.24
CA LYS E 152 8.34 51.34 -32.92
C LYS E 152 7.51 51.18 -34.18
N GLY E 153 6.74 50.09 -34.25
CA GLY E 153 5.83 49.84 -35.36
C GLY E 153 6.39 49.01 -36.51
N GLN E 154 7.72 48.96 -36.64
CA GLN E 154 8.37 48.23 -37.73
C GLN E 154 8.44 46.74 -37.44
N ASN E 155 8.42 45.95 -38.51
CA ASN E 155 8.47 44.48 -38.40
C ASN E 155 9.78 44.03 -37.78
N PHE E 156 9.66 43.24 -36.72
CA PHE E 156 10.78 42.60 -36.04
C PHE E 156 11.41 41.63 -37.03
N PRO E 157 12.75 41.66 -37.18
CA PRO E 157 13.39 40.86 -38.23
C PRO E 157 13.37 39.36 -37.97
N GLN E 158 13.31 38.58 -39.04
CA GLN E 158 13.40 37.13 -38.94
C GLN E 158 14.78 36.76 -38.40
N THR E 159 14.81 36.10 -37.24
CA THR E 159 16.04 35.90 -36.47
C THR E 159 16.20 34.43 -36.11
N THR E 160 17.45 33.97 -36.09
CA THR E 160 17.80 32.62 -35.67
C THR E 160 18.85 32.69 -34.56
N ASN E 161 18.61 31.94 -33.47
CA ASN E 161 19.56 31.80 -32.37
C ASN E 161 19.69 30.31 -32.05
N THR E 162 20.92 29.85 -31.82
CA THR E 162 21.21 28.44 -31.59
C THR E 162 22.08 28.26 -30.36
N TYR E 163 21.60 27.48 -29.40
CA TYR E 163 22.39 27.08 -28.24
C TYR E 163 22.90 25.65 -28.44
N ARG E 164 24.22 25.47 -28.33
CA ARG E 164 24.85 24.15 -28.34
C ARG E 164 25.20 23.76 -26.90
N ASN E 165 24.80 22.57 -26.49
CA ASN E 165 25.24 22.02 -25.21
C ASN E 165 26.62 21.41 -25.42
N ALA E 166 27.66 22.13 -25.00
CA ALA E 166 29.04 21.67 -25.08
C ALA E 166 29.50 20.85 -23.85
N ASP E 167 28.58 20.62 -22.91
CA ASP E 167 28.86 19.92 -21.66
C ASP E 167 28.58 18.41 -21.81
N THR E 168 29.00 17.64 -20.80
CA THR E 168 28.73 16.19 -20.74
C THR E 168 27.42 15.82 -20.02
N ALA E 169 26.71 16.82 -19.48
CA ALA E 169 25.43 16.61 -18.80
C ALA E 169 24.34 17.46 -19.46
N GLU E 170 23.10 17.03 -19.29
CA GLU E 170 21.94 17.74 -19.87
C GLU E 170 21.77 19.11 -19.22
N HIS E 171 21.34 20.09 -20.00
CA HIS E 171 21.06 21.43 -19.52
C HIS E 171 19.58 21.74 -19.67
N LEU E 172 19.04 22.49 -18.72
CA LEU E 172 17.64 22.91 -18.72
C LEU E 172 17.58 24.31 -19.32
N ILE E 173 16.93 24.44 -20.47
CA ILE E 173 16.75 25.73 -21.15
C ILE E 173 15.30 26.20 -20.98
N MET E 174 15.13 27.47 -20.62
CA MET E 174 13.83 28.09 -20.50
C MET E 174 13.72 29.28 -21.44
N TRP E 175 12.51 29.52 -21.92
CA TRP E 175 12.21 30.72 -22.70
C TRP E 175 10.77 31.13 -22.45
N GLY E 176 10.46 32.37 -22.82
CA GLY E 176 9.12 32.91 -22.66
C GLY E 176 8.51 33.33 -23.98
N ILE E 177 7.19 33.42 -23.99
CA ILE E 177 6.43 33.99 -25.11
C ILE E 177 5.63 35.14 -24.54
N HIS E 178 5.79 36.33 -25.12
CA HIS E 178 5.03 37.51 -24.70
C HIS E 178 3.70 37.54 -25.45
N HIS E 179 2.62 37.73 -24.70
CA HIS E 179 1.27 37.82 -25.24
C HIS E 179 0.79 39.25 -24.98
N PRO E 180 0.85 40.13 -26.01
CA PRO E 180 0.51 41.55 -25.79
C PRO E 180 -0.94 41.80 -25.38
N SER E 181 -1.18 42.98 -24.81
CA SER E 181 -2.52 43.36 -24.32
C SER E 181 -3.51 43.73 -25.42
N SER E 182 -3.02 44.07 -26.61
CA SER E 182 -3.87 44.47 -27.74
C SER E 182 -3.12 44.36 -29.07
N THR E 183 -3.87 44.53 -30.17
CA THR E 183 -3.28 44.57 -31.51
C THR E 183 -2.34 45.75 -31.69
N GLN E 184 -2.74 46.92 -31.18
CA GLN E 184 -1.92 48.13 -31.28
C GLN E 184 -0.57 47.96 -30.56
N GLU E 185 -0.61 47.39 -29.36
CA GLU E 185 0.62 47.10 -28.61
C GLU E 185 1.49 46.07 -29.32
N LYS E 186 0.88 44.99 -29.80
CA LYS E 186 1.58 43.98 -30.61
C LYS E 186 2.27 44.61 -31.82
N ASN E 187 1.54 45.49 -32.53
CA ASN E 187 2.10 46.21 -33.67
C ASN E 187 3.26 47.13 -33.29
N ASP E 188 3.14 47.85 -32.18
CA ASP E 188 4.22 48.72 -31.67
C ASP E 188 5.51 47.96 -31.39
N LEU E 189 5.40 46.80 -30.75
CA LEU E 189 6.57 46.03 -30.33
C LEU E 189 7.19 45.17 -31.44
N TYR E 190 6.35 44.52 -32.25
CA TYR E 190 6.79 43.52 -33.23
C TYR E 190 6.40 43.78 -34.69
N GLY E 191 5.63 44.83 -34.95
CA GLY E 191 5.11 45.12 -36.30
C GLY E 191 3.81 44.42 -36.65
N THR E 192 3.28 44.74 -37.82
CA THR E 192 1.98 44.22 -38.29
C THR E 192 2.02 42.79 -38.84
N GLN E 193 3.21 42.26 -39.11
CA GLN E 193 3.38 40.91 -39.68
C GLN E 193 2.80 39.81 -38.79
N SER E 194 2.52 38.66 -39.40
CA SER E 194 2.13 37.46 -38.67
C SER E 194 3.34 36.94 -37.89
N LEU E 195 3.16 36.69 -36.59
CA LEU E 195 4.26 36.28 -35.71
C LEU E 195 4.31 34.77 -35.52
N SER E 196 5.52 34.23 -35.44
CA SER E 196 5.72 32.81 -35.24
C SER E 196 7.07 32.57 -34.56
N ILE E 197 7.06 31.80 -33.47
CA ILE E 197 8.28 31.36 -32.79
C ILE E 197 8.36 29.85 -32.90
N SER E 198 9.45 29.36 -33.48
CA SER E 198 9.71 27.92 -33.59
C SER E 198 10.92 27.55 -32.75
N VAL E 199 10.83 26.41 -32.05
CA VAL E 199 11.91 25.89 -31.23
C VAL E 199 12.12 24.43 -31.62
N GLY E 200 13.37 24.04 -31.90
CA GLY E 200 13.68 22.71 -32.39
C GLY E 200 15.05 22.20 -31.99
N SER E 201 15.08 21.04 -31.33
CA SER E 201 16.30 20.29 -31.04
C SER E 201 16.18 18.90 -31.66
N SER E 202 17.10 18.00 -31.36
CA SER E 202 17.00 16.59 -31.79
C SER E 202 15.91 15.81 -31.05
N THR E 203 15.57 16.26 -29.83
CA THR E 203 14.59 15.59 -28.96
C THR E 203 13.31 16.38 -28.67
N TYR E 204 13.25 17.64 -29.12
CA TYR E 204 12.13 18.53 -28.80
C TYR E 204 11.77 19.38 -30.03
N LYS E 205 10.47 19.63 -30.20
CA LYS E 205 9.95 20.46 -31.27
C LYS E 205 8.66 21.12 -30.78
N ASN E 206 8.53 22.42 -31.02
CA ASN E 206 7.28 23.14 -30.73
C ASN E 206 7.24 24.47 -31.48
N SER E 207 6.03 25.00 -31.65
CA SER E 207 5.81 26.31 -32.24
C SER E 207 4.84 27.12 -31.38
N PHE E 208 5.03 28.43 -31.38
CA PHE E 208 4.25 29.34 -30.54
C PHE E 208 3.83 30.57 -31.33
N VAL E 209 2.68 31.14 -30.96
CA VAL E 209 2.18 32.38 -31.56
C VAL E 209 1.66 33.30 -30.43
N PRO E 210 2.16 34.55 -30.36
CA PRO E 210 1.59 35.52 -29.42
C PRO E 210 0.11 35.80 -29.69
N VAL E 211 -0.69 35.81 -28.63
CA VAL E 211 -2.13 36.10 -28.71
C VAL E 211 -2.40 37.46 -28.09
N VAL E 212 -3.40 38.17 -28.62
CA VAL E 212 -3.71 39.55 -28.20
C VAL E 212 -5.14 39.73 -27.69
N GLY E 213 -5.81 38.61 -27.37
CA GLY E 213 -7.20 38.65 -26.92
C GLY E 213 -7.36 39.41 -25.62
N ALA E 214 -8.48 40.12 -25.48
CA ALA E 214 -8.75 40.96 -24.31
C ALA E 214 -8.72 40.14 -23.02
N ARG E 215 -8.03 40.67 -22.00
CA ARG E 215 -7.96 40.03 -20.70
C ARG E 215 -7.74 41.10 -19.62
N PRO E 216 -8.15 40.82 -18.36
CA PRO E 216 -8.05 41.84 -17.33
C PRO E 216 -6.62 42.13 -16.87
N GLN E 217 -6.45 43.27 -16.23
CA GLN E 217 -5.15 43.72 -15.76
C GLN E 217 -4.75 43.03 -14.47
N VAL E 218 -3.48 42.62 -14.40
CA VAL E 218 -2.85 42.13 -13.17
C VAL E 218 -1.82 43.18 -12.79
N ASN E 219 -2.05 43.88 -11.68
CA ASN E 219 -1.25 45.03 -11.26
C ASN E 219 -1.07 46.07 -12.39
N GLY E 220 -2.17 46.33 -13.11
CA GLY E 220 -2.20 47.30 -14.19
C GLY E 220 -1.75 46.85 -15.58
N LEU E 221 -1.46 45.55 -15.74
CA LEU E 221 -0.95 45.00 -17.01
C LEU E 221 -1.81 43.84 -17.52
N SER E 222 -2.35 44.00 -18.73
CA SER E 222 -3.10 42.92 -19.40
C SER E 222 -2.20 41.97 -20.19
N GLY E 223 -0.93 42.35 -20.38
CA GLY E 223 0.05 41.48 -21.03
C GLY E 223 0.39 40.26 -20.19
N ARG E 224 0.90 39.23 -20.85
CA ARG E 224 1.35 38.00 -20.19
C ARG E 224 2.66 37.54 -20.79
N ILE E 225 3.55 37.02 -19.95
CA ILE E 225 4.74 36.30 -20.43
C ILE E 225 4.67 34.89 -19.84
N ASP E 226 4.45 33.90 -20.70
CA ASP E 226 4.39 32.50 -20.29
C ASP E 226 5.69 31.79 -20.63
N PHE E 227 6.12 30.91 -19.72
CA PHE E 227 7.41 30.23 -19.84
C PHE E 227 7.25 28.78 -20.26
N HIS E 228 8.24 28.32 -21.02
CA HIS E 228 8.31 26.97 -21.54
C HIS E 228 9.72 26.46 -21.30
N TRP E 229 9.88 25.15 -21.23
CA TRP E 229 11.18 24.56 -20.92
C TRP E 229 11.38 23.18 -21.53
N THR E 230 12.65 22.84 -21.75
CA THR E 230 13.03 21.49 -22.15
C THR E 230 14.46 21.20 -21.71
N LEU E 231 14.85 19.95 -21.83
CA LEU E 231 16.21 19.51 -21.53
C LEU E 231 16.98 19.36 -22.84
N VAL E 232 18.15 19.99 -22.92
CA VAL E 232 19.02 19.89 -24.08
C VAL E 232 20.08 18.86 -23.74
N GLN E 233 20.11 17.76 -24.49
CA GLN E 233 21.03 16.65 -24.21
C GLN E 233 22.48 17.03 -24.55
N PRO E 234 23.46 16.35 -23.91
CA PRO E 234 24.89 16.62 -24.21
C PRO E 234 25.21 16.52 -25.69
N GLY E 235 25.87 17.54 -26.22
CA GLY E 235 26.26 17.57 -27.64
C GLY E 235 25.19 18.02 -28.63
N ASP E 236 23.94 18.14 -28.17
CA ASP E 236 22.84 18.55 -29.06
C ASP E 236 22.77 20.06 -29.11
N LYS E 237 22.07 20.58 -30.10
CA LYS E 237 21.76 22.01 -30.17
C LYS E 237 20.25 22.23 -30.26
N ILE E 238 19.84 23.42 -29.83
CA ILE E 238 18.43 23.83 -29.87
C ILE E 238 18.35 25.18 -30.58
N ILE E 239 17.52 25.24 -31.62
CA ILE E 239 17.45 26.38 -32.53
C ILE E 239 16.14 27.13 -32.31
N PHE E 240 16.24 28.43 -32.09
CA PHE E 240 15.09 29.33 -31.97
C PHE E 240 14.98 30.14 -33.24
N SER E 241 13.88 29.97 -33.98
CA SER E 241 13.57 30.75 -35.17
C SER E 241 12.36 31.63 -34.86
N HIS E 242 12.51 32.95 -34.97
CA HIS E 242 11.50 33.88 -34.45
C HIS E 242 11.49 35.24 -35.16
N ASN E 243 10.32 35.90 -35.15
CA ASN E 243 10.15 37.23 -35.74
C ASN E 243 9.31 38.17 -34.86
N GLY E 244 9.42 38.00 -33.54
CA GLY E 244 8.71 38.85 -32.57
C GLY E 244 7.89 38.02 -31.60
N GLY E 245 8.07 38.28 -30.31
CA GLY E 245 7.32 37.60 -29.24
C GLY E 245 8.16 36.68 -28.36
N LEU E 246 9.34 36.28 -28.84
CA LEU E 246 10.23 35.43 -28.04
C LEU E 246 10.90 36.23 -26.93
N ILE E 247 10.86 35.67 -25.73
CA ILE E 247 11.65 36.12 -24.59
C ILE E 247 12.78 35.09 -24.49
N ALA E 248 13.98 35.47 -24.96
CA ALA E 248 15.06 34.52 -25.23
C ALA E 248 16.03 34.37 -24.06
N PRO E 249 16.54 33.14 -23.82
CA PRO E 249 17.49 32.92 -22.72
C PRO E 249 18.89 33.47 -22.98
N SER E 250 19.43 34.18 -22.00
CA SER E 250 20.84 34.59 -21.98
C SER E 250 21.71 33.55 -21.27
N ARG E 251 21.11 32.75 -20.37
CA ARG E 251 21.79 31.60 -19.77
C ARG E 251 20.84 30.40 -19.68
N VAL E 252 21.45 29.21 -19.67
CA VAL E 252 20.73 27.96 -19.36
C VAL E 252 21.20 27.46 -18.00
N SER E 253 20.45 26.49 -17.46
CA SER E 253 20.72 25.92 -16.15
C SER E 253 21.20 24.48 -16.23
N LYS E 254 22.02 24.09 -15.26
CA LYS E 254 22.37 22.68 -15.05
C LYS E 254 22.06 22.36 -13.59
N LEU E 255 21.16 21.40 -13.37
CA LEU E 255 20.87 20.90 -12.03
C LEU E 255 21.94 19.88 -11.66
N ILE E 256 22.53 20.05 -10.47
CA ILE E 256 23.71 19.27 -10.04
C ILE E 256 23.30 18.34 -8.91
N GLY E 257 23.52 17.03 -9.10
CA GLY E 257 23.33 16.04 -8.04
C GLY E 257 21.91 15.94 -7.51
N ARG E 258 21.79 15.53 -6.25
CA ARG E 258 20.50 15.36 -5.57
C ARG E 258 20.48 16.03 -4.20
N GLY E 259 19.27 16.38 -3.76
CA GLY E 259 19.06 17.03 -2.46
C GLY E 259 17.64 16.84 -1.96
N LEU E 260 17.42 17.14 -0.68
CA LEU E 260 16.10 17.02 -0.07
C LEU E 260 15.33 18.34 -0.10
N GLY E 261 14.20 18.35 -0.82
CA GLY E 261 13.32 19.51 -0.88
C GLY E 261 12.35 19.53 0.29
N ILE E 262 12.31 20.65 1.03
CA ILE E 262 11.41 20.82 2.18
C ILE E 262 10.51 22.03 1.95
N GLN E 263 9.21 21.85 2.18
CA GLN E 263 8.23 22.94 2.15
C GLN E 263 7.72 23.18 3.57
N SER E 264 8.09 24.33 4.15
CA SER E 264 7.78 24.63 5.55
C SER E 264 7.91 26.12 5.86
N GLU E 265 7.12 26.58 6.84
CA GLU E 265 7.21 27.95 7.35
C GLU E 265 8.05 28.08 8.62
N ALA E 266 8.57 26.96 9.13
CA ALA E 266 9.32 26.95 10.40
C ALA E 266 10.74 27.53 10.23
N PRO E 267 11.25 28.24 11.26
CA PRO E 267 12.57 28.87 11.17
C PRO E 267 13.73 27.87 11.25
N ILE E 268 14.87 28.23 10.65
CA ILE E 268 16.07 27.38 10.65
C ILE E 268 16.70 27.36 12.05
N ASP E 269 17.24 26.20 12.41
CA ASP E 269 18.01 26.02 13.64
C ASP E 269 19.24 25.15 13.33
N ASN E 270 20.42 25.77 13.36
CA ASN E 270 21.68 25.09 13.02
C ASN E 270 22.33 24.31 14.18
N SER E 271 21.78 24.42 15.39
CA SER E 271 22.34 23.75 16.56
C SER E 271 21.85 22.30 16.77
N CYS E 272 20.88 21.85 15.98
CA CYS E 272 20.29 20.50 16.12
C CYS E 272 20.14 19.82 14.76
N GLU E 273 20.20 18.48 14.76
CA GLU E 273 20.14 17.66 13.55
C GLU E 273 18.80 16.92 13.45
N SER E 274 18.43 16.56 12.22
CA SER E 274 17.21 15.78 11.95
C SER E 274 17.26 15.15 10.56
N LYS E 275 16.60 14.00 10.44
CA LYS E 275 16.43 13.32 9.15
C LYS E 275 14.99 13.32 8.64
N CYS E 276 14.04 13.88 9.41
CA CYS E 276 12.62 13.88 9.06
C CYS E 276 12.03 15.28 9.23
N PHE E 277 11.29 15.75 8.23
CA PHE E 277 10.70 17.09 8.22
C PHE E 277 9.26 17.07 7.72
N TRP E 278 8.47 18.04 8.19
CA TRP E 278 7.10 18.26 7.72
C TRP E 278 6.81 19.76 7.73
N ARG E 279 5.58 20.15 7.37
CA ARG E 279 5.19 21.57 7.28
C ARG E 279 5.48 22.35 8.57
N GLY E 280 5.12 21.76 9.71
CA GLY E 280 5.28 22.38 11.02
C GLY E 280 6.66 22.30 11.68
N GLY E 281 7.62 21.60 11.07
CA GLY E 281 9.00 21.58 11.56
C GLY E 281 9.73 20.25 11.39
N SER E 282 10.38 19.79 12.45
CA SER E 282 11.24 18.61 12.42
C SER E 282 10.77 17.54 13.41
N ILE E 283 10.97 16.27 13.05
CA ILE E 283 10.63 15.14 13.90
C ILE E 283 11.93 14.38 14.21
N ASN E 284 12.43 14.58 15.43
CA ASN E 284 13.62 13.88 15.93
C ASN E 284 13.17 12.89 17.00
N THR E 285 12.96 11.64 16.58
CA THR E 285 12.49 10.59 17.48
C THR E 285 13.06 9.23 17.10
N ARG E 286 13.24 8.38 18.11
CA ARG E 286 13.65 6.99 17.91
C ARG E 286 12.44 6.07 17.71
N LEU E 287 11.22 6.59 17.96
CA LEU E 287 10.00 5.78 17.93
C LEU E 287 9.61 5.40 16.50
N PRO E 288 9.00 4.21 16.33
CA PRO E 288 8.66 3.69 15.00
C PRO E 288 7.49 4.41 14.30
N PHE E 289 6.60 5.03 15.07
CA PHE E 289 5.40 5.67 14.52
C PHE E 289 5.28 7.13 14.96
N GLN E 290 4.47 7.88 14.21
CA GLN E 290 4.17 9.28 14.55
C GLN E 290 2.75 9.64 14.11
N ASN E 291 2.15 10.64 14.78
CA ASN E 291 0.79 11.08 14.47
C ASN E 291 0.71 12.59 14.16
N LEU E 292 1.83 13.17 13.74
CA LEU E 292 1.91 14.59 13.46
C LEU E 292 1.33 14.92 12.08
N SER E 293 1.78 14.18 11.07
CA SER E 293 1.32 14.40 9.69
C SER E 293 1.63 13.22 8.78
N PRO E 294 0.71 12.89 7.84
CA PRO E 294 1.05 11.92 6.78
C PRO E 294 1.99 12.50 5.72
N ARG E 295 2.04 13.84 5.61
CA ARG E 295 2.95 14.51 4.68
C ARG E 295 4.29 14.81 5.36
N THR E 296 5.25 13.92 5.14
CA THR E 296 6.61 14.09 5.64
C THR E 296 7.63 13.80 4.54
N VAL E 297 8.86 14.28 4.75
CA VAL E 297 9.97 14.05 3.82
C VAL E 297 11.22 13.63 4.59
N GLY E 298 12.05 12.80 3.94
CA GLY E 298 13.27 12.29 4.54
C GLY E 298 13.11 10.87 5.08
N GLN E 299 13.88 10.55 6.11
CA GLN E 299 13.82 9.24 6.78
C GLN E 299 12.96 9.37 8.05
N CYS E 300 11.72 8.91 7.97
CA CYS E 300 10.69 9.24 8.96
C CYS E 300 10.05 8.02 9.62
N PRO E 301 9.50 8.21 10.85
CA PRO E 301 8.58 7.22 11.40
C PRO E 301 7.28 7.19 10.58
N LYS E 302 6.63 6.03 10.53
CA LYS E 302 5.41 5.88 9.73
C LYS E 302 4.23 6.55 10.39
N TYR E 303 3.40 7.23 9.58
CA TYR E 303 2.23 7.92 10.09
C TYR E 303 1.14 6.93 10.50
N VAL E 304 0.55 7.14 11.67
CA VAL E 304 -0.60 6.35 12.14
C VAL E 304 -1.68 7.28 12.70
N ASN E 305 -2.94 6.92 12.46
CA ASN E 305 -4.09 7.66 12.99
C ASN E 305 -4.38 7.16 14.41
N LYS E 306 -3.50 7.53 15.34
CA LYS E 306 -3.57 7.05 16.72
C LYS E 306 -2.89 8.01 17.68
N LYS E 307 -3.58 8.35 18.77
CA LYS E 307 -3.05 9.27 19.77
C LYS E 307 -1.90 8.65 20.57
N SER E 308 -2.04 7.37 20.92
CA SER E 308 -1.05 6.66 21.73
C SER E 308 -1.13 5.15 21.52
N LEU E 309 0.02 4.48 21.57
CA LEU E 309 0.10 3.01 21.59
C LEU E 309 1.19 2.60 22.56
N MET E 310 0.79 2.18 23.76
CA MET E 310 1.73 1.88 24.84
C MET E 310 2.21 0.44 24.76
N LEU E 311 3.54 0.27 24.75
CA LEU E 311 4.18 -1.04 24.70
C LEU E 311 4.59 -1.43 26.11
N ALA E 312 4.10 -2.59 26.57
CA ALA E 312 4.40 -3.07 27.92
C ALA E 312 5.89 -3.38 28.06
N THR E 313 6.47 -2.91 29.15
CA THR E 313 7.88 -3.18 29.49
C THR E 313 7.97 -3.88 30.84
N GLY E 314 6.90 -4.57 31.23
CA GLY E 314 6.86 -5.30 32.49
C GLY E 314 5.67 -6.23 32.58
N MET E 315 5.65 -7.01 33.65
CA MET E 315 4.58 -7.99 33.91
C MET E 315 3.24 -7.34 34.26
N ARG E 316 2.20 -8.17 34.32
CA ARG E 316 0.90 -7.77 34.87
C ARG E 316 1.08 -7.21 36.28
N ASN E 317 0.44 -6.07 36.55
CA ASN E 317 0.49 -5.47 37.88
C ASN E 317 -0.67 -6.00 38.72
N VAL E 318 -0.32 -6.69 39.81
CA VAL E 318 -1.31 -7.26 40.71
C VAL E 318 -1.04 -6.66 42.09
N PRO E 319 -1.58 -5.45 42.35
CA PRO E 319 -1.24 -4.76 43.60
C PRO E 319 -1.87 -5.41 44.83
N GLU E 320 -1.33 -5.05 45.99
CA GLU E 320 -1.86 -5.52 47.27
C GLU E 320 -3.22 -4.87 47.53
N LEU E 321 -4.05 -5.53 48.33
CA LEU E 321 -5.44 -5.10 48.57
C LEU E 321 -5.50 -3.72 49.23
N VAL E 322 -6.44 -2.90 48.78
CA VAL E 322 -6.68 -1.56 49.32
C VAL E 322 -8.08 -1.49 49.93
N GLN E 323 -8.17 -0.96 51.14
CA GLN E 323 -9.45 -0.83 51.85
C GLN E 323 -10.22 0.38 51.34
N GLY F 1 -3.82 -16.33 33.75
CA GLY F 1 -2.89 -16.16 32.60
C GLY F 1 -2.39 -17.49 32.07
N LEU F 2 -1.60 -17.44 31.00
CA LEU F 2 -1.18 -18.65 30.28
C LEU F 2 -0.46 -19.67 31.16
N PHE F 3 0.43 -19.19 32.03
CA PHE F 3 1.23 -20.09 32.86
C PHE F 3 0.74 -20.21 34.31
N GLY F 4 -0.34 -19.48 34.64
CA GLY F 4 -1.09 -19.71 35.86
C GLY F 4 -0.50 -19.20 37.16
N ALA F 5 0.62 -18.48 37.12
CA ALA F 5 1.31 -18.01 38.33
C ALA F 5 0.97 -16.55 38.65
N ILE F 6 1.40 -15.63 37.79
CA ILE F 6 1.14 -14.19 37.97
C ILE F 6 -0.33 -13.92 37.65
N ALA F 7 -1.04 -13.27 38.60
CA ALA F 7 -2.50 -13.15 38.57
C ALA F 7 -3.19 -14.51 38.48
N GLY F 8 -2.59 -15.50 39.14
CA GLY F 8 -3.06 -16.88 39.16
C GLY F 8 -2.92 -17.43 40.57
N PHE F 9 -2.13 -18.50 40.73
CA PHE F 9 -1.95 -19.11 42.07
C PHE F 9 -1.13 -18.23 43.03
N ILE F 10 -0.32 -17.32 42.49
CA ILE F 10 0.26 -16.23 43.29
C ILE F 10 -0.85 -15.18 43.42
N GLU F 11 -1.36 -15.01 44.64
CA GLU F 11 -2.53 -14.14 44.90
C GLU F 11 -2.31 -12.71 44.43
N ASN F 12 -1.14 -12.15 44.76
CA ASN F 12 -0.77 -10.79 44.34
C ASN F 12 0.74 -10.57 44.38
N GLY F 13 1.17 -9.45 43.82
CA GLY F 13 2.57 -9.07 43.83
C GLY F 13 2.99 -8.42 45.15
N TRP F 14 4.30 -8.24 45.31
CA TRP F 14 4.89 -7.64 46.50
C TRP F 14 5.40 -6.24 46.17
N GLU F 15 4.69 -5.22 46.65
CA GLU F 15 5.09 -3.82 46.43
C GLU F 15 6.40 -3.48 47.17
N GLY F 16 6.67 -4.18 48.26
CA GLY F 16 7.91 -4.03 49.02
C GLY F 16 9.18 -4.53 48.34
N MET F 17 9.06 -5.44 47.37
CA MET F 17 10.24 -5.95 46.65
C MET F 17 10.64 -4.97 45.54
N VAL F 18 11.65 -4.15 45.82
CA VAL F 18 12.09 -3.08 44.91
C VAL F 18 13.42 -3.36 44.20
N ASP F 19 14.14 -4.41 44.60
CA ASP F 19 15.44 -4.76 44.01
C ASP F 19 15.37 -5.96 43.05
N GLY F 20 14.17 -6.32 42.61
CA GLY F 20 14.00 -7.42 41.66
C GLY F 20 12.56 -7.62 41.22
N TRP F 21 12.40 -8.40 40.16
CA TRP F 21 11.09 -8.71 39.58
C TRP F 21 10.47 -9.96 40.19
N TYR F 22 11.33 -10.94 40.53
CA TYR F 22 10.92 -12.17 41.21
C TYR F 22 11.79 -12.38 42.43
N GLY F 23 11.26 -13.12 43.40
CA GLY F 23 12.03 -13.38 44.62
C GLY F 23 11.38 -14.30 45.61
N PHE F 24 11.97 -14.32 46.80
CA PHE F 24 11.63 -15.25 47.87
C PHE F 24 11.24 -14.51 49.13
N ARG F 25 10.28 -15.05 49.87
CA ARG F 25 10.06 -14.74 51.27
C ARG F 25 10.09 -16.05 52.03
N HIS F 26 10.62 -16.05 53.25
CA HIS F 26 10.63 -17.26 54.06
C HIS F 26 10.16 -17.00 55.48
N GLN F 27 9.77 -18.09 56.13
CA GLN F 27 9.41 -18.09 57.55
C GLN F 27 9.95 -19.38 58.16
N ASN F 28 10.78 -19.24 59.19
CA ASN F 28 11.27 -20.38 59.96
C ASN F 28 11.17 -20.06 61.46
N ALA F 29 11.67 -20.96 62.30
CA ALA F 29 11.66 -20.75 63.75
C ALA F 29 12.45 -19.51 64.21
N GLN F 30 13.48 -19.13 63.43
CA GLN F 30 14.30 -17.95 63.72
C GLN F 30 13.65 -16.60 63.36
N GLY F 31 12.81 -16.59 62.31
CA GLY F 31 12.14 -15.36 61.87
C GLY F 31 11.74 -15.38 60.41
N THR F 32 11.74 -14.20 59.78
CA THR F 32 11.36 -14.06 58.37
C THR F 32 12.40 -13.27 57.58
N GLY F 33 12.28 -13.30 56.26
CA GLY F 33 13.19 -12.58 55.37
C GLY F 33 12.65 -12.47 53.96
N GLN F 34 13.25 -11.56 53.18
CA GLN F 34 12.92 -11.37 51.76
C GLN F 34 14.20 -11.16 50.95
N ALA F 35 14.24 -11.73 49.75
CA ALA F 35 15.36 -11.55 48.83
C ALA F 35 14.92 -11.74 47.38
N ALA F 36 15.45 -10.91 46.49
CA ALA F 36 15.17 -11.00 45.05
C ALA F 36 16.00 -12.10 44.42
N ASP F 37 15.50 -12.65 43.31
CA ASP F 37 16.22 -13.65 42.51
C ASP F 37 16.78 -12.98 41.26
N TYR F 38 18.09 -13.08 41.08
CA TYR F 38 18.80 -12.40 40.00
C TYR F 38 18.52 -13.00 38.62
N LYS F 39 18.68 -14.31 38.49
CA LYS F 39 18.59 -14.99 37.19
C LYS F 39 17.23 -14.86 36.50
N SER F 40 16.16 -15.09 37.25
CA SER F 40 14.80 -14.97 36.70
C SER F 40 14.47 -13.52 36.33
N THR F 41 14.85 -12.58 37.19
CA THR F 41 14.68 -11.14 36.92
C THR F 41 15.41 -10.73 35.64
N GLN F 42 16.67 -11.14 35.52
CA GLN F 42 17.49 -10.79 34.36
C GLN F 42 16.99 -11.46 33.07
N ALA F 43 16.48 -12.69 33.18
CA ALA F 43 15.88 -13.39 32.04
C ALA F 43 14.70 -12.62 31.44
N ALA F 44 13.81 -12.12 32.30
CA ALA F 44 12.67 -11.32 31.87
C ALA F 44 13.08 -9.98 31.27
N ILE F 45 13.97 -9.27 31.97
CA ILE F 45 14.47 -7.95 31.53
C ILE F 45 15.18 -8.05 30.18
N ASP F 46 16.03 -9.05 30.01
CA ASP F 46 16.78 -9.24 28.75
C ASP F 46 15.87 -9.50 27.55
N GLN F 47 14.77 -10.23 27.75
CA GLN F 47 13.79 -10.47 26.70
C GLN F 47 13.03 -9.20 26.32
N ILE F 48 12.65 -8.39 27.31
CA ILE F 48 12.01 -7.10 27.08
C ILE F 48 12.95 -6.11 26.37
N THR F 49 14.22 -6.10 26.78
CA THR F 49 15.25 -5.28 26.11
C THR F 49 15.38 -5.66 24.63
N GLY F 50 15.36 -6.96 24.34
CA GLY F 50 15.39 -7.47 22.97
C GLY F 50 14.22 -7.03 22.10
N LYS F 51 13.02 -6.99 22.68
CA LYS F 51 11.84 -6.47 21.98
C LYS F 51 11.98 -4.99 21.65
N LEU F 52 12.41 -4.21 22.63
CA LEU F 52 12.61 -2.76 22.46
C LEU F 52 13.64 -2.43 21.38
N ASN F 53 14.73 -3.19 21.34
CA ASN F 53 15.75 -3.05 20.28
C ASN F 53 15.18 -3.35 18.89
N ARG F 54 14.28 -4.33 18.82
CA ARG F 54 13.62 -4.70 17.56
C ARG F 54 12.56 -3.68 17.12
N ILE F 55 11.78 -3.16 18.08
CA ILE F 55 10.60 -2.33 17.79
C ILE F 55 10.94 -0.84 17.65
N ILE F 56 11.76 -0.31 18.56
CA ILE F 56 12.09 1.12 18.57
C ILE F 56 13.09 1.41 17.44
N LYS F 57 12.55 1.58 16.24
CA LYS F 57 13.34 1.80 15.03
C LYS F 57 12.45 2.22 13.86
N LYS F 58 13.03 2.99 12.93
CA LYS F 58 12.34 3.41 11.70
C LYS F 58 13.08 2.87 10.49
N THR F 59 12.42 2.89 9.33
CA THR F 59 13.01 2.40 8.08
C THR F 59 14.07 3.37 7.56
N ASN F 60 15.03 2.83 6.80
CA ASN F 60 16.09 3.62 6.19
C ASN F 60 15.67 4.29 4.88
N THR F 61 14.47 4.00 4.37
CA THR F 61 13.97 4.54 3.11
C THR F 61 13.78 6.06 3.18
N GLU F 62 14.31 6.75 2.16
CA GLU F 62 14.20 8.20 2.05
C GLU F 62 13.05 8.55 1.12
N PHE F 63 12.03 9.22 1.65
CA PHE F 63 10.86 9.63 0.87
C PHE F 63 10.93 11.10 0.49
N GLU F 64 10.49 11.41 -0.73
CA GLU F 64 10.37 12.78 -1.23
C GLU F 64 8.89 13.17 -1.33
N SER F 65 8.64 14.47 -1.48
CA SER F 65 7.27 15.00 -1.51
C SER F 65 6.56 14.66 -2.82
N ILE F 66 5.33 14.15 -2.71
CA ILE F 66 4.42 13.99 -3.86
C ILE F 66 3.14 14.84 -3.74
N GLU F 67 3.02 15.64 -2.67
CA GLU F 67 1.92 16.58 -2.47
C GLU F 67 2.50 17.95 -2.12
N SER F 68 2.20 18.95 -2.95
CA SER F 68 2.70 20.31 -2.73
C SER F 68 1.92 20.99 -1.61
N GLU F 69 2.64 21.45 -0.59
CA GLU F 69 2.06 22.14 0.56
C GLU F 69 1.49 23.52 0.20
N PHE F 70 2.23 24.28 -0.60
CA PHE F 70 1.90 25.70 -0.88
C PHE F 70 1.28 25.95 -2.26
N SER F 71 1.21 24.94 -3.12
CA SER F 71 0.65 25.10 -4.47
C SER F 71 -0.37 24.01 -4.81
N GLU F 72 -1.11 24.23 -5.88
CA GLU F 72 -2.16 23.30 -6.32
C GLU F 72 -1.58 22.06 -6.98
N ILE F 73 -2.26 20.93 -6.79
CA ILE F 73 -1.95 19.68 -7.48
C ILE F 73 -3.02 19.40 -8.53
N ASP F 74 -2.71 18.53 -9.48
CA ASP F 74 -3.68 18.08 -10.48
C ASP F 74 -4.79 17.28 -9.80
N HIS F 75 -6.02 17.43 -10.29
CA HIS F 75 -7.19 16.90 -9.59
C HIS F 75 -7.29 15.36 -9.69
N GLN F 76 -6.97 14.82 -10.86
CA GLN F 76 -7.00 13.37 -11.08
C GLN F 76 -5.92 12.65 -10.27
N ILE F 77 -4.68 13.11 -10.40
CA ILE F 77 -3.54 12.52 -9.67
C ILE F 77 -3.65 12.79 -8.15
N GLY F 78 -4.16 13.97 -7.78
CA GLY F 78 -4.39 14.32 -6.38
C GLY F 78 -5.31 13.36 -5.64
N ASN F 79 -6.40 12.98 -6.31
CA ASN F 79 -7.34 11.99 -5.76
C ASN F 79 -6.73 10.59 -5.64
N VAL F 80 -5.90 10.22 -6.61
CA VAL F 80 -5.17 8.94 -6.55
C VAL F 80 -4.16 8.95 -5.39
N ILE F 81 -3.46 10.08 -5.21
CA ILE F 81 -2.53 10.24 -4.09
C ILE F 81 -3.27 10.18 -2.75
N ASN F 82 -4.39 10.90 -2.64
CA ASN F 82 -5.22 10.87 -1.43
C ASN F 82 -5.71 9.46 -1.09
N TRP F 83 -6.19 8.74 -2.10
CA TRP F 83 -6.63 7.35 -1.92
C TRP F 83 -5.49 6.43 -1.46
N THR F 84 -4.33 6.58 -2.11
CA THR F 84 -3.16 5.76 -1.82
C THR F 84 -2.62 6.05 -0.42
N LYS F 85 -2.43 7.32 -0.09
CA LYS F 85 -1.93 7.72 1.24
C LYS F 85 -2.85 7.25 2.37
N ASP F 86 -4.16 7.41 2.20
CA ASP F 86 -5.15 6.95 3.19
C ASP F 86 -5.17 5.43 3.33
N SER F 87 -5.00 4.71 2.21
CA SER F 87 -4.88 3.24 2.24
C SER F 87 -3.62 2.79 2.98
N ILE F 88 -2.50 3.48 2.75
CA ILE F 88 -1.23 3.18 3.41
C ILE F 88 -1.31 3.50 4.92
N THR F 89 -1.96 4.60 5.27
CA THR F 89 -2.17 4.98 6.68
C THR F 89 -3.02 3.94 7.41
N ASP F 90 -4.09 3.46 6.77
CA ASP F 90 -4.91 2.39 7.34
C ASP F 90 -4.11 1.09 7.58
N ILE F 91 -3.19 0.77 6.68
CA ILE F 91 -2.33 -0.41 6.82
C ILE F 91 -1.36 -0.25 8.01
N TRP F 92 -0.69 0.90 8.09
CA TRP F 92 0.29 1.14 9.17
C TRP F 92 -0.38 1.29 10.55
N THR F 93 -1.54 1.93 10.59
CA THR F 93 -2.32 2.04 11.83
C THR F 93 -2.73 0.65 12.32
N TYR F 94 -3.24 -0.17 11.40
CA TYR F 94 -3.61 -1.56 11.72
C TYR F 94 -2.41 -2.39 12.19
N GLN F 95 -1.30 -2.30 11.44
CA GLN F 95 -0.08 -3.04 11.79
C GLN F 95 0.52 -2.63 13.14
N ALA F 96 0.52 -1.32 13.41
CA ALA F 96 0.99 -0.79 14.70
C ALA F 96 0.12 -1.30 15.85
N GLU F 97 -1.19 -1.22 15.69
CA GLU F 97 -2.14 -1.74 16.68
C GLU F 97 -1.95 -3.23 16.95
N LEU F 98 -1.80 -4.02 15.88
CA LEU F 98 -1.59 -5.47 16.00
C LEU F 98 -0.24 -5.82 16.62
N LEU F 99 0.82 -5.12 16.20
CA LEU F 99 2.17 -5.32 16.74
C LEU F 99 2.18 -5.17 18.26
N VAL F 100 1.68 -4.03 18.74
CA VAL F 100 1.75 -3.71 20.17
C VAL F 100 0.84 -4.63 20.98
N ALA F 101 -0.36 -4.93 20.46
CA ALA F 101 -1.28 -5.88 21.12
C ALA F 101 -0.67 -7.27 21.26
N MET F 102 -0.07 -7.77 20.18
CA MET F 102 0.60 -9.08 20.19
C MET F 102 1.81 -9.11 21.10
N GLU F 103 2.66 -8.08 21.00
CA GLU F 103 3.86 -8.00 21.83
C GLU F 103 3.53 -7.88 23.32
N ASN F 104 2.49 -7.12 23.64
CA ASN F 104 2.04 -6.97 25.04
C ASN F 104 1.53 -8.29 25.61
N GLN F 105 0.74 -9.03 24.83
CA GLN F 105 0.28 -10.36 25.22
C GLN F 105 1.47 -11.28 25.54
N HIS F 106 2.44 -11.30 24.63
CA HIS F 106 3.63 -12.13 24.78
C HIS F 106 4.51 -11.70 25.97
N THR F 107 4.66 -10.40 26.18
CA THR F 107 5.45 -9.88 27.31
C THR F 107 4.87 -10.33 28.65
N ILE F 108 3.56 -10.15 28.80
CA ILE F 108 2.83 -10.58 30.00
C ILE F 108 2.98 -12.09 30.25
N ASP F 109 2.78 -12.89 29.20
CA ASP F 109 2.88 -14.35 29.31
C ASP F 109 4.31 -14.85 29.52
N MET F 110 5.28 -14.18 28.88
CA MET F 110 6.69 -14.46 29.12
C MET F 110 7.06 -14.24 30.60
N ALA F 111 6.60 -13.12 31.16
CA ALA F 111 6.86 -12.79 32.57
C ALA F 111 6.24 -13.82 33.52
N ASP F 112 5.03 -14.26 33.18
CA ASP F 112 4.32 -15.32 33.88
C ASP F 112 5.14 -16.63 33.83
N SER F 113 5.67 -16.97 32.67
CA SER F 113 6.45 -18.20 32.52
C SER F 113 7.76 -18.19 33.34
N GLU F 114 8.41 -17.03 33.44
CA GLU F 114 9.62 -16.91 34.26
C GLU F 114 9.33 -17.06 35.77
N MET F 115 8.18 -16.58 36.22
CA MET F 115 7.70 -16.85 37.59
C MET F 115 7.53 -18.35 37.81
N LEU F 116 6.82 -19.01 36.89
CA LEU F 116 6.60 -20.45 36.97
C LEU F 116 7.90 -21.26 36.90
N ASN F 117 8.83 -20.85 36.02
CA ASN F 117 10.11 -21.54 35.88
C ASN F 117 10.95 -21.50 37.16
N LEU F 118 10.89 -20.37 37.88
CA LEU F 118 11.55 -20.25 39.18
C LEU F 118 10.90 -21.18 40.20
N TYR F 119 9.57 -21.14 40.26
CA TYR F 119 8.78 -22.01 41.13
C TYR F 119 9.10 -23.49 40.90
N GLU F 120 9.13 -23.89 39.64
CA GLU F 120 9.46 -25.26 39.25
C GLU F 120 10.90 -25.65 39.59
N ARG F 121 11.85 -24.73 39.42
CA ARG F 121 13.23 -24.97 39.85
C ARG F 121 13.30 -25.28 41.34
N VAL F 122 12.62 -24.47 42.15
CA VAL F 122 12.61 -24.66 43.61
C VAL F 122 11.92 -25.97 43.99
N ARG F 123 10.79 -26.29 43.34
CA ARG F 123 10.09 -27.56 43.59
C ARG F 123 11.02 -28.76 43.40
N LYS F 124 11.74 -28.78 42.28
CA LYS F 124 12.63 -29.88 41.96
C LYS F 124 13.87 -29.95 42.87
N GLN F 125 14.36 -28.79 43.32
CA GLN F 125 15.43 -28.72 44.34
C GLN F 125 15.02 -29.41 45.65
N LEU F 126 13.84 -29.06 46.15
CA LEU F 126 13.34 -29.54 47.43
C LEU F 126 12.96 -31.03 47.42
N ARG F 127 12.61 -31.55 46.24
CA ARG F 127 12.35 -32.98 46.04
C ARG F 127 11.29 -33.50 47.04
N GLN F 128 11.60 -34.49 47.89
CA GLN F 128 10.60 -35.08 48.78
C GLN F 128 10.62 -34.45 50.18
N ASN F 129 11.32 -33.32 50.34
CA ASN F 129 11.46 -32.67 51.63
C ASN F 129 10.44 -31.58 51.91
N ALA F 130 9.62 -31.25 50.90
CA ALA F 130 8.65 -30.17 51.01
C ALA F 130 7.37 -30.50 50.23
N GLU F 131 6.31 -29.76 50.54
CA GLU F 131 5.02 -29.89 49.86
C GLU F 131 4.49 -28.51 49.48
N GLU F 132 3.81 -28.44 48.34
CA GLU F 132 3.26 -27.19 47.83
C GLU F 132 1.98 -26.86 48.60
N ASP F 133 1.80 -25.58 48.95
CA ASP F 133 0.56 -25.14 49.61
C ASP F 133 -0.49 -24.58 48.63
N GLY F 134 -0.15 -24.50 47.34
CA GLY F 134 -1.07 -23.98 46.33
C GLY F 134 -1.10 -22.46 46.16
N LYS F 135 -0.34 -21.73 46.97
CA LYS F 135 -0.31 -20.27 46.95
C LYS F 135 1.07 -19.73 46.51
N GLY F 136 1.90 -20.61 45.96
CA GLY F 136 3.27 -20.27 45.58
C GLY F 136 4.32 -20.54 46.63
N CYS F 137 3.94 -21.16 47.75
CA CYS F 137 4.88 -21.51 48.82
C CYS F 137 5.09 -23.01 48.92
N PHE F 138 6.21 -23.37 49.55
CA PHE F 138 6.56 -24.74 49.85
C PHE F 138 6.72 -24.86 51.36
N GLU F 139 5.98 -25.78 51.96
CA GLU F 139 6.14 -26.09 53.38
C GLU F 139 7.22 -27.15 53.50
N ILE F 140 8.28 -26.81 54.24
CA ILE F 140 9.50 -27.61 54.33
C ILE F 140 9.45 -28.43 55.62
N TYR F 141 9.56 -29.75 55.50
CA TYR F 141 9.31 -30.67 56.63
C TYR F 141 10.57 -31.02 57.45
N HIS F 142 11.55 -30.13 57.45
CA HIS F 142 12.67 -30.20 58.37
C HIS F 142 13.01 -28.78 58.81
N ALA F 143 13.76 -28.66 59.91
CA ALA F 143 14.25 -27.36 60.35
C ALA F 143 15.15 -26.80 59.25
N CYS F 144 14.80 -25.63 58.74
CA CYS F 144 15.54 -24.98 57.67
C CYS F 144 15.86 -23.56 58.12
N ASP F 145 17.04 -23.40 58.72
CA ASP F 145 17.52 -22.12 59.25
C ASP F 145 17.90 -21.15 58.12
N ASP F 146 18.39 -19.96 58.48
CA ASP F 146 18.74 -18.92 57.50
C ASP F 146 19.78 -19.37 56.48
N SER F 147 20.75 -20.18 56.90
CA SER F 147 21.75 -20.75 55.99
C SER F 147 21.13 -21.77 55.02
N CYS F 148 20.20 -22.58 55.53
CA CYS F 148 19.43 -23.53 54.71
C CYS F 148 18.57 -22.79 53.69
N MET F 149 17.87 -21.75 54.13
CA MET F 149 17.04 -20.92 53.23
C MET F 149 17.89 -20.26 52.15
N GLU F 150 19.07 -19.78 52.52
CA GLU F 150 20.00 -19.20 51.56
C GLU F 150 20.44 -20.20 50.49
N SER F 151 20.66 -21.46 50.90
CA SER F 151 21.05 -22.52 49.96
C SER F 151 19.95 -22.85 48.94
N ILE F 152 18.68 -22.70 49.33
CA ILE F 152 17.56 -22.85 48.40
C ILE F 152 17.60 -21.72 47.37
N ARG F 153 17.73 -20.48 47.86
CA ARG F 153 17.82 -19.30 46.98
C ARG F 153 19.05 -19.34 46.07
N ASN F 154 20.15 -19.88 46.57
CA ASN F 154 21.43 -19.96 45.84
C ASN F 154 21.54 -21.19 44.92
N ASN F 155 20.53 -22.06 44.91
CA ASN F 155 20.51 -23.28 44.09
C ASN F 155 21.61 -24.29 44.49
N THR F 156 21.96 -24.30 45.78
CA THR F 156 22.95 -25.24 46.34
C THR F 156 22.35 -26.16 47.42
N TYR F 157 21.03 -26.12 47.59
CA TYR F 157 20.33 -26.98 48.56
C TYR F 157 20.43 -28.43 48.12
N ASN F 158 20.94 -29.28 49.01
CA ASN F 158 21.05 -30.72 48.76
C ASN F 158 19.99 -31.45 49.58
N HIS F 159 18.96 -31.94 48.89
CA HIS F 159 17.83 -32.62 49.52
C HIS F 159 18.23 -33.85 50.34
N SER F 160 19.25 -34.57 49.89
CA SER F 160 19.61 -35.86 50.48
C SER F 160 20.05 -35.75 51.93
N GLN F 161 20.64 -34.62 52.31
CA GLN F 161 21.03 -34.37 53.71
C GLN F 161 19.84 -34.39 54.68
N TYR F 162 18.74 -33.78 54.26
CA TYR F 162 17.55 -33.60 55.11
C TYR F 162 16.44 -34.64 54.88
N ARG F 163 16.63 -35.54 53.92
CA ARG F 163 15.56 -36.44 53.46
C ARG F 163 14.98 -37.32 54.57
N GLU F 164 15.85 -37.97 55.33
CA GLU F 164 15.42 -38.85 56.42
C GLU F 164 14.54 -38.12 57.43
N GLU F 165 14.99 -36.94 57.88
CA GLU F 165 14.22 -36.08 58.79
C GLU F 165 12.88 -35.67 58.19
N ALA F 166 12.92 -35.21 56.93
CA ALA F 166 11.72 -34.72 56.26
C ALA F 166 10.67 -35.82 56.05
N LEU F 167 11.10 -36.99 55.60
CA LEU F 167 10.17 -38.11 55.39
C LEU F 167 9.54 -38.60 56.70
N LEU F 168 10.30 -38.59 57.80
CA LEU F 168 9.75 -38.91 59.12
C LEU F 168 8.60 -37.96 59.50
N ASN F 169 8.82 -36.66 59.30
CA ASN F 169 7.81 -35.63 59.61
C ASN F 169 6.62 -35.64 58.65
N ARG F 170 6.88 -35.89 57.36
CA ARG F 170 5.80 -35.95 56.37
C ARG F 170 4.84 -37.12 56.59
N LEU F 171 5.40 -38.28 56.96
CA LEU F 171 4.60 -39.49 57.17
C LEU F 171 3.94 -39.60 58.55
N ASN F 172 4.39 -38.79 59.53
CA ASN F 172 3.85 -38.85 60.90
C ASN F 172 3.50 -37.47 61.42
#